data_8S34
#
_entry.id   8S34
#
_cell.length_a   83.857
_cell.length_b   84.878
_cell.length_c   86.855
_cell.angle_alpha   90.008
_cell.angle_beta   118.530
_cell.angle_gamma   113.699
#
_symmetry.space_group_name_H-M   'P 1'
#
loop_
_entity.id
_entity.type
_entity.pdbx_description
1 polymer 'Ferric-mycobactin receptor, FemA'
2 non-polymer (HYDROXYETHYLOXY)TRI(ETHYLOXY)OCTANE
3 non-polymer '2-(2-hydroxyphenyl)-1,3-thiazole-4-carboxylic acid'
4 non-polymer 1,2-ETHANEDIOL
5 non-polymer pentane-2,4-dione
6 non-polymer 'FE (III) ION'
7 non-polymer 'POTASSIUM ION'
8 water water
#
_entity_poly.entity_id   1
_entity_poly.type   'polypeptide(L)'
_entity_poly.pdbx_seq_one_letter_code
;GAMTPALLAAEAPAASSARSYDIAPGPLGRTLSAFASDNGVSLAFDPALTEGRRSAALRGRYAPVEALHRLLLGSGLELQ
QRSDGSYTLVPAATDGALELQSSLITAQAAGAETLPAEYAGGQVARGARLGMLGNADVMDAPFSITSYTARTIEQQQARS
VADLLQANDPSVRVVGGRGDLVDSYTIRGFSVQNADVAFNGLYGLLPFWRVPIEFAERVEVLKGPNALLGGISPGGSVGG
TINLVPKRADDQPLTRVSVDWTQRGQLGTHLDIGRRFGENNAFGVRFNGVYRNGDTAVDHQSREFPMLSLGLDFRGERLR
LSSDLLYQKESLEGVVRPLLTGPGTTHIPHAPDSKTRFGLRDSYLDQEDYSMVNRGEYDLADNLTAFASIGGRQSNYETI
AANSILVGNQGDIVNSLARQRGDRRTYSAEVGLRGNFDTGPLRHDWTLSANRLHERLGMVYAFTGMQSGNLYQTSPHTPL
PDFSSLDGSIPKTNETDLGGVALADRLSFLEDRVQVTLGVRRQQIESRNYDQTSGARTSHDKRHVWTPMASVLVKPLQDL
SLYANYIQGLSQGEAAPMTAANAGQVLAPYKAEQYEIGAKYDLGGFTTTLALFEIRKPNAYTDASNVFRADGEQRNRGVE
LSLYGEPLDGVRVMAGATYIKPEQNKTGDPASEGKDAPGVARRQANLGVSWDTPFVDGLTLDSRWIYTGSAYVDSANALA
VPHWNRVDLGAAYAFQVAGKPLVARANLENALGKDYWTAANGYLSISSPRTLSLSLTADF
;
_entity_poly.pdbx_strand_id   B,A
#
loop_
_chem_comp.id
_chem_comp.type
_chem_comp.name
_chem_comp.formula
A1H49 non-polymer '2-(2-hydroxyphenyl)-1,3-thiazole-4-carboxylic acid' 'C10 H7 N O3 S'
C8E non-polymer (HYDROXYETHYLOXY)TRI(ETHYLOXY)OCTANE 'C16 H34 O5'
EDO non-polymer 1,2-ETHANEDIOL 'C2 H6 O2'
FE non-polymer 'FE (III) ION' 'Fe 3'
K non-polymer 'POTASSIUM ION' 'K 1'
P2D non-polymer pentane-2,4-dione 'C5 H8 O2'
#
# COMPACT_ATOMS: atom_id res chain seq x y z
N ALA A 107 17.68 -9.66 11.55
CA ALA A 107 18.34 -9.79 10.25
C ALA A 107 19.35 -8.68 10.05
N GLN A 108 20.50 -9.02 9.45
CA GLN A 108 21.57 -8.04 9.29
C GLN A 108 21.21 -6.96 8.28
N ALA A 109 20.43 -7.30 7.25
CA ALA A 109 20.05 -6.32 6.24
C ALA A 109 18.81 -5.54 6.62
N ALA A 110 18.15 -5.90 7.74
CA ALA A 110 16.93 -5.21 8.16
C ALA A 110 17.15 -3.73 8.48
N GLY A 111 18.40 -3.26 8.61
CA GLY A 111 18.71 -1.87 8.88
C GLY A 111 18.91 -0.98 7.66
N ALA A 112 18.71 -1.49 6.44
CA ALA A 112 19.09 -0.73 5.25
C ALA A 112 18.26 0.54 5.09
N GLU A 113 17.02 0.54 5.59
CA GLU A 113 16.12 1.68 5.50
C GLU A 113 15.96 2.38 6.85
N THR A 114 16.78 2.02 7.83
CA THR A 114 16.69 2.67 9.13
C THR A 114 17.10 4.12 9.01
N LEU A 115 16.24 5.02 9.50
CA LEU A 115 16.51 6.45 9.44
C LEU A 115 17.78 6.79 10.22
N PRO A 116 18.78 7.40 9.61
CA PRO A 116 20.01 7.75 10.35
C PRO A 116 19.74 8.76 11.45
N ALA A 117 20.46 8.60 12.56
CA ALA A 117 20.36 9.54 13.67
C ALA A 117 20.77 10.95 13.23
N GLU A 118 20.18 11.94 13.89
CA GLU A 118 20.64 13.30 13.78
C GLU A 118 22.03 13.45 14.41
N TYR A 119 22.87 14.27 13.78
CA TYR A 119 24.21 14.59 14.28
C TYR A 119 24.11 15.67 15.35
N ALA A 120 25.22 15.87 16.05
CA ALA A 120 25.31 16.95 17.02
C ALA A 120 24.80 18.25 16.43
N GLY A 121 23.87 18.88 17.12
CA GLY A 121 23.26 20.12 16.68
C GLY A 121 21.93 19.93 15.98
N GLY A 122 21.68 18.76 15.41
CA GLY A 122 20.38 18.46 14.82
C GLY A 122 20.12 19.15 13.50
N GLN A 123 21.11 19.83 12.94
CA GLN A 123 20.92 20.45 11.63
C GLN A 123 21.14 19.47 10.49
N VAL A 124 22.07 18.52 10.66
CA VAL A 124 22.30 17.47 9.68
C VAL A 124 22.22 16.11 10.38
N ALA A 125 22.13 15.05 9.58
CA ALA A 125 22.10 13.66 10.03
C ALA A 125 23.45 12.97 9.87
N ARG A 126 23.62 11.88 10.63
N ARG A 126 23.64 11.89 10.63
CA ARG A 126 24.83 11.05 10.68
CA ARG A 126 24.87 11.10 10.63
C ARG A 126 25.03 10.16 9.46
C ARG A 126 25.02 10.15 9.47
N GLY A 127 24.05 10.08 8.57
CA GLY A 127 24.10 9.10 7.49
C GLY A 127 23.07 9.43 6.44
N ALA A 128 23.21 8.76 5.29
CA ALA A 128 22.38 9.06 4.12
C ALA A 128 22.37 7.84 3.20
N ARG A 129 21.47 7.88 2.21
CA ARG A 129 21.30 6.75 1.32
C ARG A 129 22.41 6.66 0.30
N LEU A 130 22.91 5.44 0.07
CA LEU A 130 23.82 5.17 -1.03
C LEU A 130 23.08 4.31 -2.06
N GLY A 131 22.03 4.88 -2.65
CA GLY A 131 21.18 4.15 -3.60
C GLY A 131 20.81 2.74 -3.21
N MET A 132 21.16 1.78 -4.08
CA MET A 132 20.84 0.36 -3.87
C MET A 132 21.43 -0.20 -2.58
N LEU A 133 22.47 0.43 -2.03
CA LEU A 133 23.09 -0.10 -0.82
C LEU A 133 22.33 0.26 0.45
N GLY A 134 21.28 1.08 0.36
CA GLY A 134 20.62 1.54 1.56
C GLY A 134 21.45 2.59 2.29
N ASN A 135 21.08 2.81 3.55
CA ASN A 135 21.63 3.92 4.33
C ASN A 135 23.01 3.56 4.86
N ALA A 136 23.93 4.52 4.81
CA ALA A 136 25.27 4.33 5.35
C ALA A 136 25.62 5.50 6.25
N ASP A 137 26.30 5.21 7.36
CA ASP A 137 26.84 6.28 8.19
C ASP A 137 27.86 7.08 7.38
N VAL A 138 27.89 8.39 7.65
CA VAL A 138 28.86 9.29 6.99
C VAL A 138 30.28 8.74 7.07
N MET A 139 30.64 8.16 8.21
CA MET A 139 32.02 7.69 8.38
C MET A 139 32.28 6.34 7.71
N ASP A 140 31.23 5.66 7.23
CA ASP A 140 31.33 4.42 6.45
C ASP A 140 31.02 4.64 4.98
N ALA A 141 30.87 5.88 4.54
CA ALA A 141 30.46 6.12 3.18
C ALA A 141 31.63 6.68 2.38
N PRO A 142 32.11 5.97 1.35
CA PRO A 142 33.23 6.49 0.56
C PRO A 142 32.77 7.46 -0.49
N PHE A 143 31.88 8.36 -0.08
CA PHE A 143 31.30 9.39 -0.92
C PHE A 143 31.08 10.61 -0.05
N SER A 144 30.96 11.77 -0.69
CA SER A 144 30.59 12.99 0.02
C SER A 144 29.07 13.04 0.10
N ILE A 145 28.54 12.79 1.30
CA ILE A 145 27.11 12.81 1.54
C ILE A 145 26.82 13.80 2.67
N THR A 146 25.75 14.57 2.50
CA THR A 146 25.20 15.45 3.52
C THR A 146 23.70 15.20 3.58
N SER A 147 23.15 15.18 4.78
CA SER A 147 21.71 15.01 4.96
C SER A 147 21.19 16.15 5.83
N TYR A 148 20.33 16.98 5.27
CA TYR A 148 19.71 18.06 6.04
C TYR A 148 18.41 17.56 6.68
N THR A 149 18.16 18.00 7.90
CA THR A 149 17.06 17.48 8.69
C THR A 149 15.81 18.36 8.56
N ALA A 150 14.67 17.77 8.94
CA ALA A 150 13.43 18.53 9.08
C ALA A 150 13.60 19.70 10.06
N ARG A 151 14.43 19.52 11.09
CA ARG A 151 14.68 20.62 12.01
C ARG A 151 15.19 21.84 11.27
N THR A 152 16.18 21.64 10.41
CA THR A 152 16.72 22.75 9.62
C THR A 152 15.67 23.32 8.68
N ILE A 153 14.91 22.44 8.01
CA ILE A 153 13.87 22.89 7.11
C ILE A 153 12.91 23.83 7.82
N GLU A 154 12.43 23.41 9.00
CA GLU A 154 11.47 24.24 9.73
C GLU A 154 12.13 25.50 10.30
N GLN A 155 13.40 25.41 10.70
CA GLN A 155 14.07 26.56 11.32
C GLN A 155 14.24 27.70 10.32
N GLN A 156 14.56 27.38 9.07
CA GLN A 156 14.81 28.37 8.02
C GLN A 156 13.57 28.65 7.16
N GLN A 157 12.45 28.00 7.47
CA GLN A 157 11.22 28.14 6.68
C GLN A 157 11.48 27.87 5.19
N ALA A 158 12.33 26.89 4.91
CA ALA A 158 12.54 26.45 3.54
C ALA A 158 11.32 25.71 3.02
N ARG A 159 10.83 26.10 1.85
CA ARG A 159 9.63 25.48 1.28
C ARG A 159 9.97 24.47 0.18
N SER A 160 11.09 24.66 -0.53
CA SER A 160 11.50 23.80 -1.64
C SER A 160 12.91 23.26 -1.42
N VAL A 161 13.27 22.23 -2.18
CA VAL A 161 14.65 21.76 -2.23
C VAL A 161 15.61 22.91 -2.50
N ALA A 162 15.24 23.79 -3.45
CA ALA A 162 16.12 24.91 -3.82
C ALA A 162 16.35 25.86 -2.66
N ASP A 163 15.28 26.21 -1.93
CA ASP A 163 15.41 27.08 -0.75
C ASP A 163 16.43 26.54 0.24
N LEU A 164 16.35 25.23 0.51
CA LEU A 164 17.19 24.62 1.52
C LEU A 164 18.63 24.50 1.05
N LEU A 165 18.84 24.01 -0.16
CA LEU A 165 20.17 23.61 -0.60
C LEU A 165 21.05 24.82 -0.93
N GLN A 166 20.50 25.85 -1.56
N GLN A 166 20.47 25.83 -1.60
CA GLN A 166 21.35 26.99 -1.86
CA GLN A 166 21.20 27.07 -1.88
C GLN A 166 21.69 27.78 -0.60
C GLN A 166 21.69 27.72 -0.60
N ALA A 167 20.83 27.77 0.43
CA ALA A 167 21.15 28.50 1.65
C ALA A 167 22.27 27.83 2.44
N ASN A 168 22.40 26.51 2.36
CA ASN A 168 23.26 25.77 3.28
C ASN A 168 24.43 25.06 2.62
N ASP A 169 24.30 24.61 1.37
CA ASP A 169 25.31 23.67 0.87
C ASP A 169 26.33 24.36 -0.01
N PRO A 170 27.62 24.21 0.29
CA PRO A 170 28.66 24.84 -0.55
C PRO A 170 28.75 24.27 -1.96
N SER A 171 28.20 23.09 -2.21
CA SER A 171 28.30 22.43 -3.51
C SER A 171 27.05 22.56 -4.39
N VAL A 172 26.01 23.25 -3.96
CA VAL A 172 24.75 23.29 -4.71
C VAL A 172 24.40 24.75 -4.99
N ARG A 173 24.23 25.10 -6.27
CA ARG A 173 23.69 26.40 -6.66
C ARG A 173 22.48 26.19 -7.56
N VAL A 174 21.52 27.12 -7.48
CA VAL A 174 20.21 26.97 -8.11
C VAL A 174 20.12 27.87 -9.32
N VAL A 175 19.71 27.29 -10.45
CA VAL A 175 19.35 28.03 -11.66
C VAL A 175 17.82 28.06 -11.72
N GLY A 176 17.27 29.17 -12.18
CA GLY A 176 15.83 29.34 -12.12
C GLY A 176 15.53 30.15 -10.87
N GLY A 177 14.89 29.54 -9.88
CA GLY A 177 14.53 30.25 -8.67
C GLY A 177 13.02 30.31 -8.50
N ARG A 178 12.62 30.73 -7.29
CA ARG A 178 11.25 30.50 -6.88
C ARG A 178 10.25 31.33 -7.68
N GLY A 179 10.69 32.36 -8.41
CA GLY A 179 9.81 33.11 -9.28
C GLY A 179 9.52 32.43 -10.59
N ASP A 180 10.38 31.49 -10.99
CA ASP A 180 10.29 30.67 -12.18
C ASP A 180 9.41 29.45 -11.90
N LEU A 181 8.99 28.78 -12.98
CA LEU A 181 8.28 27.51 -12.82
C LEU A 181 9.22 26.35 -12.46
N VAL A 182 10.52 26.47 -12.74
CA VAL A 182 11.46 25.36 -12.60
C VAL A 182 12.71 25.81 -11.84
N ASP A 183 13.15 24.97 -10.90
CA ASP A 183 14.50 25.03 -10.33
C ASP A 183 15.36 23.94 -10.94
N SER A 184 16.61 24.27 -11.26
CA SER A 184 17.62 23.25 -11.53
C SER A 184 18.83 23.52 -10.63
N TYR A 185 19.71 22.52 -10.51
CA TYR A 185 20.79 22.58 -9.54
C TYR A 185 22.10 22.23 -10.22
N THR A 186 23.13 23.01 -9.98
CA THR A 186 24.46 22.64 -10.41
C THR A 186 25.21 22.08 -9.22
N ILE A 187 25.82 20.91 -9.42
CA ILE A 187 26.57 20.19 -8.39
C ILE A 187 27.85 19.66 -9.03
N ARG A 188 29.00 19.93 -8.39
CA ARG A 188 30.33 19.60 -8.90
C ARG A 188 30.51 19.99 -10.37
N GLY A 189 29.99 21.17 -10.72
CA GLY A 189 30.13 21.69 -12.07
C GLY A 189 29.28 21.03 -13.14
N PHE A 190 28.24 20.28 -12.76
CA PHE A 190 27.32 19.71 -13.75
C PHE A 190 25.88 20.01 -13.35
N SER A 191 25.01 20.17 -14.36
CA SER A 191 23.60 20.50 -14.12
C SER A 191 22.84 19.29 -13.64
N VAL A 192 22.01 19.47 -12.62
CA VAL A 192 21.17 18.40 -12.07
C VAL A 192 19.71 18.86 -12.16
N GLN A 193 18.90 18.12 -12.92
CA GLN A 193 17.50 18.48 -13.11
C GLN A 193 16.70 18.21 -11.84
N ASN A 194 15.71 19.07 -11.57
CA ASN A 194 14.81 18.74 -10.46
C ASN A 194 14.09 17.42 -10.70
N ALA A 195 13.86 17.05 -11.97
CA ALA A 195 13.25 15.77 -12.28
C ALA A 195 14.14 14.58 -11.89
N ASP A 196 15.38 14.82 -11.49
CA ASP A 196 16.28 13.75 -11.11
C ASP A 196 16.44 13.64 -9.60
N VAL A 197 15.61 14.33 -8.83
CA VAL A 197 15.57 14.19 -7.37
C VAL A 197 14.97 12.83 -7.03
N ALA A 198 15.64 12.09 -6.16
CA ALA A 198 15.19 10.74 -5.79
C ALA A 198 14.27 10.79 -4.56
N PHE A 199 13.46 9.74 -4.42
CA PHE A 199 12.47 9.63 -3.35
C PHE A 199 12.74 8.27 -2.71
N ASN A 200 13.43 8.28 -1.57
CA ASN A 200 13.92 7.05 -0.96
C ASN A 200 14.75 6.25 -1.95
N GLY A 201 15.52 6.95 -2.79
CA GLY A 201 16.35 6.34 -3.81
C GLY A 201 15.68 6.09 -5.16
N LEU A 202 14.36 6.23 -5.26
CA LEU A 202 13.63 5.98 -6.51
C LEU A 202 13.47 7.25 -7.33
N TYR A 203 13.68 7.12 -8.64
CA TYR A 203 13.48 8.24 -9.56
C TYR A 203 12.05 8.26 -10.10
N GLY A 204 11.60 9.46 -10.49
CA GLY A 204 10.37 9.61 -11.25
C GLY A 204 9.10 9.80 -10.43
N LEU A 205 9.21 10.10 -9.13
CA LEU A 205 8.02 10.07 -8.28
C LEU A 205 7.76 11.36 -7.50
N LEU A 206 8.53 12.40 -7.73
CA LEU A 206 8.41 13.67 -7.03
C LEU A 206 8.01 14.75 -8.03
N PRO A 207 7.48 15.89 -7.55
CA PRO A 207 7.00 16.90 -8.50
C PRO A 207 8.10 17.30 -9.48
N PHE A 208 7.72 17.34 -10.76
CA PHE A 208 8.70 17.34 -11.85
C PHE A 208 9.57 18.59 -11.87
N TRP A 209 8.98 19.77 -11.66
CA TRP A 209 9.71 21.02 -11.81
C TRP A 209 10.31 21.56 -10.52
N ARG A 210 9.67 21.32 -9.38
CA ARG A 210 10.13 21.91 -8.12
C ARG A 210 9.63 21.06 -6.98
N VAL A 211 10.54 20.45 -6.23
CA VAL A 211 10.14 19.57 -5.13
C VAL A 211 9.85 20.36 -3.86
N PRO A 212 8.62 20.31 -3.34
CA PRO A 212 8.37 20.93 -2.03
C PRO A 212 8.82 19.99 -0.92
N ILE A 213 9.22 20.57 0.21
CA ILE A 213 9.88 19.75 1.24
C ILE A 213 9.24 19.88 2.61
N GLU A 214 8.06 20.50 2.68
CA GLU A 214 7.38 20.59 3.98
C GLU A 214 6.85 19.24 4.47
N PHE A 215 6.93 18.17 3.66
CA PHE A 215 6.61 16.82 4.12
C PHE A 215 7.87 15.98 4.30
N ALA A 216 9.06 16.57 4.18
CA ALA A 216 10.32 15.82 4.15
C ALA A 216 10.92 15.68 5.55
N GLU A 217 11.33 14.46 5.91
CA GLU A 217 12.16 14.28 7.10
C GLU A 217 13.62 14.61 6.81
N ARG A 218 14.11 14.28 5.62
CA ARG A 218 15.48 14.56 5.24
C ARG A 218 15.55 14.97 3.79
N VAL A 219 16.50 15.83 3.49
CA VAL A 219 16.91 16.13 2.12
C VAL A 219 18.41 15.83 2.07
N GLU A 220 18.78 14.79 1.35
CA GLU A 220 20.16 14.32 1.28
C GLU A 220 20.78 14.72 -0.06
N VAL A 221 22.08 15.00 -0.03
CA VAL A 221 22.88 15.25 -1.22
C VAL A 221 24.03 14.26 -1.26
N LEU A 222 24.03 13.39 -2.27
CA LEU A 222 25.19 12.59 -2.66
C LEU A 222 25.88 13.28 -3.83
N LYS A 223 27.09 13.81 -3.60
CA LYS A 223 27.80 14.58 -4.61
C LYS A 223 28.50 13.67 -5.61
N GLY A 224 28.47 14.07 -6.88
CA GLY A 224 29.05 13.29 -7.95
C GLY A 224 28.12 12.23 -8.51
N PRO A 225 28.49 11.65 -9.64
CA PRO A 225 27.62 10.66 -10.30
C PRO A 225 27.51 9.39 -9.48
N ASN A 226 26.46 8.61 -9.77
CA ASN A 226 26.22 7.39 -9.00
C ASN A 226 25.39 6.35 -9.76
N ALA A 227 25.70 6.14 -11.04
CA ALA A 227 24.88 5.26 -11.86
C ALA A 227 24.88 3.82 -11.33
N LEU A 228 26.01 3.34 -10.81
CA LEU A 228 26.02 1.99 -10.26
C LEU A 228 25.02 1.86 -9.12
N LEU A 229 24.95 2.90 -8.26
CA LEU A 229 24.13 2.81 -7.05
C LEU A 229 22.64 2.95 -7.36
N GLY A 230 22.28 3.84 -8.28
CA GLY A 230 20.87 4.14 -8.48
C GLY A 230 20.35 3.90 -9.89
N GLY A 231 21.24 3.58 -10.82
CA GLY A 231 20.87 3.53 -12.22
C GLY A 231 20.93 4.92 -12.84
N ILE A 232 20.58 4.99 -14.12
CA ILE A 232 20.51 6.30 -14.76
C ILE A 232 19.33 7.11 -14.20
N SER A 233 19.51 8.42 -14.10
CA SER A 233 18.42 9.32 -13.77
C SER A 233 17.59 9.63 -15.00
N PRO A 234 16.28 9.85 -14.86
CA PRO A 234 15.46 10.17 -16.04
C PRO A 234 15.99 11.32 -16.87
N GLY A 235 16.45 12.41 -16.24
CA GLY A 235 17.02 13.54 -16.94
C GLY A 235 18.48 13.40 -17.36
N GLY A 236 19.13 12.29 -17.01
CA GLY A 236 20.52 12.09 -17.34
C GLY A 236 21.51 12.85 -16.49
N SER A 237 21.09 13.40 -15.34
CA SER A 237 21.97 14.19 -14.50
C SER A 237 23.11 13.35 -13.95
N VAL A 238 24.28 13.99 -13.82
CA VAL A 238 25.47 13.32 -13.30
C VAL A 238 26.17 14.11 -12.20
N GLY A 239 25.73 15.33 -11.90
CA GLY A 239 26.46 16.13 -10.91
C GLY A 239 26.33 15.63 -9.49
N GLY A 240 25.24 14.94 -9.17
CA GLY A 240 24.97 14.47 -7.83
C GLY A 240 23.54 14.00 -7.74
N THR A 241 23.18 13.26 -6.70
CA THR A 241 21.80 12.79 -6.54
C THR A 241 21.25 13.36 -5.26
N ILE A 242 20.17 14.13 -5.36
CA ILE A 242 19.44 14.65 -4.22
C ILE A 242 18.35 13.64 -3.86
N ASN A 243 18.25 13.31 -2.57
CA ASN A 243 17.33 12.27 -2.11
C ASN A 243 16.43 12.80 -1.00
N LEU A 244 15.13 12.64 -1.16
CA LEU A 244 14.17 13.06 -0.14
C LEU A 244 13.73 11.82 0.63
N VAL A 245 13.73 11.92 1.95
CA VAL A 245 13.18 10.90 2.86
C VAL A 245 11.90 11.47 3.45
N PRO A 246 10.74 10.81 3.24
CA PRO A 246 9.48 11.36 3.72
C PRO A 246 9.27 11.11 5.21
N LYS A 247 8.44 11.96 5.80
CA LYS A 247 8.09 11.86 7.21
C LYS A 247 7.33 10.58 7.53
N ARG A 248 7.61 10.03 8.71
CA ARG A 248 6.91 8.88 9.28
C ARG A 248 6.36 9.25 10.65
N ALA A 249 5.33 8.54 11.08
CA ALA A 249 4.72 8.84 12.37
C ALA A 249 5.59 8.30 13.51
N ASP A 250 5.92 9.17 14.45
CA ASP A 250 6.57 8.72 15.68
C ASP A 250 5.52 8.18 16.65
N ASP A 251 5.99 7.45 17.65
CA ASP A 251 5.08 6.81 18.60
C ASP A 251 4.27 7.83 19.38
N GLN A 252 4.92 8.88 19.87
CA GLN A 252 4.17 9.94 20.56
C GLN A 252 3.37 10.72 19.53
N PRO A 253 2.07 10.93 19.76
CA PRO A 253 1.22 11.61 18.77
C PRO A 253 1.68 13.04 18.52
N LEU A 254 1.52 13.47 17.28
CA LEU A 254 1.90 14.81 16.86
C LEU A 254 0.67 15.50 16.31
N THR A 255 0.33 16.65 16.87
CA THR A 255 -0.75 17.49 16.34
C THR A 255 -0.18 18.91 16.26
N ARG A 256 0.45 19.22 15.14
CA ARG A 256 1.21 20.46 14.95
C ARG A 256 0.54 21.32 13.90
N VAL A 257 0.28 22.58 14.24
CA VAL A 257 -0.29 23.53 13.28
C VAL A 257 0.60 24.76 13.24
N SER A 258 0.87 25.25 12.03
CA SER A 258 1.57 26.51 11.90
C SER A 258 0.87 27.39 10.87
N VAL A 259 1.02 28.69 11.07
CA VAL A 259 0.57 29.72 10.15
C VAL A 259 1.77 30.60 9.84
N ASP A 260 1.77 31.17 8.65
CA ASP A 260 2.95 31.84 8.15
C ASP A 260 2.53 32.96 7.21
N TRP A 261 3.34 33.99 7.16
CA TRP A 261 3.23 35.07 6.18
C TRP A 261 4.57 35.22 5.48
N THR A 262 4.55 35.43 4.18
CA THR A 262 5.74 35.71 3.38
C THR A 262 5.45 36.88 2.46
N GLN A 263 6.32 37.88 2.48
CA GLN A 263 6.32 38.97 1.52
C GLN A 263 5.80 38.56 0.14
N ARG A 264 4.89 39.33 -0.47
CA ARG A 264 4.28 40.53 0.09
C ARG A 264 2.96 40.20 0.80
N GLY A 265 2.27 39.16 0.35
CA GLY A 265 1.04 38.79 1.00
C GLY A 265 0.69 37.32 0.95
N GLN A 266 1.68 36.44 1.05
CA GLN A 266 1.40 35.02 0.99
C GLN A 266 1.03 34.52 2.38
N LEU A 267 -0.17 33.98 2.51
CA LEU A 267 -0.68 33.48 3.78
C LEU A 267 -0.74 31.96 3.73
N GLY A 268 -0.14 31.30 4.72
CA GLY A 268 -0.03 29.86 4.70
C GLY A 268 -0.44 29.23 6.01
N THR A 269 -0.81 27.96 5.92
CA THR A 269 -1.17 27.11 7.04
C THR A 269 -0.55 25.74 6.77
N HIS A 270 0.01 25.13 7.80
CA HIS A 270 0.67 23.82 7.64
C HIS A 270 0.26 22.94 8.81
N LEU A 271 -0.47 21.86 8.51
CA LEU A 271 -0.79 20.82 9.47
C LEU A 271 0.23 19.70 9.33
N ASP A 272 0.76 19.23 10.46
CA ASP A 272 1.64 18.07 10.52
C ASP A 272 1.10 17.22 11.66
N ILE A 273 0.39 16.14 11.30
CA ILE A 273 -0.33 15.28 12.24
C ILE A 273 0.21 13.86 12.11
N GLY A 274 0.64 13.28 13.21
CA GLY A 274 1.08 11.89 13.21
C GLY A 274 0.38 11.08 14.27
N ARG A 275 0.05 9.83 13.92
CA ARG A 275 -0.54 8.88 14.86
C ARG A 275 0.02 7.50 14.54
N ARG A 276 0.17 6.69 15.58
CA ARG A 276 0.41 5.27 15.41
C ARG A 276 -0.75 4.50 16.03
N PHE A 277 -0.99 3.28 15.55
CA PHE A 277 -2.08 2.48 16.10
C PHE A 277 -1.79 1.01 15.84
N GLY A 278 -2.71 0.15 16.29
CA GLY A 278 -2.48 -1.27 16.28
C GLY A 278 -1.61 -1.68 17.45
N GLU A 279 -1.64 -2.98 17.77
CA GLU A 279 -0.80 -3.45 18.88
C GLU A 279 0.67 -3.15 18.63
N ASN A 280 1.35 -2.66 19.66
CA ASN A 280 2.76 -2.28 19.61
C ASN A 280 3.03 -1.15 18.62
N ASN A 281 2.01 -0.33 18.32
CA ASN A 281 2.13 0.78 17.38
C ASN A 281 2.69 0.30 16.05
N ALA A 282 2.22 -0.87 15.61
CA ALA A 282 2.74 -1.46 14.38
C ALA A 282 2.49 -0.57 13.17
N PHE A 283 1.43 0.24 13.19
CA PHE A 283 1.04 1.09 12.07
C PHE A 283 1.25 2.55 12.39
N GLY A 284 1.63 3.32 11.38
CA GLY A 284 1.78 4.76 11.53
C GLY A 284 1.16 5.50 10.37
N VAL A 285 0.56 6.65 10.68
CA VAL A 285 0.00 7.53 9.68
C VAL A 285 0.51 8.94 9.96
N ARG A 286 1.18 9.55 8.99
CA ARG A 286 1.61 10.93 9.14
C ARG A 286 1.06 11.73 7.96
N PHE A 287 0.29 12.78 8.27
CA PHE A 287 -0.35 13.63 7.27
C PHE A 287 0.28 15.02 7.31
N ASN A 288 0.63 15.56 6.15
CA ASN A 288 1.02 16.96 6.06
C ASN A 288 0.09 17.65 5.07
N GLY A 289 -0.48 18.77 5.51
CA GLY A 289 -1.30 19.58 4.64
C GLY A 289 -0.81 21.01 4.63
N VAL A 290 -0.60 21.58 3.45
CA VAL A 290 -0.18 22.97 3.30
C VAL A 290 -1.15 23.67 2.36
N TYR A 291 -1.57 24.87 2.73
CA TYR A 291 -2.18 25.79 1.78
C TYR A 291 -1.56 27.16 1.94
N ARG A 292 -0.93 27.67 0.88
CA ARG A 292 -0.21 28.94 0.90
C ARG A 292 -0.62 29.72 -0.35
N ASN A 293 -1.06 30.95 -0.17
CA ASN A 293 -1.62 31.71 -1.28
C ASN A 293 -1.39 33.20 -1.08
N GLY A 294 -0.96 33.89 -2.12
CA GLY A 294 -0.97 35.33 -2.13
C GLY A 294 0.14 35.91 -3.00
N ASP A 295 0.29 37.23 -2.90
CA ASP A 295 1.27 37.96 -3.69
C ASP A 295 2.68 37.59 -3.25
N THR A 296 3.57 37.33 -4.20
CA THR A 296 4.95 37.02 -3.86
C THR A 296 5.76 38.30 -3.73
N ALA A 297 7.07 38.18 -3.55
CA ALA A 297 7.93 39.36 -3.44
C ALA A 297 8.19 40.03 -4.78
N VAL A 298 7.80 39.40 -5.89
CA VAL A 298 8.12 39.89 -7.22
C VAL A 298 6.93 40.66 -7.79
N ASP A 299 7.21 41.74 -8.51
CA ASP A 299 6.19 42.61 -9.08
C ASP A 299 5.13 41.81 -9.84
N HIS A 300 3.86 42.05 -9.51
CA HIS A 300 2.72 41.49 -10.28
C HIS A 300 2.78 39.97 -10.35
N GLN A 301 3.16 39.34 -9.25
CA GLN A 301 3.17 37.89 -9.20
C GLN A 301 2.38 37.42 -7.99
N SER A 302 1.58 36.40 -8.19
CA SER A 302 0.86 35.74 -7.11
C SER A 302 1.04 34.24 -7.26
N ARG A 303 0.88 33.52 -6.15
CA ARG A 303 1.15 32.09 -6.13
C ARG A 303 0.16 31.39 -5.22
N GLU A 304 -0.42 30.31 -5.71
CA GLU A 304 -1.27 29.43 -4.94
C GLU A 304 -0.64 28.05 -4.87
N PHE A 305 -0.59 27.48 -3.66
CA PHE A 305 0.13 26.24 -3.41
C PHE A 305 -0.64 25.36 -2.42
N PRO A 306 -1.46 24.43 -2.91
CA PRO A 306 -1.97 23.35 -2.04
C PRO A 306 -1.07 22.13 -2.10
N MET A 307 -0.95 21.45 -0.96
CA MET A 307 -0.16 20.24 -0.89
C MET A 307 -0.71 19.30 0.18
N LEU A 308 -0.73 18.02 -0.14
CA LEU A 308 -1.22 17.00 0.78
C LEU A 308 -0.28 15.81 0.70
N SER A 309 0.09 15.26 1.84
CA SER A 309 0.93 14.07 1.83
C SER A 309 0.51 13.15 2.96
N LEU A 310 0.69 11.86 2.73
CA LEU A 310 0.47 10.84 3.74
C LEU A 310 1.69 9.95 3.71
N GLY A 311 2.36 9.81 4.84
CA GLY A 311 3.36 8.79 5.05
C GLY A 311 2.76 7.70 5.91
N LEU A 312 2.63 6.51 5.34
CA LEU A 312 2.04 5.35 6.00
C LEU A 312 3.10 4.28 6.17
N ASP A 313 3.10 3.60 7.31
CA ASP A 313 4.08 2.52 7.44
C ASP A 313 3.55 1.45 8.37
N PHE A 314 4.10 0.26 8.20
CA PHE A 314 3.83 -0.88 9.07
C PHE A 314 5.15 -1.41 9.58
N ARG A 315 5.20 -1.66 10.90
CA ARG A 315 6.39 -2.14 11.60
C ARG A 315 6.10 -3.53 12.14
N GLY A 316 6.71 -4.56 11.55
CA GLY A 316 6.49 -5.94 11.99
C GLY A 316 7.79 -6.67 12.26
N GLU A 317 7.64 -7.92 12.75
CA GLU A 317 8.78 -8.69 13.22
C GLU A 317 9.82 -8.88 12.12
N ARG A 318 9.41 -9.43 10.97
CA ARG A 318 10.29 -9.65 9.84
C ARG A 318 9.76 -8.96 8.58
N LEU A 319 8.92 -7.95 8.75
CA LEU A 319 8.22 -7.34 7.62
C LEU A 319 8.04 -5.85 7.87
N ARG A 320 8.46 -5.04 6.91
CA ARG A 320 8.34 -3.59 6.97
C ARG A 320 7.68 -3.10 5.69
N LEU A 321 6.66 -2.25 5.82
CA LEU A 321 5.91 -1.73 4.69
C LEU A 321 5.74 -0.22 4.82
N SER A 322 5.65 0.45 3.68
CA SER A 322 5.33 1.87 3.69
C SER A 322 4.58 2.23 2.42
N SER A 323 3.80 3.31 2.49
CA SER A 323 3.21 3.84 1.27
C SER A 323 3.23 5.35 1.43
N ASP A 324 3.68 6.05 0.40
CA ASP A 324 3.70 7.52 0.37
C ASP A 324 2.74 8.03 -0.69
N LEU A 325 1.84 8.92 -0.30
CA LEU A 325 0.96 9.59 -1.25
C LEU A 325 1.24 11.09 -1.18
N LEU A 326 1.33 11.72 -2.35
CA LEU A 326 1.69 13.12 -2.43
C LEU A 326 0.78 13.77 -3.45
N TYR A 327 0.17 14.91 -3.09
CA TYR A 327 -0.51 15.74 -4.06
C TYR A 327 -0.02 17.17 -3.89
N GLN A 328 0.26 17.83 -5.01
CA GLN A 328 0.66 19.23 -4.94
C GLN A 328 0.30 19.90 -6.25
N LYS A 329 0.09 21.22 -6.17
CA LYS A 329 -0.10 22.05 -7.33
C LYS A 329 0.59 23.37 -7.04
N GLU A 330 1.29 23.90 -8.03
CA GLU A 330 1.79 25.27 -7.99
C GLU A 330 1.16 26.05 -9.13
N SER A 331 0.43 27.11 -8.78
CA SER A 331 -0.17 28.00 -9.76
C SER A 331 0.43 29.39 -9.58
N LEU A 332 1.11 29.86 -10.62
CA LEU A 332 1.72 31.18 -10.65
C LEU A 332 0.95 32.07 -11.63
N GLU A 333 0.59 33.27 -11.18
CA GLU A 333 0.24 34.39 -12.05
C GLU A 333 1.49 35.26 -12.19
N GLY A 334 2.13 35.20 -13.35
CA GLY A 334 3.45 35.80 -13.49
C GLY A 334 4.54 34.74 -13.33
N VAL A 335 5.33 34.55 -14.38
CA VAL A 335 6.36 33.52 -14.41
C VAL A 335 7.67 34.20 -14.79
N VAL A 336 8.59 34.27 -13.84
CA VAL A 336 9.94 34.72 -14.15
C VAL A 336 10.61 33.65 -15.02
N ARG A 337 11.39 34.09 -16.00
CA ARG A 337 12.02 33.15 -16.93
C ARG A 337 13.45 33.59 -17.19
N PRO A 338 14.30 32.68 -17.71
CA PRO A 338 15.67 33.02 -18.08
C PRO A 338 15.84 34.26 -18.96
N LEU A 339 17.02 34.87 -18.88
CA LEU A 339 17.48 35.89 -19.81
C LEU A 339 18.57 35.28 -20.69
N LEU A 340 18.32 35.20 -22.00
CA LEU A 340 19.21 34.54 -22.93
C LEU A 340 20.16 35.55 -23.57
N THR A 341 21.37 35.08 -23.90
CA THR A 341 22.33 35.88 -24.66
C THR A 341 22.00 35.81 -26.14
N GLY A 342 22.19 36.93 -26.84
CA GLY A 342 21.98 36.99 -28.26
C GLY A 342 23.27 36.86 -29.03
N PRO A 343 23.18 36.70 -30.36
CA PRO A 343 24.41 36.52 -31.16
C PRO A 343 25.42 37.64 -30.98
N GLY A 344 24.96 38.88 -30.78
CA GLY A 344 25.85 40.00 -30.61
C GLY A 344 25.85 40.61 -29.22
N THR A 345 25.79 39.76 -28.19
CA THR A 345 25.95 40.25 -26.83
C THR A 345 27.42 40.50 -26.55
N THR A 346 27.74 41.72 -26.10
CA THR A 346 29.12 42.13 -25.84
C THR A 346 29.50 42.05 -24.37
N HIS A 347 28.53 42.20 -23.48
CA HIS A 347 28.73 42.15 -22.04
C HIS A 347 27.38 41.85 -21.41
N ILE A 348 27.42 41.43 -20.16
CA ILE A 348 26.20 41.14 -19.40
C ILE A 348 25.78 42.42 -18.68
N PRO A 349 24.59 42.96 -18.95
CA PRO A 349 24.16 44.16 -18.23
C PRO A 349 24.06 43.90 -16.74
N HIS A 350 24.17 44.98 -15.97
CA HIS A 350 24.00 44.88 -14.52
C HIS A 350 22.63 44.31 -14.21
N ALA A 351 22.57 43.45 -13.21
CA ALA A 351 21.30 42.84 -12.84
C ALA A 351 20.31 43.92 -12.44
N PRO A 352 19.06 43.84 -12.88
CA PRO A 352 18.03 44.78 -12.41
C PRO A 352 17.66 44.47 -10.98
N ASP A 353 16.94 45.41 -10.37
CA ASP A 353 16.18 45.17 -9.16
C ASP A 353 15.44 43.85 -9.24
N SER A 354 15.69 42.97 -8.26
CA SER A 354 15.07 41.65 -8.25
C SER A 354 13.55 41.69 -8.03
N LYS A 355 13.00 42.84 -7.63
CA LYS A 355 11.56 42.98 -7.60
C LYS A 355 10.98 43.16 -8.99
N THR A 356 11.74 43.75 -9.92
CA THR A 356 11.28 43.91 -11.28
C THR A 356 11.00 42.56 -11.93
N ARG A 357 10.00 42.51 -12.80
CA ARG A 357 9.68 41.30 -13.54
C ARG A 357 9.65 41.68 -15.02
N PHE A 358 10.70 41.31 -15.76
CA PHE A 358 10.89 41.81 -17.12
C PHE A 358 10.38 40.85 -18.20
N GLY A 359 9.80 39.72 -17.81
CA GLY A 359 9.32 38.74 -18.77
C GLY A 359 7.90 39.02 -19.24
N LEU A 360 7.11 37.98 -19.47
CA LEU A 360 5.76 38.17 -19.98
C LEU A 360 4.83 38.51 -18.83
N ARG A 361 4.15 39.66 -18.92
CA ARG A 361 3.36 40.15 -17.79
C ARG A 361 2.28 39.16 -17.41
N ASP A 362 1.44 38.79 -18.38
CA ASP A 362 0.34 37.87 -18.15
C ASP A 362 0.72 36.43 -18.46
N SER A 363 1.89 36.02 -18.02
CA SER A 363 2.25 34.62 -18.02
C SER A 363 1.49 33.90 -16.91
N TYR A 364 1.44 32.59 -17.01
CA TYR A 364 0.86 31.80 -15.94
C TYR A 364 1.47 30.41 -15.95
N LEU A 365 1.37 29.77 -14.80
CA LEU A 365 1.80 28.38 -14.66
C LEU A 365 0.73 27.67 -13.86
N ASP A 366 0.34 26.49 -14.33
CA ASP A 366 -0.50 25.59 -13.56
C ASP A 366 0.19 24.24 -13.64
N GLN A 367 0.81 23.84 -12.54
CA GLN A 367 1.63 22.64 -12.46
C GLN A 367 1.11 21.77 -11.33
N GLU A 368 0.69 20.55 -11.67
CA GLU A 368 0.14 19.63 -10.70
C GLU A 368 0.87 18.31 -10.78
N ASP A 369 1.20 17.74 -9.62
CA ASP A 369 1.86 16.45 -9.55
C ASP A 369 1.20 15.66 -8.43
N TYR A 370 0.99 14.36 -8.67
CA TYR A 370 0.62 13.52 -7.55
C TYR A 370 1.19 12.13 -7.75
N SER A 371 1.53 11.49 -6.63
CA SER A 371 2.21 10.21 -6.73
C SER A 371 1.81 9.34 -5.56
N MET A 372 2.04 8.05 -5.74
CA MET A 372 1.89 7.04 -4.71
C MET A 372 3.01 6.05 -4.91
N VAL A 373 3.64 5.61 -3.83
CA VAL A 373 4.74 4.66 -3.91
C VAL A 373 4.65 3.74 -2.70
N ASN A 374 4.62 2.44 -2.96
CA ASN A 374 4.52 1.43 -1.93
C ASN A 374 5.87 0.71 -1.87
N ARG A 375 6.37 0.52 -0.65
CA ARG A 375 7.70 -0.06 -0.43
C ARG A 375 7.59 -1.15 0.63
N GLY A 376 8.42 -2.17 0.49
CA GLY A 376 8.39 -3.25 1.46
C GLY A 376 9.72 -3.93 1.62
N GLU A 377 9.92 -4.52 2.80
CA GLU A 377 11.04 -5.41 3.06
C GLU A 377 10.54 -6.61 3.83
N TYR A 378 11.15 -7.76 3.59
CA TYR A 378 10.76 -8.99 4.25
C TYR A 378 12.02 -9.81 4.52
N ASP A 379 12.26 -10.12 5.78
CA ASP A 379 13.50 -10.81 6.18
C ASP A 379 13.28 -12.31 5.98
N LEU A 380 13.81 -12.85 4.88
CA LEU A 380 13.69 -14.28 4.59
C LEU A 380 14.51 -15.11 5.56
N ALA A 381 15.65 -14.60 5.99
CA ALA A 381 16.48 -15.26 6.99
C ALA A 381 17.23 -14.19 7.75
N ASP A 382 18.10 -14.63 8.67
CA ASP A 382 18.97 -13.69 9.35
C ASP A 382 19.94 -13.03 8.38
N ASN A 383 20.29 -13.70 7.29
CA ASN A 383 21.29 -13.23 6.35
C ASN A 383 20.71 -12.99 4.96
N LEU A 384 19.40 -12.71 4.87
CA LEU A 384 18.76 -12.52 3.57
C LEU A 384 17.49 -11.70 3.76
N THR A 385 17.40 -10.57 3.06
CA THR A 385 16.21 -9.72 3.09
C THR A 385 15.79 -9.41 1.66
N ALA A 386 14.49 -9.60 1.36
CA ALA A 386 13.91 -9.19 0.09
C ALA A 386 13.29 -7.80 0.22
N PHE A 387 13.37 -7.03 -0.86
CA PHE A 387 12.78 -5.71 -0.90
C PHE A 387 12.15 -5.46 -2.26
N ALA A 388 11.14 -4.61 -2.27
CA ALA A 388 10.50 -4.21 -3.53
C ALA A 388 9.76 -2.89 -3.32
N SER A 389 9.74 -2.11 -4.38
CA SER A 389 9.04 -0.83 -4.41
C SER A 389 8.26 -0.74 -5.71
N ILE A 390 7.08 -0.12 -5.66
CA ILE A 390 6.34 0.20 -6.88
C ILE A 390 5.62 1.52 -6.69
N GLY A 391 5.84 2.46 -7.62
CA GLY A 391 5.17 3.74 -7.51
C GLY A 391 4.82 4.31 -8.87
N GLY A 392 3.92 5.29 -8.86
CA GLY A 392 3.57 6.01 -10.08
C GLY A 392 3.35 7.47 -9.78
N ARG A 393 3.56 8.30 -10.81
CA ARG A 393 3.38 9.74 -10.73
C ARG A 393 2.61 10.25 -11.94
N GLN A 394 1.66 11.16 -11.69
CA GLN A 394 1.03 11.96 -12.73
C GLN A 394 1.52 13.41 -12.60
N SER A 395 1.89 14.02 -13.73
CA SER A 395 2.41 15.38 -13.73
C SER A 395 1.70 16.18 -14.84
N ASN A 396 0.95 17.22 -14.46
CA ASN A 396 0.16 18.01 -15.40
C ASN A 396 0.73 19.43 -15.47
N TYR A 397 1.06 19.87 -16.67
CA TYR A 397 1.83 21.07 -16.92
C TYR A 397 1.06 21.96 -17.88
N GLU A 398 0.80 23.20 -17.47
CA GLU A 398 0.14 24.17 -18.34
C GLU A 398 0.81 25.52 -18.14
N THR A 399 1.17 26.19 -19.24
CA THR A 399 1.82 27.49 -19.07
C THR A 399 1.76 28.29 -20.36
N ILE A 400 1.67 29.60 -20.19
CA ILE A 400 2.09 30.56 -21.21
C ILE A 400 3.10 31.47 -20.53
N ALA A 401 4.28 31.61 -21.13
CA ALA A 401 5.31 32.47 -20.57
C ALA A 401 6.25 32.85 -21.70
N ALA A 402 7.24 33.67 -21.37
CA ALA A 402 8.21 34.12 -22.35
C ALA A 402 9.60 34.07 -21.75
N ASN A 403 10.57 33.62 -22.54
CA ASN A 403 11.97 33.77 -22.21
C ASN A 403 12.46 35.10 -22.76
N SER A 404 13.26 35.79 -21.96
CA SER A 404 13.81 37.08 -22.36
C SER A 404 15.11 36.85 -23.12
N ILE A 405 15.32 37.62 -24.18
CA ILE A 405 16.52 37.55 -25.01
C ILE A 405 17.15 38.94 -25.06
N LEU A 406 18.44 39.02 -24.71
CA LEU A 406 19.16 40.29 -24.83
C LEU A 406 19.19 40.77 -26.29
N VAL A 407 18.91 42.05 -26.49
CA VAL A 407 19.01 42.71 -27.79
C VAL A 407 19.81 43.99 -27.60
N GLY A 408 20.89 44.15 -28.34
CA GLY A 408 21.80 45.23 -28.00
C GLY A 408 22.47 44.96 -26.65
N ASN A 409 23.07 46.00 -26.07
CA ASN A 409 23.77 45.86 -24.81
C ASN A 409 23.43 46.94 -23.79
N GLN A 410 22.36 47.71 -24.03
CA GLN A 410 21.93 48.74 -23.10
C GLN A 410 20.87 48.25 -22.10
N GLY A 411 20.42 47.00 -22.22
CA GLY A 411 19.35 46.52 -21.37
C GLY A 411 18.05 46.22 -22.08
N ASP A 412 17.97 46.43 -23.39
CA ASP A 412 16.75 46.08 -24.12
C ASP A 412 16.66 44.56 -24.31
N ILE A 413 15.43 44.05 -24.33
CA ILE A 413 15.18 42.63 -24.51
C ILE A 413 14.03 42.44 -25.51
N VAL A 414 13.94 41.22 -26.03
CA VAL A 414 12.76 40.76 -26.73
C VAL A 414 12.27 39.49 -26.03
N ASN A 415 11.00 39.49 -25.62
CA ASN A 415 10.40 38.34 -24.97
C ASN A 415 9.83 37.41 -26.02
N SER A 416 10.28 36.15 -26.01
CA SER A 416 9.84 35.14 -26.95
C SER A 416 8.77 34.29 -26.26
N LEU A 417 7.53 34.42 -26.72
CA LEU A 417 6.41 33.82 -26.02
C LEU A 417 6.17 32.40 -26.50
N ALA A 418 5.54 31.61 -25.62
CA ALA A 418 5.21 30.24 -25.94
C ALA A 418 4.14 29.75 -24.98
N ARG A 419 3.30 28.86 -25.48
CA ARG A 419 2.46 28.00 -24.66
C ARG A 419 3.07 26.61 -24.65
N GLN A 420 3.03 25.96 -23.50
CA GLN A 420 3.52 24.60 -23.37
C GLN A 420 2.50 23.83 -22.56
N ARG A 421 2.31 22.56 -22.90
CA ARG A 421 1.37 21.71 -22.20
C ARG A 421 2.04 20.36 -22.04
N GLY A 422 1.83 19.75 -20.88
CA GLY A 422 2.41 18.46 -20.60
C GLY A 422 1.52 17.55 -19.79
N ASP A 423 1.55 16.27 -20.15
CA ASP A 423 0.81 15.19 -19.49
C ASP A 423 1.84 14.05 -19.40
N ARG A 424 2.39 13.85 -18.21
CA ARG A 424 3.48 12.91 -17.97
C ARG A 424 3.00 11.86 -16.97
N ARG A 425 3.17 10.59 -17.33
CA ARG A 425 2.68 9.46 -16.55
C ARG A 425 3.84 8.51 -16.36
N THR A 426 4.30 8.35 -15.12
CA THR A 426 5.52 7.64 -14.80
C THR A 426 5.23 6.47 -13.88
N TYR A 427 5.86 5.35 -14.16
CA TYR A 427 5.90 4.20 -13.27
C TYR A 427 7.36 3.98 -12.89
N SER A 428 7.60 3.64 -11.62
CA SER A 428 8.98 3.46 -11.19
C SER A 428 9.02 2.37 -10.13
N ALA A 429 9.90 1.39 -10.31
CA ALA A 429 9.84 0.20 -9.50
C ALA A 429 11.25 -0.33 -9.24
N GLU A 430 11.38 -1.09 -8.16
CA GLU A 430 12.62 -1.79 -7.89
C GLU A 430 12.30 -3.06 -7.12
N VAL A 431 13.15 -4.07 -7.26
CA VAL A 431 13.03 -5.29 -6.48
C VAL A 431 14.45 -5.85 -6.27
N GLY A 432 14.64 -6.59 -5.19
CA GLY A 432 15.94 -7.19 -5.01
C GLY A 432 16.10 -7.94 -3.70
N LEU A 433 17.36 -8.28 -3.42
CA LEU A 433 17.77 -9.06 -2.26
C LEU A 433 19.02 -8.43 -1.67
N ARG A 434 19.12 -8.47 -0.34
CA ARG A 434 20.31 -8.07 0.40
C ARG A 434 20.68 -9.21 1.33
N GLY A 435 21.94 -9.64 1.30
CA GLY A 435 22.38 -10.74 2.14
C GLY A 435 23.79 -10.50 2.67
N ASN A 436 24.28 -11.49 3.41
CA ASN A 436 25.62 -11.43 3.97
C ASN A 436 26.16 -12.83 4.21
N PHE A 437 27.46 -13.01 3.99
CA PHE A 437 28.15 -14.26 4.32
C PHE A 437 29.61 -13.94 4.60
N ASP A 438 30.36 -14.96 5.03
CA ASP A 438 31.77 -14.82 5.36
C ASP A 438 32.61 -15.77 4.52
N THR A 439 33.76 -15.28 4.07
CA THR A 439 34.79 -16.10 3.44
C THR A 439 36.07 -15.86 4.25
N GLY A 440 36.26 -16.68 5.28
CA GLY A 440 37.41 -16.54 6.15
C GLY A 440 37.34 -15.27 6.96
N PRO A 441 38.32 -14.38 6.76
CA PRO A 441 38.31 -13.08 7.45
C PRO A 441 37.52 -11.99 6.75
N LEU A 442 36.87 -12.30 5.63
CA LEU A 442 36.05 -11.33 4.89
C LEU A 442 34.59 -11.47 5.31
N ARG A 443 33.95 -10.34 5.60
CA ARG A 443 32.50 -10.28 5.61
C ARG A 443 32.04 -9.68 4.28
N HIS A 444 31.07 -10.33 3.67
CA HIS A 444 30.40 -9.85 2.46
C HIS A 444 29.02 -9.32 2.85
N ASP A 445 28.72 -8.09 2.47
CA ASP A 445 27.36 -7.57 2.50
C ASP A 445 27.00 -7.19 1.07
N TRP A 446 26.15 -8.00 0.45
CA TRP A 446 25.90 -7.92 -0.98
C TRP A 446 24.46 -7.47 -1.24
N THR A 447 24.27 -6.83 -2.38
CA THR A 447 22.96 -6.35 -2.81
C THR A 447 22.77 -6.74 -4.27
N LEU A 448 21.66 -7.41 -4.56
CA LEU A 448 21.22 -7.65 -5.93
C LEU A 448 19.95 -6.85 -6.13
N SER A 449 19.96 -5.94 -7.12
CA SER A 449 18.86 -5.02 -7.31
C SER A 449 18.51 -4.89 -8.79
N ALA A 450 17.22 -4.81 -9.06
CA ALA A 450 16.73 -4.53 -10.40
C ALA A 450 15.68 -3.43 -10.32
N ASN A 451 15.72 -2.52 -11.28
CA ASN A 451 14.77 -1.43 -11.28
C ASN A 451 14.23 -1.24 -12.69
N ARG A 452 13.13 -0.50 -12.76
CA ARG A 452 12.44 -0.25 -14.02
C ARG A 452 11.70 1.06 -13.90
N LEU A 453 11.92 1.97 -14.85
CA LEU A 453 11.14 3.18 -14.96
C LEU A 453 10.47 3.20 -16.33
N HIS A 454 9.17 3.46 -16.36
CA HIS A 454 8.46 3.58 -17.64
C HIS A 454 7.63 4.85 -17.61
N GLU A 455 7.80 5.68 -18.64
CA GLU A 455 7.13 6.96 -18.70
C GLU A 455 6.45 7.17 -20.04
N ARG A 456 5.24 7.72 -20.01
CA ARG A 456 4.55 8.20 -21.19
C ARG A 456 4.39 9.70 -21.06
N LEU A 457 4.85 10.45 -22.05
CA LEU A 457 4.76 11.91 -22.02
C LEU A 457 4.01 12.42 -23.24
N GLY A 458 3.01 13.25 -23.00
CA GLY A 458 2.49 14.09 -24.04
C GLY A 458 2.95 15.51 -23.77
N MET A 459 3.69 16.11 -24.70
CA MET A 459 4.20 17.47 -24.49
C MET A 459 4.06 18.25 -25.79
N VAL A 460 3.17 19.23 -25.81
CA VAL A 460 3.00 20.11 -26.96
C VAL A 460 3.43 21.51 -26.57
N TYR A 461 3.89 22.27 -27.57
CA TYR A 461 4.37 23.62 -27.37
C TYR A 461 4.25 24.39 -28.68
N ALA A 462 4.06 25.71 -28.57
CA ALA A 462 4.08 26.59 -29.73
C ALA A 462 4.74 27.90 -29.31
N PHE A 463 5.78 28.30 -30.05
CA PHE A 463 6.44 29.59 -29.86
C PHE A 463 5.86 30.59 -30.86
N THR A 464 5.18 31.61 -30.36
CA THR A 464 4.59 32.66 -31.18
C THR A 464 4.66 33.98 -30.43
N GLY A 465 5.15 35.01 -31.10
CA GLY A 465 5.22 36.33 -30.48
C GLY A 465 6.61 36.72 -30.04
N MET A 466 7.02 37.92 -30.40
CA MET A 466 8.29 38.50 -30.00
C MET A 466 8.00 39.94 -29.61
N GLN A 467 8.10 40.23 -28.31
CA GLN A 467 7.68 41.52 -27.77
C GLN A 467 8.86 42.22 -27.10
N SER A 468 9.07 43.48 -27.47
CA SER A 468 10.18 44.23 -26.91
C SER A 468 9.93 44.53 -25.44
N GLY A 469 11.01 44.60 -24.69
CA GLY A 469 10.94 45.00 -23.31
C GLY A 469 12.29 45.55 -22.89
N ASN A 470 12.46 45.67 -21.58
CA ASN A 470 13.70 46.20 -21.04
C ASN A 470 13.93 45.62 -19.65
N LEU A 471 15.17 45.19 -19.41
CA LEU A 471 15.55 44.57 -18.13
C LEU A 471 15.10 45.37 -16.92
N TYR A 472 15.10 46.69 -17.02
CA TYR A 472 14.94 47.54 -15.84
C TYR A 472 13.51 48.06 -15.69
N GLN A 473 12.56 47.49 -16.43
CA GLN A 473 11.16 47.87 -16.40
C GLN A 473 10.32 46.62 -16.22
N THR A 474 9.46 46.61 -15.20
CA THR A 474 8.50 45.53 -15.10
C THR A 474 7.58 45.62 -16.30
N SER A 475 7.36 44.49 -16.97
CA SER A 475 6.75 44.55 -18.28
C SER A 475 5.28 44.96 -18.18
N PRO A 476 4.78 45.70 -19.16
CA PRO A 476 3.36 46.04 -19.19
C PRO A 476 2.58 44.86 -19.73
N HIS A 477 1.26 44.89 -19.49
CA HIS A 477 0.35 44.00 -20.21
C HIS A 477 0.64 44.06 -21.71
N THR A 478 0.85 42.91 -22.32
CA THR A 478 1.09 42.76 -23.74
C THR A 478 0.18 41.67 -24.30
N PRO A 479 0.02 41.61 -25.62
CA PRO A 479 -0.94 40.63 -26.18
C PRO A 479 -0.50 39.20 -25.94
N LEU A 480 -1.49 38.35 -25.66
CA LEU A 480 -1.27 36.90 -25.65
C LEU A 480 -1.72 36.32 -26.99
N PRO A 481 -0.81 35.73 -27.77
CA PRO A 481 -1.21 35.12 -29.04
C PRO A 481 -2.25 34.02 -28.85
N ASP A 482 -3.03 33.79 -29.90
CA ASP A 482 -3.96 32.68 -29.94
C ASP A 482 -3.17 31.38 -29.96
N PHE A 483 -3.29 30.60 -28.88
CA PHE A 483 -2.63 29.31 -28.75
C PHE A 483 -3.66 28.18 -28.72
N SER A 484 -4.85 28.42 -29.25
CA SER A 484 -5.96 27.47 -29.17
C SER A 484 -5.68 26.17 -29.92
N SER A 485 -4.79 26.18 -30.90
CA SER A 485 -4.52 24.95 -31.63
C SER A 485 -3.92 23.86 -30.75
N LEU A 486 -3.44 24.19 -29.55
CA LEU A 486 -2.97 23.22 -28.59
C LEU A 486 -4.06 22.76 -27.63
N ASP A 487 -5.28 23.28 -27.78
CA ASP A 487 -6.37 22.88 -26.91
C ASP A 487 -6.70 21.41 -27.10
N GLY A 488 -7.40 20.86 -26.12
CA GLY A 488 -7.89 19.50 -26.21
C GLY A 488 -6.93 18.48 -25.66
N SER A 489 -7.12 17.25 -26.12
CA SER A 489 -6.24 16.16 -25.74
C SER A 489 -4.80 16.49 -26.10
N ILE A 490 -3.88 16.15 -25.22
CA ILE A 490 -2.45 16.30 -25.48
C ILE A 490 -1.97 15.00 -26.11
N PRO A 491 -1.47 15.01 -27.35
CA PRO A 491 -1.01 13.76 -27.98
C PRO A 491 0.27 13.25 -27.33
N LYS A 492 0.44 11.93 -27.40
CA LYS A 492 1.68 11.30 -26.96
C LYS A 492 2.86 11.75 -27.82
N THR A 493 3.91 12.26 -27.18
CA THR A 493 5.11 12.65 -27.92
C THR A 493 6.36 11.89 -27.51
N ASN A 494 6.35 11.16 -26.40
CA ASN A 494 7.56 10.46 -25.99
C ASN A 494 7.21 9.31 -25.06
N GLU A 495 7.98 8.24 -25.18
CA GLU A 495 7.93 7.11 -24.26
C GLU A 495 9.34 6.76 -23.84
N THR A 496 9.56 6.60 -22.54
CA THR A 496 10.87 6.27 -21.99
C THR A 496 10.77 4.98 -21.21
N ASP A 497 11.76 4.10 -21.39
CA ASP A 497 11.84 2.84 -20.67
C ASP A 497 13.27 2.68 -20.23
N LEU A 498 13.49 2.75 -18.92
CA LEU A 498 14.80 2.52 -18.30
C LEU A 498 14.69 1.32 -17.39
N GLY A 499 15.68 0.46 -17.42
CA GLY A 499 15.67 -0.72 -16.57
C GLY A 499 17.06 -1.28 -16.45
N GLY A 500 17.35 -1.83 -15.28
CA GLY A 500 18.70 -2.30 -15.03
C GLY A 500 18.75 -3.34 -13.94
N VAL A 501 19.84 -4.08 -13.91
CA VAL A 501 20.08 -5.07 -12.88
C VAL A 501 21.50 -4.85 -12.36
N ALA A 502 21.65 -4.84 -11.04
CA ALA A 502 22.90 -4.44 -10.41
C ALA A 502 23.24 -5.43 -9.31
N LEU A 503 24.54 -5.75 -9.21
CA LEU A 503 25.06 -6.58 -8.13
C LEU A 503 26.23 -5.84 -7.48
N ALA A 504 26.16 -5.67 -6.17
CA ALA A 504 27.21 -4.96 -5.43
C ALA A 504 27.58 -5.73 -4.18
N ASP A 505 28.86 -5.68 -3.83
CA ASP A 505 29.34 -6.40 -2.66
C ASP A 505 30.24 -5.48 -1.86
N ARG A 506 29.94 -5.31 -0.58
CA ARG A 506 30.79 -4.59 0.35
C ARG A 506 31.59 -5.61 1.15
N LEU A 507 32.91 -5.61 0.93
CA LEU A 507 33.80 -6.48 1.67
C LEU A 507 34.30 -5.74 2.90
N SER A 508 34.13 -6.34 4.07
CA SER A 508 34.58 -5.74 5.31
C SER A 508 35.70 -6.60 5.88
N PHE A 509 36.83 -5.98 6.21
CA PHE A 509 38.01 -6.69 6.66
C PHE A 509 38.53 -6.00 7.90
N LEU A 510 39.25 -6.76 8.73
CA LEU A 510 39.93 -6.19 9.90
C LEU A 510 38.96 -5.43 10.80
N GLU A 511 37.88 -6.11 11.19
CA GLU A 511 36.88 -5.55 12.10
C GLU A 511 36.26 -4.27 11.54
N ASP A 512 35.95 -4.28 10.25
CA ASP A 512 35.27 -3.19 9.55
C ASP A 512 36.10 -1.91 9.48
N ARG A 513 37.41 -1.96 9.75
CA ARG A 513 38.25 -0.78 9.57
C ARG A 513 38.74 -0.66 8.15
N VAL A 514 38.59 -1.71 7.34
CA VAL A 514 38.88 -1.65 5.90
C VAL A 514 37.62 -2.12 5.19
N GLN A 515 37.11 -1.31 4.28
CA GLN A 515 35.88 -1.61 3.56
C GLN A 515 36.12 -1.41 2.07
N VAL A 516 35.92 -2.47 1.29
CA VAL A 516 36.05 -2.39 -0.15
C VAL A 516 34.72 -2.73 -0.79
N THR A 517 34.20 -1.82 -1.60
CA THR A 517 32.91 -2.03 -2.26
C THR A 517 33.10 -2.13 -3.76
N LEU A 518 32.51 -3.18 -4.36
CA LEU A 518 32.58 -3.41 -5.79
C LEU A 518 31.18 -3.67 -6.31
N GLY A 519 30.87 -3.11 -7.47
CA GLY A 519 29.59 -3.42 -8.09
C GLY A 519 29.62 -3.18 -9.57
N VAL A 520 28.67 -3.81 -10.27
CA VAL A 520 28.47 -3.56 -11.69
C VAL A 520 26.97 -3.61 -11.97
N ARG A 521 26.53 -2.73 -12.86
CA ARG A 521 25.12 -2.65 -13.23
C ARG A 521 25.02 -2.72 -14.74
N ARG A 522 24.08 -3.54 -15.23
CA ARG A 522 23.71 -3.51 -16.64
C ARG A 522 22.50 -2.59 -16.79
N GLN A 523 22.64 -1.52 -17.56
CA GLN A 523 21.61 -0.48 -17.66
C GLN A 523 21.04 -0.48 -19.07
N GLN A 524 19.72 -0.61 -19.18
CA GLN A 524 19.04 -0.48 -20.45
C GLN A 524 18.36 0.88 -20.57
N ILE A 525 18.53 1.51 -21.73
CA ILE A 525 17.95 2.81 -22.03
C ILE A 525 17.13 2.67 -23.31
N GLU A 526 15.90 3.17 -23.29
CA GLU A 526 15.05 3.15 -24.48
C GLU A 526 14.14 4.37 -24.46
N SER A 527 14.07 5.08 -25.59
CA SER A 527 13.11 6.16 -25.76
C SER A 527 12.53 6.13 -27.17
N ARG A 528 11.28 6.54 -27.29
CA ARG A 528 10.66 6.76 -28.59
C ARG A 528 10.01 8.14 -28.59
N ASN A 529 10.17 8.83 -29.71
CA ASN A 529 9.61 10.16 -29.90
C ASN A 529 8.62 10.18 -31.07
N TYR A 530 7.57 10.99 -30.91
CA TYR A 530 6.52 11.16 -31.91
C TYR A 530 6.30 12.66 -32.13
N ASP A 531 6.16 13.06 -33.39
CA ASP A 531 5.98 14.47 -33.70
C ASP A 531 4.65 14.96 -33.14
N GLN A 532 4.67 16.17 -32.55
CA GLN A 532 3.47 16.67 -31.86
C GLN A 532 2.35 16.98 -32.84
N THR A 533 2.68 17.39 -34.06
CA THR A 533 1.66 17.67 -35.08
C THR A 533 1.27 16.41 -35.85
N SER A 534 2.24 15.80 -36.53
CA SER A 534 1.96 14.66 -37.40
C SER A 534 1.76 13.36 -36.65
N GLY A 535 2.24 13.25 -35.42
CA GLY A 535 2.22 11.95 -34.77
C GLY A 535 3.19 10.95 -35.35
N ALA A 536 4.07 11.39 -36.24
CA ALA A 536 5.03 10.50 -36.87
C ALA A 536 6.12 10.08 -35.90
N ARG A 537 6.58 8.83 -36.05
CA ARG A 537 7.64 8.29 -35.22
C ARG A 537 8.97 8.85 -35.68
N THR A 538 9.54 9.74 -34.87
CA THR A 538 10.73 10.44 -35.30
C THR A 538 12.02 9.77 -34.85
N SER A 539 12.01 9.09 -33.70
CA SER A 539 13.22 8.48 -33.20
C SER A 539 12.87 7.35 -32.23
N HIS A 540 13.70 6.32 -32.25
CA HIS A 540 13.61 5.20 -31.32
C HIS A 540 15.04 4.86 -30.91
N ASP A 541 15.45 5.33 -29.73
CA ASP A 541 16.78 5.05 -29.18
C ASP A 541 16.70 3.83 -28.27
N LYS A 542 17.63 2.89 -28.42
CA LYS A 542 17.64 1.73 -27.54
C LYS A 542 19.09 1.30 -27.34
N ARG A 543 19.52 1.27 -26.09
CA ARG A 543 20.91 1.05 -25.73
C ARG A 543 20.99 0.22 -24.46
N HIS A 544 22.12 -0.46 -24.29
CA HIS A 544 22.48 -0.99 -22.98
C HIS A 544 23.95 -0.68 -22.74
N VAL A 545 24.28 -0.45 -21.49
CA VAL A 545 25.63 -0.13 -21.09
C VAL A 545 25.90 -0.83 -19.77
N TRP A 546 27.16 -1.16 -19.54
CA TRP A 546 27.61 -1.68 -18.27
C TRP A 546 28.32 -0.56 -17.52
N THR A 547 28.06 -0.47 -16.22
CA THR A 547 28.63 0.63 -15.50
C THR A 547 29.02 0.10 -14.12
N PRO A 548 30.28 0.32 -13.70
CA PRO A 548 30.75 -0.28 -12.45
C PRO A 548 31.06 0.74 -11.36
N MET A 549 31.37 0.26 -10.16
CA MET A 549 31.96 1.10 -9.12
C MET A 549 33.01 0.31 -8.37
N ALA A 550 33.95 1.06 -7.78
CA ALA A 550 34.92 0.49 -6.86
C ALA A 550 35.20 1.55 -5.81
N SER A 551 35.31 1.12 -4.55
CA SER A 551 35.64 2.06 -3.50
C SER A 551 36.40 1.35 -2.40
N VAL A 552 37.16 2.13 -1.64
CA VAL A 552 37.89 1.62 -0.49
C VAL A 552 37.82 2.68 0.61
N LEU A 553 37.56 2.23 1.83
CA LEU A 553 37.55 3.09 2.99
C LEU A 553 38.38 2.44 4.08
N VAL A 554 39.22 3.26 4.74
N VAL A 554 39.23 3.25 4.72
CA VAL A 554 40.07 2.79 5.83
CA VAL A 554 40.03 2.78 5.85
C VAL A 554 39.88 3.73 7.02
C VAL A 554 39.80 3.73 7.02
N LYS A 555 39.83 3.16 8.23
CA LYS A 555 39.67 3.93 9.47
C LYS A 555 40.94 3.78 10.30
N PRO A 556 41.98 4.57 10.02
CA PRO A 556 43.17 4.52 10.88
C PRO A 556 42.84 4.83 12.33
N LEU A 557 42.02 5.85 12.56
CA LEU A 557 41.45 6.10 13.87
C LEU A 557 39.98 5.72 13.84
N GLN A 558 39.41 5.51 15.02
CA GLN A 558 37.98 5.23 15.07
C GLN A 558 37.17 6.37 14.48
N ASP A 559 37.65 7.61 14.62
CA ASP A 559 36.92 8.78 14.17
C ASP A 559 37.53 9.46 12.95
N LEU A 560 38.35 8.75 12.19
CA LEU A 560 38.96 9.29 10.99
C LEU A 560 38.79 8.28 9.88
N SER A 561 38.17 8.70 8.78
CA SER A 561 37.89 7.83 7.66
C SER A 561 38.61 8.38 6.44
N LEU A 562 39.36 7.53 5.75
CA LEU A 562 39.99 7.88 4.50
C LEU A 562 39.36 7.03 3.41
N TYR A 563 39.11 7.62 2.24
CA TYR A 563 38.37 6.84 1.24
C TYR A 563 38.78 7.25 -0.17
N ALA A 564 38.48 6.35 -1.12
CA ALA A 564 38.58 6.62 -2.53
C ALA A 564 37.43 5.91 -3.23
N ASN A 565 36.92 6.51 -4.30
CA ASN A 565 35.95 5.80 -5.11
C ASN A 565 36.25 6.02 -6.59
N TYR A 566 35.68 5.12 -7.38
CA TYR A 566 35.53 5.27 -8.81
C TYR A 566 34.08 4.92 -9.13
N ILE A 567 33.40 5.78 -9.89
CA ILE A 567 31.99 5.58 -10.19
C ILE A 567 31.68 6.36 -11.45
N GLN A 568 30.61 5.95 -12.16
CA GLN A 568 30.24 6.58 -13.43
C GLN A 568 28.87 7.25 -13.35
N GLY A 569 28.66 8.17 -14.29
CA GLY A 569 27.34 8.73 -14.54
C GLY A 569 26.97 8.44 -15.97
N LEU A 570 25.66 8.36 -16.22
CA LEU A 570 25.14 8.06 -17.55
C LEU A 570 24.15 9.13 -17.96
N SER A 571 24.24 9.54 -19.23
CA SER A 571 23.24 10.40 -19.83
C SER A 571 22.85 9.83 -21.20
N GLN A 572 21.56 9.89 -21.52
CA GLN A 572 21.13 9.53 -22.87
C GLN A 572 21.77 10.46 -23.89
N GLY A 573 22.21 9.90 -25.00
CA GLY A 573 22.77 10.72 -26.06
C GLY A 573 21.79 11.75 -26.58
N GLU A 574 22.33 12.80 -27.17
CA GLU A 574 21.51 13.87 -27.70
C GLU A 574 21.14 13.60 -29.15
N ALA A 575 19.96 14.09 -29.55
CA ALA A 575 19.60 14.09 -30.96
C ALA A 575 20.27 15.27 -31.66
N ALA A 576 20.78 15.01 -32.85
CA ALA A 576 21.44 16.07 -33.60
C ALA A 576 20.41 17.13 -34.03
N PRO A 577 20.76 18.41 -33.91
CA PRO A 577 19.78 19.46 -34.23
C PRO A 577 19.34 19.38 -35.68
N MET A 578 18.10 19.82 -35.93
CA MET A 578 17.53 19.73 -37.27
C MET A 578 18.19 20.73 -38.22
N THR A 579 19.52 20.85 -38.09
CA THR A 579 20.34 21.72 -38.92
C THR A 579 21.61 21.04 -39.42
N ALA A 580 22.08 19.99 -38.75
CA ALA A 580 23.36 19.36 -39.05
C ALA A 580 23.18 18.26 -40.09
N ALA A 581 24.31 17.71 -40.54
CA ALA A 581 24.27 16.66 -41.56
C ALA A 581 23.50 15.43 -41.07
N ASN A 582 23.73 15.03 -39.81
CA ASN A 582 23.05 13.89 -39.22
C ASN A 582 21.83 14.31 -38.39
N ALA A 583 21.11 15.34 -38.82
CA ALA A 583 19.97 15.87 -38.08
C ALA A 583 19.01 14.76 -37.69
N GLY A 584 18.53 14.82 -36.44
CA GLY A 584 17.60 13.85 -35.91
C GLY A 584 18.24 12.60 -35.32
N GLN A 585 19.44 12.24 -35.77
CA GLN A 585 20.16 11.12 -35.17
C GLN A 585 20.50 11.43 -33.71
N VAL A 586 20.21 10.49 -32.82
CA VAL A 586 20.49 10.64 -31.41
C VAL A 586 21.69 9.75 -31.07
N LEU A 587 22.70 10.34 -30.42
CA LEU A 587 24.00 9.73 -30.26
C LEU A 587 23.99 8.67 -29.16
N ALA A 588 25.11 7.96 -29.06
CA ALA A 588 25.29 6.96 -28.01
C ALA A 588 25.29 7.63 -26.65
N PRO A 589 24.98 6.89 -25.58
CA PRO A 589 24.91 7.50 -24.24
C PRO A 589 26.26 8.05 -23.81
N TYR A 590 26.23 9.10 -22.98
CA TYR A 590 27.45 9.72 -22.45
C TYR A 590 27.81 9.07 -21.13
N LYS A 591 29.06 8.63 -21.01
CA LYS A 591 29.55 7.96 -19.83
C LYS A 591 30.47 8.92 -19.08
N ALA A 592 29.97 9.48 -17.97
CA ALA A 592 30.82 10.30 -17.13
C ALA A 592 31.60 9.40 -16.17
N GLU A 593 32.81 9.83 -15.81
CA GLU A 593 33.65 9.02 -14.92
C GLU A 593 34.18 9.87 -13.77
N GLN A 594 34.03 9.36 -12.56
CA GLN A 594 34.50 10.06 -11.37
C GLN A 594 35.58 9.24 -10.68
N TYR A 595 36.65 9.94 -10.28
CA TYR A 595 37.55 9.48 -9.23
C TYR A 595 37.45 10.47 -8.09
N GLU A 596 37.36 9.96 -6.86
CA GLU A 596 37.35 10.82 -5.69
C GLU A 596 38.24 10.23 -4.61
N ILE A 597 38.94 11.09 -3.86
CA ILE A 597 39.58 10.71 -2.62
C ILE A 597 39.20 11.72 -1.56
N GLY A 598 39.10 11.28 -0.32
CA GLY A 598 38.78 12.23 0.72
C GLY A 598 39.06 11.67 2.10
N ALA A 599 38.77 12.52 3.08
CA ALA A 599 39.04 12.26 4.48
C ALA A 599 37.94 12.90 5.30
N LYS A 600 37.48 12.17 6.32
CA LYS A 600 36.45 12.67 7.21
C LYS A 600 36.92 12.51 8.65
N TYR A 601 36.77 13.56 9.44
CA TYR A 601 37.29 13.58 10.80
C TYR A 601 36.18 14.00 11.75
N ASP A 602 35.78 13.12 12.66
CA ASP A 602 34.65 13.35 13.56
C ASP A 602 35.19 13.62 14.95
N LEU A 603 35.23 14.90 15.33
CA LEU A 603 35.69 15.32 16.64
C LEU A 603 34.65 15.11 17.74
N GLY A 604 33.54 14.44 17.44
CA GLY A 604 32.50 14.26 18.45
C GLY A 604 31.33 15.20 18.24
N GLY A 605 31.52 16.48 18.57
CA GLY A 605 30.50 17.49 18.34
C GLY A 605 30.57 18.18 17.00
N PHE A 606 31.62 17.94 16.22
CA PHE A 606 31.65 18.50 14.88
C PHE A 606 32.59 17.68 14.03
N THR A 607 32.42 17.81 12.73
CA THR A 607 33.09 17.00 11.74
C THR A 607 33.72 17.93 10.72
N THR A 608 34.90 17.58 10.25
CA THR A 608 35.51 18.24 9.11
C THR A 608 35.76 17.20 8.03
N THR A 609 35.47 17.58 6.79
CA THR A 609 35.68 16.69 5.65
C THR A 609 36.49 17.42 4.60
N LEU A 610 37.18 16.64 3.79
CA LEU A 610 37.89 17.15 2.63
C LEU A 610 37.71 16.14 1.51
N ALA A 611 37.68 16.63 0.29
CA ALA A 611 37.52 15.76 -0.86
C ALA A 611 38.23 16.38 -2.04
N LEU A 612 38.81 15.53 -2.86
CA LEU A 612 39.28 15.92 -4.18
C LEU A 612 38.61 15.00 -5.18
N PHE A 613 38.11 15.58 -6.27
CA PHE A 613 37.45 14.77 -7.29
C PHE A 613 37.86 15.21 -8.69
N GLU A 614 37.68 14.30 -9.62
CA GLU A 614 37.64 14.64 -11.02
C GLU A 614 36.40 14.00 -11.61
N ILE A 615 35.70 14.74 -12.45
CA ILE A 615 34.63 14.16 -13.27
C ILE A 615 34.91 14.50 -14.73
N ARG A 616 35.06 13.47 -15.55
CA ARG A 616 35.14 13.64 -16.99
C ARG A 616 33.84 13.17 -17.60
N LYS A 617 33.31 13.93 -18.56
CA LYS A 617 32.05 13.62 -19.25
C LYS A 617 32.15 14.05 -20.71
N PRO A 618 31.79 13.19 -21.65
CA PRO A 618 31.69 13.63 -23.05
C PRO A 618 30.58 14.66 -23.23
N ASN A 619 30.83 15.60 -24.15
N ASN A 619 30.78 15.56 -24.18
CA ASN A 619 29.87 16.59 -24.60
CA ASN A 619 29.75 16.50 -24.59
C ASN A 619 29.64 16.41 -26.10
C ASN A 619 29.70 16.53 -26.10
N ALA A 620 28.59 17.05 -26.62
CA ALA A 620 28.31 17.02 -28.05
C ALA A 620 28.24 18.43 -28.61
N TYR A 621 28.84 18.61 -29.79
CA TYR A 621 28.77 19.87 -30.53
C TYR A 621 28.74 19.55 -32.02
N THR A 622 28.29 20.53 -32.80
CA THR A 622 28.34 20.43 -34.25
C THR A 622 29.68 20.98 -34.73
N ASP A 623 30.38 20.21 -35.55
CA ASP A 623 31.73 20.57 -35.97
C ASP A 623 31.69 21.33 -37.30
N ALA A 624 32.84 21.45 -37.96
CA ALA A 624 32.91 22.20 -39.22
C ALA A 624 32.14 21.49 -40.32
N SER A 625 32.24 20.16 -40.39
CA SER A 625 31.51 19.30 -41.31
C SER A 625 30.00 19.28 -41.04
N ASN A 626 29.50 20.19 -40.18
CA ASN A 626 28.14 20.19 -39.68
C ASN A 626 27.68 18.78 -39.32
N VAL A 627 28.59 18.00 -38.72
CA VAL A 627 28.27 16.67 -38.21
C VAL A 627 28.24 16.75 -36.69
N PHE A 628 27.08 16.46 -36.11
CA PHE A 628 26.91 16.42 -34.67
C PHE A 628 27.60 15.18 -34.11
N ARG A 629 28.57 15.40 -33.22
CA ARG A 629 29.33 14.28 -32.68
C ARG A 629 29.56 14.51 -31.19
N ALA A 630 29.75 13.40 -30.48
CA ALA A 630 30.00 13.43 -29.04
C ALA A 630 31.47 13.48 -28.73
N ASP A 631 32.23 14.29 -29.47
CA ASP A 631 33.69 14.31 -29.38
C ASP A 631 34.22 15.29 -28.35
N GLY A 632 33.37 16.09 -27.74
CA GLY A 632 33.84 16.98 -26.71
C GLY A 632 34.05 16.28 -25.38
N GLU A 633 34.78 16.94 -24.49
CA GLU A 633 34.92 16.42 -23.14
C GLU A 633 34.99 17.58 -22.16
N GLN A 634 34.23 17.47 -21.07
CA GLN A 634 34.34 18.36 -19.92
C GLN A 634 35.11 17.60 -18.84
N ARG A 635 36.05 18.29 -18.20
CA ARG A 635 36.86 17.68 -17.15
C ARG A 635 36.83 18.64 -15.97
N ASN A 636 36.08 18.28 -14.93
CA ASN A 636 35.92 19.10 -13.74
C ASN A 636 36.79 18.51 -12.64
N ARG A 637 37.73 19.29 -12.15
CA ARG A 637 38.57 18.84 -11.05
C ARG A 637 38.38 19.81 -9.88
N GLY A 638 38.10 19.27 -8.71
CA GLY A 638 37.66 20.12 -7.62
C GLY A 638 38.15 19.66 -6.26
N VAL A 639 38.09 20.60 -5.33
CA VAL A 639 38.40 20.39 -3.92
C VAL A 639 37.21 20.87 -3.11
N GLU A 640 36.81 20.08 -2.13
CA GLU A 640 35.71 20.47 -1.26
C GLU A 640 36.15 20.32 0.18
N LEU A 641 35.86 21.36 0.99
CA LEU A 641 36.12 21.35 2.42
C LEU A 641 34.83 21.72 3.13
N SER A 642 34.55 21.03 4.24
CA SER A 642 33.41 21.46 5.05
C SER A 642 33.69 21.17 6.52
N LEU A 643 32.99 21.92 7.38
CA LEU A 643 32.91 21.66 8.80
C LEU A 643 31.46 21.83 9.20
N TYR A 644 30.94 20.91 10.01
CA TYR A 644 29.57 21.06 10.50
C TYR A 644 29.44 20.43 11.88
N GLY A 645 28.51 20.96 12.65
CA GLY A 645 28.22 20.36 13.92
C GLY A 645 27.83 21.43 14.92
N GLU A 646 28.19 21.17 16.17
CA GLU A 646 27.98 22.10 17.27
C GLU A 646 29.30 22.22 18.02
N PRO A 647 30.23 23.04 17.51
CA PRO A 647 31.59 23.04 18.07
C PRO A 647 31.72 23.78 19.39
N LEU A 648 30.72 24.58 19.76
CA LEU A 648 30.57 25.14 21.09
C LEU A 648 29.13 24.93 21.51
N ASP A 649 28.90 24.77 22.81
CA ASP A 649 27.54 24.60 23.30
C ASP A 649 26.64 25.74 22.80
N GLY A 650 25.49 25.38 22.23
CA GLY A 650 24.54 26.36 21.73
C GLY A 650 25.00 27.17 20.53
N VAL A 651 26.05 26.75 19.83
CA VAL A 651 26.50 27.41 18.61
C VAL A 651 26.68 26.33 17.55
N ARG A 652 25.74 26.25 16.62
CA ARG A 652 25.84 25.29 15.53
C ARG A 652 26.41 25.99 14.31
N VAL A 653 27.23 25.26 13.56
CA VAL A 653 27.96 25.85 12.45
C VAL A 653 27.95 24.87 11.30
N MET A 654 27.63 25.38 10.11
CA MET A 654 27.80 24.65 8.86
C MET A 654 28.61 25.56 7.95
N ALA A 655 29.81 25.13 7.61
CA ALA A 655 30.70 25.94 6.81
C ALA A 655 31.32 25.05 5.75
N GLY A 656 31.38 25.54 4.53
CA GLY A 656 32.02 24.77 3.48
C GLY A 656 32.47 25.66 2.35
N ALA A 657 33.40 25.14 1.57
CA ALA A 657 33.85 25.87 0.40
C ALA A 657 34.27 24.84 -0.64
N THR A 658 34.16 25.24 -1.89
CA THR A 658 34.58 24.39 -2.97
C THR A 658 35.35 25.22 -3.96
N TYR A 659 36.32 24.57 -4.59
CA TYR A 659 37.07 25.15 -5.69
CA TYR A 659 37.07 25.16 -5.69
C TYR A 659 37.08 24.14 -6.82
N ILE A 660 36.80 24.59 -8.02
CA ILE A 660 36.69 23.68 -9.15
C ILE A 660 37.36 24.32 -10.36
N LYS A 661 38.10 23.51 -11.12
CA LYS A 661 38.53 23.89 -12.45
C LYS A 661 37.62 23.18 -13.44
N PRO A 662 36.64 23.86 -14.03
CA PRO A 662 35.71 23.18 -14.95
C PRO A 662 36.11 23.36 -16.40
N GLU A 663 36.91 22.44 -16.90
CA GLU A 663 37.65 22.59 -18.14
C GLU A 663 36.82 22.11 -19.33
N GLN A 664 36.70 22.94 -20.37
CA GLN A 664 36.26 22.46 -21.68
C GLN A 664 37.49 21.92 -22.41
N ASN A 665 37.96 20.75 -21.96
CA ASN A 665 39.28 20.26 -22.37
C ASN A 665 39.29 19.64 -23.76
N LYS A 666 38.13 19.45 -24.39
CA LYS A 666 38.10 19.06 -25.79
C LYS A 666 36.86 19.69 -26.40
N THR A 667 37.09 20.62 -27.34
CA THR A 667 36.04 21.25 -28.14
C THR A 667 36.49 21.21 -29.59
N GLY A 668 35.60 21.62 -30.48
CA GLY A 668 35.98 21.69 -31.88
C GLY A 668 36.25 23.12 -32.29
N ASP A 669 37.02 23.85 -31.49
CA ASP A 669 37.09 25.30 -31.57
C ASP A 669 38.24 25.83 -30.73
N PRO A 670 39.14 26.65 -31.30
CA PRO A 670 40.21 27.23 -30.48
C PRO A 670 39.71 28.28 -29.50
N ALA A 671 38.65 29.02 -29.84
CA ALA A 671 38.14 30.06 -28.97
C ALA A 671 37.64 29.51 -27.63
N SER A 672 37.20 28.26 -27.62
CA SER A 672 36.66 27.64 -26.41
C SER A 672 37.57 26.58 -25.82
N GLU A 673 38.55 26.12 -26.58
CA GLU A 673 39.43 25.03 -26.15
C GLU A 673 40.15 25.39 -24.86
N GLY A 674 39.96 24.57 -23.83
CA GLY A 674 40.60 24.78 -22.55
C GLY A 674 39.96 25.82 -21.66
N LYS A 675 38.92 26.51 -22.12
CA LYS A 675 38.26 27.52 -21.31
C LYS A 675 37.31 26.85 -20.30
N ASP A 676 36.68 27.68 -19.46
CA ASP A 676 35.83 27.16 -18.41
C ASP A 676 34.43 26.85 -18.95
N ALA A 677 33.84 25.77 -18.46
CA ALA A 677 32.45 25.47 -18.78
C ALA A 677 31.54 26.61 -18.33
N PRO A 678 30.63 27.08 -19.16
CA PRO A 678 29.74 28.17 -18.71
C PRO A 678 28.88 27.72 -17.54
N GLY A 679 28.52 28.68 -16.70
CA GLY A 679 27.67 28.39 -15.56
C GLY A 679 28.32 27.67 -14.40
N VAL A 680 29.65 27.66 -14.31
CA VAL A 680 30.34 26.94 -13.23
C VAL A 680 31.36 27.91 -12.63
N ALA A 681 31.02 28.52 -11.51
CA ALA A 681 31.97 29.36 -10.80
C ALA A 681 33.13 28.51 -10.30
N ARG A 682 34.32 29.09 -10.29
CA ARG A 682 35.47 28.36 -9.78
C ARG A 682 35.46 28.27 -8.27
N ARG A 683 34.84 29.23 -7.59
CA ARG A 683 34.79 29.21 -6.14
C ARG A 683 33.37 29.44 -5.66
N GLN A 684 33.02 28.74 -4.58
CA GLN A 684 31.73 28.83 -3.92
C GLN A 684 32.00 28.52 -2.45
N ALA A 685 31.21 29.16 -1.57
CA ALA A 685 31.35 28.94 -0.15
C ALA A 685 30.04 29.29 0.52
N ASN A 686 29.79 28.64 1.66
CA ASN A 686 28.64 28.90 2.53
C ASN A 686 29.14 28.91 3.97
N LEU A 687 28.53 29.76 4.78
CA LEU A 687 28.78 29.78 6.22
C LEU A 687 27.46 30.07 6.92
N GLY A 688 27.03 29.14 7.76
CA GLY A 688 25.83 29.31 8.55
C GLY A 688 26.13 29.15 10.03
N VAL A 689 25.51 30.01 10.83
CA VAL A 689 25.66 29.99 12.28
C VAL A 689 24.26 30.05 12.89
N SER A 690 24.01 29.20 13.88
CA SER A 690 22.74 29.23 14.60
C SER A 690 23.12 29.23 16.07
N TRP A 691 22.60 30.21 16.81
CA TRP A 691 23.12 30.55 18.12
C TRP A 691 21.98 30.59 19.13
N ASP A 692 21.97 29.65 20.05
CA ASP A 692 21.06 29.72 21.19
C ASP A 692 21.63 30.76 22.14
N THR A 693 20.99 31.92 22.19
CA THR A 693 21.49 33.00 23.02
C THR A 693 21.48 32.56 24.49
N PRO A 694 22.59 32.66 25.20
CA PRO A 694 22.60 32.28 26.62
C PRO A 694 21.78 33.23 27.50
N PHE A 695 21.36 34.38 26.97
CA PHE A 695 20.80 35.45 27.78
C PHE A 695 19.33 35.74 27.52
N VAL A 696 18.70 35.12 26.52
CA VAL A 696 17.24 35.17 26.39
C VAL A 696 16.74 33.73 26.30
N ASP A 697 15.81 33.37 27.19
CA ASP A 697 15.35 31.99 27.28
C ASP A 697 14.54 31.65 26.03
N GLY A 698 14.94 30.60 25.32
CA GLY A 698 14.23 30.14 24.14
C GLY A 698 14.52 30.88 22.86
N LEU A 699 15.48 31.81 22.85
CA LEU A 699 15.74 32.61 21.66
C LEU A 699 16.95 32.07 20.92
N THR A 700 16.79 31.87 19.61
CA THR A 700 17.86 31.38 18.74
C THR A 700 18.01 32.35 17.57
N LEU A 701 19.25 32.72 17.25
CA LEU A 701 19.57 33.66 16.18
C LEU A 701 20.39 32.95 15.11
N ASP A 702 20.01 33.15 13.85
CA ASP A 702 20.64 32.48 12.74
C ASP A 702 21.17 33.51 11.76
N SER A 703 22.26 33.16 11.09
CA SER A 703 22.75 33.98 10.00
C SER A 703 23.42 33.05 8.99
N ARG A 704 23.43 33.49 7.75
CA ARG A 704 24.00 32.69 6.67
C ARG A 704 24.65 33.64 5.68
N TRP A 705 25.73 33.17 5.08
CA TRP A 705 26.46 33.91 4.06
C TRP A 705 26.73 32.94 2.93
N ILE A 706 26.23 33.26 1.75
CA ILE A 706 26.37 32.42 0.57
C ILE A 706 27.20 33.20 -0.43
N TYR A 707 28.21 32.54 -0.98
CA TYR A 707 29.12 33.19 -1.92
C TYR A 707 29.27 32.34 -3.16
N THR A 708 29.29 33.02 -4.30
CA THR A 708 29.49 32.39 -5.59
C THR A 708 30.39 33.30 -6.39
N GLY A 709 31.51 32.76 -6.88
CA GLY A 709 32.44 33.55 -7.65
C GLY A 709 31.92 33.86 -9.04
N SER A 710 32.74 34.63 -9.77
CA SER A 710 32.44 34.93 -11.16
C SER A 710 32.35 33.65 -11.97
N ALA A 711 31.51 33.69 -13.02
CA ALA A 711 31.33 32.58 -13.94
C ALA A 711 31.09 33.17 -15.33
N TYR A 712 30.98 32.30 -16.33
CA TYR A 712 30.80 32.71 -17.71
C TYR A 712 29.51 32.12 -18.26
N VAL A 713 28.95 32.78 -19.28
CA VAL A 713 27.76 32.27 -19.95
C VAL A 713 28.09 31.57 -21.26
N ASP A 714 29.26 31.83 -21.84
CA ASP A 714 29.59 31.37 -23.18
C ASP A 714 30.82 30.47 -23.16
N SER A 715 30.88 29.57 -24.15
CA SER A 715 32.00 28.65 -24.22
C SER A 715 33.33 29.37 -24.44
N ALA A 716 33.29 30.57 -25.04
CA ALA A 716 34.51 31.34 -25.27
C ALA A 716 34.93 32.17 -24.07
N ASN A 717 34.08 32.25 -23.04
CA ASN A 717 34.37 33.01 -21.81
C ASN A 717 34.54 34.50 -22.07
N ALA A 718 33.97 35.03 -23.15
CA ALA A 718 34.01 36.46 -23.37
C ALA A 718 32.95 37.20 -22.55
N LEU A 719 32.02 36.50 -21.93
CA LEU A 719 30.91 37.13 -21.21
C LEU A 719 30.93 36.62 -19.77
N ALA A 720 31.54 37.39 -18.88
CA ALA A 720 31.61 37.02 -17.48
C ALA A 720 30.46 37.65 -16.71
N VAL A 721 29.99 36.94 -15.69
CA VAL A 721 29.02 37.52 -14.79
C VAL A 721 29.72 37.68 -13.45
N PRO A 722 29.42 38.72 -12.68
CA PRO A 722 30.16 38.98 -11.44
C PRO A 722 29.90 37.91 -10.40
N HIS A 723 30.84 37.80 -9.47
CA HIS A 723 30.59 37.09 -8.22
C HIS A 723 29.41 37.73 -7.51
N TRP A 724 28.85 36.99 -6.54
CA TRP A 724 27.75 37.54 -5.75
C TRP A 724 27.75 36.94 -4.36
N ASN A 725 27.11 37.65 -3.46
CA ASN A 725 27.00 37.30 -2.05
C ASN A 725 25.55 37.44 -1.63
N ARG A 726 25.10 36.55 -0.77
CA ARG A 726 23.76 36.65 -0.21
C ARG A 726 23.86 36.43 1.29
N VAL A 727 23.14 37.23 2.05
CA VAL A 727 23.11 37.14 3.49
C VAL A 727 21.68 36.85 3.91
N ASP A 728 21.52 35.84 4.76
CA ASP A 728 20.23 35.54 5.38
C ASP A 728 20.32 35.76 6.88
N LEU A 729 19.25 36.27 7.47
CA LEU A 729 19.14 36.42 8.92
C LEU A 729 17.89 35.71 9.40
N GLY A 730 18.00 35.01 10.53
CA GLY A 730 16.87 34.27 11.07
C GLY A 730 16.79 34.36 12.58
N ALA A 731 15.61 34.07 13.09
CA ALA A 731 15.40 34.08 14.52
C ALA A 731 14.26 33.13 14.85
N ALA A 732 14.40 32.42 15.96
CA ALA A 732 13.33 31.57 16.47
C ALA A 732 13.15 31.83 17.95
N TYR A 733 11.90 31.93 18.37
CA TYR A 733 11.55 32.16 19.77
C TYR A 733 10.59 31.09 20.26
N ALA A 734 11.07 30.21 21.15
CA ALA A 734 10.28 29.12 21.71
C ALA A 734 9.71 29.53 23.07
N PHE A 735 8.41 29.32 23.24
CA PHE A 735 7.72 29.67 24.48
C PHE A 735 6.52 28.74 24.63
N GLN A 736 5.89 28.81 25.81
CA GLN A 736 4.73 27.99 26.12
C GLN A 736 3.51 28.87 26.37
N VAL A 737 2.35 28.38 25.95
CA VAL A 737 1.07 28.99 26.26
C VAL A 737 0.10 27.88 26.64
N ALA A 738 -0.41 27.93 27.87
CA ALA A 738 -1.34 26.91 28.39
C ALA A 738 -0.71 25.53 28.41
N GLY A 739 0.60 25.46 28.68
CA GLY A 739 1.30 24.21 28.75
C GLY A 739 1.77 23.63 27.43
N LYS A 740 1.45 24.28 26.28
CA LYS A 740 1.80 23.72 24.98
C LYS A 740 2.92 24.51 24.31
N PRO A 741 3.85 23.84 23.63
CA PRO A 741 4.99 24.54 23.03
C PRO A 741 4.58 25.33 21.79
N LEU A 742 5.02 26.58 21.73
CA LEU A 742 4.89 27.39 20.53
C LEU A 742 6.28 27.90 20.13
N VAL A 743 6.45 28.15 18.83
CA VAL A 743 7.68 28.71 18.31
C VAL A 743 7.30 29.74 17.25
N ALA A 744 7.70 30.98 17.47
CA ALA A 744 7.61 32.05 16.48
C ALA A 744 8.92 32.14 15.72
N ARG A 745 8.84 32.29 14.40
CA ARG A 745 10.05 32.30 13.59
C ARG A 745 10.02 33.45 12.61
N ALA A 746 11.22 33.91 12.24
CA ALA A 746 11.40 34.90 11.20
C ALA A 746 12.60 34.49 10.36
N ASN A 747 12.46 34.58 9.04
CA ASN A 747 13.56 34.32 8.14
C ASN A 747 13.61 35.44 7.12
N LEU A 748 14.77 36.07 7.00
CA LEU A 748 14.99 37.18 6.08
C LEU A 748 16.03 36.71 5.07
N GLU A 749 15.59 36.31 3.88
CA GLU A 749 16.50 35.85 2.85
C GLU A 749 16.97 37.03 2.00
N ASN A 750 18.24 36.98 1.60
CA ASN A 750 18.83 38.11 0.86
C ASN A 750 18.56 39.42 1.62
N ALA A 751 19.04 39.44 2.87
CA ALA A 751 18.74 40.56 3.78
C ALA A 751 19.30 41.88 3.27
N LEU A 752 20.41 41.86 2.56
CA LEU A 752 20.95 43.10 2.01
C LEU A 752 20.24 43.53 0.73
N GLY A 753 19.40 42.68 0.15
CA GLY A 753 18.69 43.07 -1.05
C GLY A 753 19.63 43.24 -2.22
N LYS A 754 20.56 42.31 -2.39
CA LYS A 754 21.45 42.34 -3.53
C LYS A 754 20.75 41.75 -4.75
N ASP A 755 21.07 42.31 -5.91
CA ASP A 755 20.54 41.84 -7.19
C ASP A 755 21.71 41.23 -7.96
N TYR A 756 21.53 40.01 -8.44
CA TYR A 756 22.63 39.34 -9.11
C TYR A 756 22.10 38.33 -10.12
N TRP A 757 22.91 38.05 -11.13
CA TRP A 757 22.67 36.97 -12.07
C TRP A 757 23.30 35.68 -11.56
N THR A 758 22.62 34.57 -11.74
CA THR A 758 23.24 33.25 -11.66
C THR A 758 23.49 32.81 -13.10
N ALA A 759 24.75 32.51 -13.42
CA ALA A 759 25.12 32.15 -14.78
C ALA A 759 24.74 30.71 -15.08
N ALA A 760 24.27 30.47 -16.31
CA ALA A 760 24.09 29.12 -16.83
C ALA A 760 24.69 29.08 -18.23
N ASN A 761 24.51 27.98 -18.95
CA ASN A 761 25.09 27.85 -20.29
C ASN A 761 24.18 28.53 -21.29
N GLY A 762 24.49 29.79 -21.60
CA GLY A 762 23.75 30.53 -22.61
C GLY A 762 22.70 31.48 -22.06
N TYR A 763 22.42 31.42 -20.76
CA TYR A 763 21.41 32.27 -20.16
C TYR A 763 21.76 32.55 -18.70
N LEU A 764 20.91 33.36 -18.07
CA LEU A 764 21.09 33.87 -16.72
C LEU A 764 19.75 33.83 -15.99
N SER A 765 19.75 33.50 -14.70
CA SER A 765 18.53 33.64 -13.91
C SER A 765 18.68 34.73 -12.87
N ILE A 766 17.71 35.65 -12.87
CA ILE A 766 17.70 36.76 -11.94
C ILE A 766 17.50 36.24 -10.53
N SER A 767 18.16 36.88 -9.58
CA SER A 767 18.01 36.56 -8.17
C SER A 767 16.61 36.90 -7.68
N SER A 768 16.19 36.22 -6.58
CA SER A 768 15.00 36.58 -5.84
C SER A 768 15.28 37.75 -4.90
N PRO A 769 14.30 38.64 -4.71
CA PRO A 769 14.51 39.81 -3.86
C PRO A 769 14.57 39.43 -2.39
N ARG A 770 14.96 40.40 -1.57
CA ARG A 770 14.83 40.28 -0.12
C ARG A 770 13.43 39.79 0.24
N THR A 771 13.36 38.80 1.13
CA THR A 771 12.11 38.07 1.33
C THR A 771 12.00 37.69 2.80
N LEU A 772 11.09 38.34 3.51
CA LEU A 772 10.80 37.99 4.90
C LEU A 772 9.65 37.01 4.96
N SER A 773 9.81 35.96 5.75
CA SER A 773 8.72 35.09 6.14
C SER A 773 8.66 35.02 7.65
N LEU A 774 7.45 34.95 8.18
CA LEU A 774 7.19 34.87 9.61
C LEU A 774 6.24 33.71 9.85
N SER A 775 6.45 32.97 10.94
CA SER A 775 5.61 31.81 11.17
C SER A 775 5.40 31.62 12.66
N LEU A 776 4.26 31.05 13.00
CA LEU A 776 3.94 30.64 14.36
C LEU A 776 3.48 29.19 14.31
N THR A 777 4.11 28.35 15.13
CA THR A 777 3.87 26.91 15.17
C THR A 777 3.45 26.52 16.57
N ALA A 778 2.39 25.71 16.69
CA ALA A 778 1.94 25.20 17.98
C ALA A 778 1.74 23.69 17.93
N ASP A 779 2.15 23.00 19.00
CA ASP A 779 1.93 21.57 19.16
C ASP A 779 0.79 21.34 20.15
N PHE A 780 -0.27 20.67 19.71
CA PHE A 780 -1.45 20.43 20.54
C PHE A 780 -1.53 18.99 21.06
N ALA B 107 -2.27 -17.38 -23.00
CA ALA B 107 -2.07 -18.68 -22.40
C ALA B 107 -3.40 -19.29 -21.95
N GLN B 108 -3.43 -20.63 -21.85
CA GLN B 108 -4.68 -21.31 -21.54
C GLN B 108 -5.05 -21.17 -20.07
N ALA B 109 -4.07 -21.20 -19.18
CA ALA B 109 -4.30 -21.14 -17.75
C ALA B 109 -4.30 -19.72 -17.21
N ALA B 110 -4.26 -18.71 -18.10
CA ALA B 110 -4.30 -17.32 -17.66
C ALA B 110 -5.68 -16.88 -17.23
N GLY B 111 -6.71 -17.70 -17.41
CA GLY B 111 -8.05 -17.42 -16.95
C GLY B 111 -8.40 -17.98 -15.59
N ALA B 112 -7.46 -18.68 -14.94
CA ALA B 112 -7.77 -19.36 -13.68
C ALA B 112 -8.21 -18.38 -12.59
N GLU B 113 -7.71 -17.14 -12.62
CA GLU B 113 -8.08 -16.13 -11.63
C GLU B 113 -8.96 -15.03 -12.21
N THR B 114 -9.52 -15.23 -13.41
CA THR B 114 -10.40 -14.24 -14.00
C THR B 114 -11.70 -14.13 -13.20
N LEU B 115 -12.04 -12.91 -12.78
CA LEU B 115 -13.28 -12.68 -12.06
C LEU B 115 -14.49 -13.16 -12.87
N PRO B 116 -15.26 -14.14 -12.38
CA PRO B 116 -16.44 -14.58 -13.13
C PRO B 116 -17.44 -13.44 -13.30
N ALA B 117 -18.11 -13.43 -14.45
CA ALA B 117 -19.08 -12.37 -14.71
C ALA B 117 -20.27 -12.50 -13.78
N GLU B 118 -20.92 -11.37 -13.53
CA GLU B 118 -22.18 -11.38 -12.81
C GLU B 118 -23.24 -12.10 -13.63
N TYR B 119 -24.10 -12.85 -12.95
CA TYR B 119 -25.25 -13.49 -13.56
C TYR B 119 -26.37 -12.47 -13.75
N ALA B 120 -27.40 -12.85 -14.51
CA ALA B 120 -28.50 -11.94 -14.75
C ALA B 120 -29.12 -11.51 -13.43
N GLY B 121 -29.31 -10.20 -13.29
CA GLY B 121 -29.80 -9.62 -12.05
C GLY B 121 -28.72 -8.99 -11.19
N GLY B 122 -27.46 -9.37 -11.39
CA GLY B 122 -26.37 -8.77 -10.63
C GLY B 122 -26.29 -9.15 -9.17
N GLN B 123 -27.14 -10.05 -8.69
CA GLN B 123 -27.11 -10.45 -7.30
C GLN B 123 -26.10 -11.55 -7.03
N VAL B 124 -25.93 -12.47 -7.97
CA VAL B 124 -24.96 -13.55 -7.89
C VAL B 124 -24.14 -13.56 -9.17
N ALA B 125 -23.00 -14.26 -9.11
CA ALA B 125 -22.07 -14.41 -10.23
C ALA B 125 -22.24 -15.76 -10.93
N ARG B 126 -21.68 -15.83 -12.14
CA ARG B 126 -21.73 -17.01 -13.00
C ARG B 126 -20.77 -18.12 -12.60
N GLY B 127 -19.86 -17.86 -11.67
CA GLY B 127 -18.83 -18.84 -11.38
C GLY B 127 -18.11 -18.49 -10.09
N ALA B 128 -17.30 -19.44 -9.63
CA ALA B 128 -16.66 -19.33 -8.32
C ALA B 128 -15.42 -20.22 -8.31
N ARG B 129 -14.63 -20.10 -7.24
CA ARG B 129 -13.39 -20.82 -7.13
C ARG B 129 -13.62 -22.27 -6.71
N LEU B 130 -12.93 -23.18 -7.39
CA LEU B 130 -12.80 -24.55 -6.94
C LEU B 130 -11.40 -24.80 -6.40
N GLY B 131 -11.02 -24.07 -5.34
CA GLY B 131 -9.69 -24.24 -4.75
C GLY B 131 -8.56 -24.17 -5.77
N MET B 132 -7.70 -25.21 -5.75
CA MET B 132 -6.51 -25.26 -6.62
C MET B 132 -6.87 -25.26 -8.10
N LEU B 133 -8.10 -25.60 -8.46
CA LEU B 133 -8.47 -25.56 -9.87
C LEU B 133 -8.75 -24.15 -10.39
N GLY B 134 -8.74 -23.14 -9.53
CA GLY B 134 -9.12 -21.80 -9.96
C GLY B 134 -10.63 -21.74 -10.21
N ASN B 135 -11.04 -20.66 -10.88
CA ASN B 135 -12.45 -20.35 -11.06
C ASN B 135 -13.07 -21.23 -12.13
N ALA B 136 -14.31 -21.63 -11.91
CA ALA B 136 -15.05 -22.41 -12.88
C ALA B 136 -16.47 -21.85 -12.99
N ASP B 137 -16.99 -21.81 -14.21
CA ASP B 137 -18.39 -21.44 -14.39
C ASP B 137 -19.28 -22.40 -13.61
N VAL B 138 -20.40 -21.88 -13.10
CA VAL B 138 -21.41 -22.71 -12.42
C VAL B 138 -21.77 -23.93 -13.26
N MET B 139 -21.92 -23.76 -14.57
CA MET B 139 -22.34 -24.88 -15.41
C MET B 139 -21.20 -25.84 -15.74
N ASP B 140 -19.96 -25.51 -15.38
CA ASP B 140 -18.83 -26.42 -15.48
C ASP B 140 -18.35 -26.91 -14.12
N ALA B 141 -19.11 -26.68 -13.05
CA ALA B 141 -18.66 -27.02 -11.71
C ALA B 141 -19.43 -28.21 -11.18
N PRO B 142 -18.77 -29.37 -10.98
CA PRO B 142 -19.46 -30.56 -10.43
C PRO B 142 -19.61 -30.46 -8.92
N PHE B 143 -20.02 -29.28 -8.47
CA PHE B 143 -20.20 -28.93 -7.07
C PHE B 143 -21.30 -27.88 -7.01
N SER B 144 -21.93 -27.76 -5.85
CA SER B 144 -22.90 -26.69 -5.62
C SER B 144 -22.13 -25.46 -5.14
N ILE B 145 -22.03 -24.45 -6.01
CA ILE B 145 -21.37 -23.18 -5.70
C ILE B 145 -22.35 -22.05 -5.91
N THR B 146 -22.32 -21.09 -5.01
CA THR B 146 -23.04 -19.82 -5.10
C THR B 146 -22.05 -18.71 -4.83
N SER B 147 -22.12 -17.64 -5.61
CA SER B 147 -21.22 -16.51 -5.43
C SER B 147 -22.05 -15.24 -5.32
N TYR B 148 -22.02 -14.61 -4.16
CA TYR B 148 -22.77 -13.37 -3.96
C TYR B 148 -21.89 -12.17 -4.29
N THR B 149 -22.50 -11.15 -4.90
CA THR B 149 -21.75 -10.02 -5.43
C THR B 149 -21.71 -8.85 -4.48
N ALA B 150 -20.78 -7.92 -4.76
CA ALA B 150 -20.73 -6.64 -4.05
C ALA B 150 -22.05 -5.90 -4.16
N ARG B 151 -22.70 -5.98 -5.33
CA ARG B 151 -24.01 -5.36 -5.51
C ARG B 151 -24.98 -5.79 -4.42
N THR B 152 -25.06 -7.10 -4.19
CA THR B 152 -25.94 -7.61 -3.14
C THR B 152 -25.51 -7.10 -1.76
N ILE B 153 -24.20 -7.16 -1.49
CA ILE B 153 -23.68 -6.71 -0.20
C ILE B 153 -24.07 -5.26 0.04
N GLU B 154 -23.84 -4.39 -0.95
CA GLU B 154 -24.18 -2.98 -0.83
C GLU B 154 -25.69 -2.77 -0.74
N GLN B 155 -26.47 -3.53 -1.51
CA GLN B 155 -27.93 -3.36 -1.52
C GLN B 155 -28.54 -3.71 -0.17
N GLN B 156 -28.04 -4.75 0.49
CA GLN B 156 -28.58 -5.21 1.77
C GLN B 156 -27.85 -4.59 2.97
N GLN B 157 -26.84 -3.76 2.73
CA GLN B 157 -26.01 -3.19 3.80
C GLN B 157 -25.49 -4.30 4.72
N ALA B 158 -25.07 -5.42 4.10
CA ALA B 158 -24.45 -6.51 4.84
C ALA B 158 -23.04 -6.12 5.26
N ARG B 159 -22.74 -6.24 6.54
CA ARG B 159 -21.43 -5.83 7.04
C ARG B 159 -20.46 -6.99 7.23
N SER B 160 -20.95 -8.20 7.51
CA SER B 160 -20.12 -9.38 7.74
C SER B 160 -20.59 -10.54 6.86
N VAL B 161 -19.72 -11.56 6.71
CA VAL B 161 -20.10 -12.79 6.02
C VAL B 161 -21.41 -13.32 6.59
N ALA B 162 -21.56 -13.26 7.91
CA ALA B 162 -22.78 -13.76 8.56
C ALA B 162 -24.02 -12.98 8.10
N ASP B 163 -23.94 -11.64 8.10
CA ASP B 163 -25.06 -10.81 7.63
C ASP B 163 -25.54 -11.27 6.27
N LEU B 164 -24.60 -11.51 5.37
CA LEU B 164 -24.95 -11.81 3.99
C LEU B 164 -25.48 -13.22 3.85
N LEU B 165 -24.79 -14.19 4.47
CA LEU B 165 -25.08 -15.60 4.18
C LEU B 165 -26.42 -16.03 4.76
N GLN B 166 -26.71 -15.66 6.00
CA GLN B 166 -27.98 -16.02 6.62
CA GLN B 166 -27.98 -16.08 6.56
C GLN B 166 -29.16 -15.36 5.91
N ALA B 167 -28.97 -14.15 5.37
CA ALA B 167 -30.09 -13.47 4.74
C ALA B 167 -30.51 -14.13 3.44
N ASN B 168 -29.56 -14.73 2.72
CA ASN B 168 -29.78 -15.15 1.35
C ASN B 168 -29.63 -16.64 1.10
N ASP B 169 -28.78 -17.34 1.85
CA ASP B 169 -28.43 -18.68 1.42
C ASP B 169 -29.21 -19.73 2.19
N PRO B 170 -29.91 -20.64 1.50
CA PRO B 170 -30.68 -21.68 2.20
C PRO B 170 -29.83 -22.70 2.90
N SER B 171 -28.55 -22.83 2.55
CA SER B 171 -27.67 -23.81 3.16
C SER B 171 -26.86 -23.27 4.34
N VAL B 172 -26.79 -21.97 4.55
CA VAL B 172 -25.93 -21.37 5.58
C VAL B 172 -26.80 -20.82 6.70
N ARG B 173 -26.54 -21.25 7.94
CA ARG B 173 -27.12 -20.63 9.12
C ARG B 173 -26.00 -20.23 10.09
N VAL B 174 -26.25 -19.20 10.89
CA VAL B 174 -25.22 -18.59 11.71
C VAL B 174 -25.47 -18.92 13.19
N VAL B 175 -24.43 -19.36 13.88
CA VAL B 175 -24.44 -19.50 15.33
C VAL B 175 -23.58 -18.37 15.89
N GLY B 176 -24.00 -17.81 17.01
CA GLY B 176 -23.34 -16.64 17.54
C GLY B 176 -24.18 -15.42 17.20
N GLY B 177 -23.76 -14.67 16.18
CA GLY B 177 -24.48 -13.49 15.77
C GLY B 177 -23.73 -12.22 16.13
N ARG B 178 -24.24 -11.09 15.59
CA ARG B 178 -23.43 -9.89 15.56
C ARG B 178 -23.18 -9.30 16.94
N GLY B 179 -23.97 -9.67 17.95
CA GLY B 179 -23.73 -9.20 19.31
C GLY B 179 -22.65 -9.98 20.05
N ASP B 180 -22.30 -11.15 19.54
CA ASP B 180 -21.24 -12.01 20.05
C ASP B 180 -19.91 -11.60 19.43
N LEU B 181 -18.82 -12.09 20.03
CA LEU B 181 -17.51 -11.83 19.46
C LEU B 181 -17.21 -12.70 18.24
N VAL B 182 -17.98 -13.77 18.02
CA VAL B 182 -17.65 -14.75 17.00
C VAL B 182 -18.92 -15.17 16.26
N ASP B 183 -18.81 -15.30 14.94
CA ASP B 183 -19.79 -16.03 14.14
C ASP B 183 -19.21 -17.38 13.75
N SER B 184 -20.04 -18.42 13.82
CA SER B 184 -19.75 -19.69 13.17
C SER B 184 -20.94 -20.06 12.29
N TYR B 185 -20.69 -20.94 11.33
CA TYR B 185 -21.66 -21.26 10.28
C TYR B 185 -21.94 -22.75 10.30
N THR B 186 -23.17 -23.11 9.96
CA THR B 186 -23.48 -24.51 9.70
C THR B 186 -23.83 -24.63 8.23
N ILE B 187 -23.23 -25.60 7.55
CA ILE B 187 -23.44 -25.87 6.13
C ILE B 187 -23.50 -27.38 5.96
N ARG B 188 -24.54 -27.86 5.26
CA ARG B 188 -24.80 -29.29 5.04
C ARG B 188 -24.72 -30.10 6.34
N GLY B 189 -25.21 -29.54 7.42
CA GLY B 189 -25.24 -30.23 8.69
C GLY B 189 -23.94 -30.30 9.47
N PHE B 190 -22.95 -29.48 9.13
CA PHE B 190 -21.66 -29.50 9.82
C PHE B 190 -21.23 -28.08 10.16
N SER B 191 -20.51 -27.94 11.28
CA SER B 191 -20.09 -26.61 11.72
C SER B 191 -18.92 -26.14 10.88
N VAL B 192 -18.95 -24.87 10.48
CA VAL B 192 -17.85 -24.25 9.74
C VAL B 192 -17.35 -23.05 10.54
N GLN B 193 -16.07 -23.07 10.91
CA GLN B 193 -15.48 -22.00 11.71
C GLN B 193 -15.28 -20.75 10.85
N ASN B 194 -15.48 -19.58 11.45
CA ASN B 194 -15.13 -18.37 10.72
C ASN B 194 -13.65 -18.34 10.34
N ALA B 195 -12.78 -18.99 11.13
CA ALA B 195 -11.36 -19.08 10.83
C ALA B 195 -11.07 -19.93 9.59
N ASP B 196 -12.05 -20.68 9.09
CA ASP B 196 -11.84 -21.47 7.89
C ASP B 196 -12.37 -20.79 6.63
N VAL B 197 -12.71 -19.50 6.70
CA VAL B 197 -13.08 -18.75 5.50
C VAL B 197 -11.86 -18.51 4.64
N ALA B 198 -11.94 -18.84 3.36
CA ALA B 198 -10.79 -18.70 2.47
C ALA B 198 -10.73 -17.31 1.85
N PHE B 199 -9.53 -16.94 1.40
CA PHE B 199 -9.23 -15.63 0.83
C PHE B 199 -8.56 -15.91 -0.51
N ASN B 200 -9.33 -15.80 -1.60
CA ASN B 200 -8.85 -16.22 -2.91
C ASN B 200 -8.31 -17.65 -2.87
N GLY B 201 -9.00 -18.51 -2.11
CA GLY B 201 -8.65 -19.91 -2.00
C GLY B 201 -7.69 -20.24 -0.86
N LEU B 202 -7.08 -19.25 -0.24
CA LEU B 202 -6.05 -19.43 0.79
C LEU B 202 -6.62 -19.31 2.20
N TYR B 203 -6.17 -20.20 3.09
CA TYR B 203 -6.63 -20.17 4.47
C TYR B 203 -5.71 -19.29 5.32
N GLY B 204 -6.25 -18.81 6.43
CA GLY B 204 -5.46 -18.20 7.48
C GLY B 204 -5.19 -16.72 7.33
N LEU B 205 -5.89 -16.02 6.44
CA LEU B 205 -5.54 -14.63 6.11
C LEU B 205 -6.65 -13.62 6.40
N LEU B 206 -7.74 -14.02 7.03
CA LEU B 206 -8.88 -13.13 7.22
C LEU B 206 -9.18 -13.01 8.71
N PRO B 207 -9.92 -11.98 9.13
CA PRO B 207 -10.16 -11.81 10.57
C PRO B 207 -10.71 -13.09 11.19
N PHE B 208 -10.15 -13.46 12.33
CA PHE B 208 -10.30 -14.83 12.84
C PHE B 208 -11.73 -15.13 13.30
N TRP B 209 -12.38 -14.18 13.95
CA TRP B 209 -13.67 -14.45 14.56
C TRP B 209 -14.85 -14.04 13.67
N ARG B 210 -14.69 -13.01 12.85
CA ARG B 210 -15.82 -12.52 12.05
C ARG B 210 -15.24 -11.78 10.87
N VAL B 211 -15.59 -12.19 9.65
CA VAL B 211 -15.02 -11.60 8.45
C VAL B 211 -15.90 -10.43 8.01
N PRO B 212 -15.40 -9.20 8.01
CA PRO B 212 -16.15 -8.08 7.46
C PRO B 212 -16.06 -8.10 5.95
N ILE B 213 -17.08 -7.56 5.28
CA ILE B 213 -17.13 -7.74 3.83
C ILE B 213 -17.32 -6.45 3.06
N GLU B 214 -17.07 -5.31 3.69
CA GLU B 214 -17.22 -4.07 2.92
C GLU B 214 -16.07 -3.85 1.94
N PHE B 215 -15.07 -4.73 1.93
CA PHE B 215 -14.00 -4.69 0.93
C PHE B 215 -14.10 -5.83 -0.07
N ALA B 216 -15.17 -6.63 -0.02
CA ALA B 216 -15.26 -7.87 -0.78
C ALA B 216 -15.98 -7.64 -2.11
N GLU B 217 -15.39 -8.14 -3.20
CA GLU B 217 -16.11 -8.20 -4.48
C GLU B 217 -17.04 -9.41 -4.55
N ARG B 218 -16.65 -10.52 -3.94
CA ARG B 218 -17.45 -11.73 -3.96
C ARG B 218 -17.35 -12.42 -2.62
N VAL B 219 -18.46 -13.01 -2.20
CA VAL B 219 -18.50 -13.99 -1.13
C VAL B 219 -19.07 -15.26 -1.73
N GLU B 220 -18.23 -16.29 -1.86
CA GLU B 220 -18.60 -17.55 -2.50
C GLU B 220 -18.81 -18.62 -1.44
N VAL B 221 -19.76 -19.51 -1.71
CA VAL B 221 -19.98 -20.71 -0.90
C VAL B 221 -19.82 -21.93 -1.80
N LEU B 222 -18.84 -22.77 -1.48
CA LEU B 222 -18.74 -24.11 -2.03
C LEU B 222 -19.23 -25.07 -0.96
N LYS B 223 -20.33 -25.76 -1.24
CA LYS B 223 -20.98 -26.60 -0.24
C LYS B 223 -20.33 -27.99 -0.19
N GLY B 224 -20.25 -28.55 1.03
CA GLY B 224 -19.61 -29.82 1.25
C GLY B 224 -18.10 -29.72 1.40
N PRO B 225 -17.45 -30.81 1.82
CA PRO B 225 -16.00 -30.77 2.03
C PRO B 225 -15.26 -30.63 0.71
N ASN B 226 -14.00 -30.19 0.81
CA ASN B 226 -13.20 -30.02 -0.39
C ASN B 226 -11.70 -30.10 -0.11
N ALA B 227 -11.30 -31.14 0.64
CA ALA B 227 -9.90 -31.25 1.07
C ALA B 227 -8.96 -31.38 -0.12
N LEU B 228 -9.36 -32.07 -1.19
CA LEU B 228 -8.48 -32.18 -2.35
C LEU B 228 -8.23 -30.80 -2.96
N LEU B 229 -9.28 -29.96 -3.02
CA LEU B 229 -9.17 -28.68 -3.73
C LEU B 229 -8.31 -27.69 -2.95
N GLY B 230 -8.55 -27.53 -1.66
CA GLY B 230 -7.82 -26.50 -0.93
C GLY B 230 -6.94 -26.97 0.21
N GLY B 231 -6.88 -28.29 0.46
CA GLY B 231 -6.20 -28.79 1.64
C GLY B 231 -7.08 -28.77 2.86
N ILE B 232 -6.51 -29.16 4.00
CA ILE B 232 -7.26 -29.07 5.24
C ILE B 232 -7.43 -27.61 5.64
N SER B 233 -8.59 -27.28 6.21
CA SER B 233 -8.80 -25.96 6.80
C SER B 233 -8.17 -25.93 8.19
N PRO B 234 -7.64 -24.77 8.61
CA PRO B 234 -7.02 -24.72 9.96
C PRO B 234 -7.95 -25.15 11.07
N GLY B 235 -9.24 -24.81 10.99
CA GLY B 235 -10.18 -25.20 12.02
C GLY B 235 -10.77 -26.58 11.83
N GLY B 236 -10.37 -27.32 10.80
CA GLY B 236 -10.91 -28.63 10.53
C GLY B 236 -12.32 -28.68 9.98
N SER B 237 -12.88 -27.57 9.51
CA SER B 237 -14.26 -27.56 9.02
C SER B 237 -14.43 -28.42 7.77
N VAL B 238 -15.59 -29.07 7.67
CA VAL B 238 -15.90 -29.92 6.52
C VAL B 238 -17.25 -29.60 5.89
N GLY B 239 -18.04 -28.68 6.46
CA GLY B 239 -19.36 -28.42 5.93
C GLY B 239 -19.38 -27.73 4.58
N GLY B 240 -18.34 -26.98 4.27
CA GLY B 240 -18.29 -26.16 3.07
C GLY B 240 -17.22 -25.11 3.21
N THR B 241 -16.82 -24.53 2.09
CA THR B 241 -15.73 -23.56 2.08
C THR B 241 -16.26 -22.23 1.58
N ILE B 242 -16.24 -21.23 2.47
CA ILE B 242 -16.61 -19.85 2.14
C ILE B 242 -15.36 -19.15 1.63
N ASN B 243 -15.49 -18.46 0.50
CA ASN B 243 -14.32 -17.86 -0.13
C ASN B 243 -14.61 -16.39 -0.42
N LEU B 244 -13.72 -15.51 0.03
CA LEU B 244 -13.89 -14.09 -0.23
C LEU B 244 -12.95 -13.71 -1.36
N VAL B 245 -13.47 -12.93 -2.31
CA VAL B 245 -12.67 -12.39 -3.40
C VAL B 245 -12.58 -10.88 -3.16
N PRO B 246 -11.37 -10.32 -3.04
CA PRO B 246 -11.25 -8.90 -2.70
C PRO B 246 -11.53 -8.01 -3.91
N LYS B 247 -11.96 -6.79 -3.61
CA LYS B 247 -12.18 -5.78 -4.64
C LYS B 247 -10.91 -5.43 -5.39
N ARG B 248 -11.04 -5.21 -6.70
CA ARG B 248 -9.99 -4.70 -7.56
C ARG B 248 -10.49 -3.44 -8.27
N ALA B 249 -9.56 -2.59 -8.70
CA ALA B 249 -9.95 -1.37 -9.38
C ALA B 249 -10.49 -1.71 -10.77
N ASP B 250 -11.68 -1.18 -11.07
CA ASP B 250 -12.26 -1.25 -12.40
C ASP B 250 -11.64 -0.17 -13.28
N ASP B 251 -11.88 -0.29 -14.60
CA ASP B 251 -11.38 0.74 -15.51
C ASP B 251 -11.97 2.11 -15.18
N GLN B 252 -13.27 2.18 -14.98
CA GLN B 252 -13.89 3.46 -14.65
C GLN B 252 -13.48 3.91 -13.25
N PRO B 253 -12.99 5.15 -13.08
CA PRO B 253 -12.58 5.59 -11.75
C PRO B 253 -13.76 5.61 -10.80
N LEU B 254 -13.52 5.11 -9.59
CA LEU B 254 -14.54 5.04 -8.54
C LEU B 254 -14.12 5.96 -7.41
N THR B 255 -14.99 6.92 -7.08
CA THR B 255 -14.77 7.77 -5.92
C THR B 255 -16.10 7.78 -5.19
N ARG B 256 -16.28 6.80 -4.31
CA ARG B 256 -17.54 6.54 -3.65
C ARG B 256 -17.43 6.84 -2.15
N VAL B 257 -18.36 7.63 -1.65
CA VAL B 257 -18.44 7.92 -0.22
C VAL B 257 -19.86 7.63 0.24
N SER B 258 -19.98 6.92 1.35
CA SER B 258 -21.30 6.70 1.94
C SER B 258 -21.23 6.97 3.43
N VAL B 259 -22.35 7.44 3.97
CA VAL B 259 -22.58 7.57 5.41
C VAL B 259 -23.77 6.69 5.76
N ASP B 260 -23.73 6.13 6.95
CA ASP B 260 -24.79 5.22 7.33
C ASP B 260 -25.10 5.40 8.81
N TRP B 261 -26.31 5.00 9.17
CA TRP B 261 -26.78 4.94 10.54
C TRP B 261 -27.39 3.56 10.75
N THR B 262 -27.11 2.97 11.90
CA THR B 262 -27.70 1.69 12.31
C THR B 262 -28.17 1.83 13.75
N GLN B 263 -29.42 1.43 14.00
CA GLN B 263 -29.94 1.23 15.35
C GLN B 263 -28.89 0.75 16.35
N ARG B 264 -28.80 1.33 17.55
CA ARG B 264 -29.57 2.49 17.97
C ARG B 264 -28.79 3.79 17.70
N GLY B 265 -27.46 3.71 17.70
CA GLY B 265 -26.65 4.90 17.50
C GLY B 265 -25.34 4.69 16.77
N GLN B 266 -25.27 3.72 15.88
CA GLN B 266 -24.04 3.46 15.14
C GLN B 266 -23.99 4.37 13.93
N LEU B 267 -22.98 5.25 13.89
CA LEU B 267 -22.76 6.12 12.75
C LEU B 267 -21.53 5.63 11.99
N GLY B 268 -21.64 5.57 10.66
CA GLY B 268 -20.56 5.02 9.86
C GLY B 268 -20.24 5.88 8.65
N THR B 269 -19.04 5.64 8.12
CA THR B 269 -18.55 6.27 6.91
C THR B 269 -17.73 5.24 6.16
N HIS B 270 -17.94 5.15 4.84
CA HIS B 270 -17.27 4.14 4.04
C HIS B 270 -16.76 4.81 2.77
N LEU B 271 -15.45 4.78 2.57
CA LEU B 271 -14.81 5.26 1.35
C LEU B 271 -14.39 4.07 0.52
N ASP B 272 -14.75 4.10 -0.76
CA ASP B 272 -14.33 3.10 -1.74
C ASP B 272 -13.77 3.87 -2.93
N ILE B 273 -12.45 3.83 -3.12
CA ILE B 273 -11.78 4.59 -4.14
C ILE B 273 -11.00 3.64 -5.03
N GLY B 274 -11.20 3.74 -6.33
CA GLY B 274 -10.51 2.87 -7.26
C GLY B 274 -10.00 3.65 -8.46
N ARG B 275 -8.81 3.28 -8.92
CA ARG B 275 -8.21 3.93 -10.08
C ARG B 275 -7.37 2.89 -10.79
N ARG B 276 -7.44 2.88 -12.10
CA ARG B 276 -6.49 2.13 -12.88
C ARG B 276 -5.56 3.10 -13.61
N PHE B 277 -4.34 2.64 -13.89
CA PHE B 277 -3.28 3.50 -14.38
C PHE B 277 -2.48 2.75 -15.43
N GLY B 278 -1.84 3.51 -16.32
CA GLY B 278 -0.86 2.94 -17.21
C GLY B 278 -1.43 2.53 -18.54
N GLU B 279 -0.54 2.07 -19.42
CA GLU B 279 -0.97 1.60 -20.71
C GLU B 279 -1.89 0.40 -20.54
N ASN B 280 -3.04 0.44 -21.22
CA ASN B 280 -4.07 -0.59 -21.14
C ASN B 280 -4.56 -0.80 -19.71
N ASN B 281 -4.39 0.19 -18.84
CA ASN B 281 -4.84 0.12 -17.44
C ASN B 281 -4.19 -1.06 -16.72
N ALA B 282 -2.86 -1.17 -16.91
CA ALA B 282 -2.12 -2.31 -16.36
C ALA B 282 -2.22 -2.35 -14.83
N PHE B 283 -2.24 -1.20 -14.18
CA PHE B 283 -2.17 -1.11 -12.72
C PHE B 283 -3.52 -0.75 -12.13
N GLY B 284 -3.86 -1.40 -11.03
CA GLY B 284 -5.06 -1.07 -10.28
C GLY B 284 -4.75 -0.80 -8.83
N VAL B 285 -5.43 0.20 -8.28
CA VAL B 285 -5.35 0.50 -6.86
C VAL B 285 -6.76 0.72 -6.36
N ARG B 286 -7.19 -0.08 -5.38
CA ARG B 286 -8.51 0.10 -4.80
C ARG B 286 -8.38 0.15 -3.28
N PHE B 287 -8.88 1.23 -2.68
CA PHE B 287 -8.81 1.43 -1.25
C PHE B 287 -10.23 1.46 -0.68
N ASN B 288 -10.43 0.77 0.43
CA ASN B 288 -11.67 0.86 1.20
C ASN B 288 -11.34 1.25 2.63
N GLY B 289 -12.03 2.27 3.14
CA GLY B 289 -11.89 2.62 4.53
C GLY B 289 -13.26 2.74 5.17
N VAL B 290 -13.45 2.11 6.33
CA VAL B 290 -14.70 2.19 7.07
C VAL B 290 -14.39 2.64 8.49
N TYR B 291 -15.22 3.53 9.02
CA TYR B 291 -15.25 3.74 10.45
C TYR B 291 -16.69 3.78 10.90
N ARG B 292 -17.05 2.90 11.84
CA ARG B 292 -18.43 2.79 12.31
C ARG B 292 -18.39 2.64 13.82
N ASN B 293 -19.15 3.48 14.53
CA ASN B 293 -19.07 3.51 15.98
C ASN B 293 -20.40 3.91 16.60
N GLY B 294 -20.77 3.23 17.68
CA GLY B 294 -21.89 3.70 18.49
C GLY B 294 -22.68 2.55 19.09
N ASP B 295 -23.81 2.90 19.69
CA ASP B 295 -24.64 1.92 20.39
C ASP B 295 -25.31 0.99 19.40
N THR B 296 -25.34 -0.30 19.74
CA THR B 296 -25.98 -1.27 18.87
C THR B 296 -27.44 -1.43 19.26
N ALA B 297 -28.13 -2.35 18.58
CA ALA B 297 -29.54 -2.58 18.88
C ALA B 297 -29.75 -3.34 20.18
N VAL B 298 -28.68 -3.85 20.79
CA VAL B 298 -28.75 -4.68 22.00
C VAL B 298 -28.52 -3.80 23.23
N ASP B 299 -29.23 -4.10 24.32
CA ASP B 299 -29.17 -3.32 25.55
C ASP B 299 -27.73 -3.16 26.03
N HIS B 300 -27.34 -1.91 26.30
CA HIS B 300 -26.05 -1.59 26.92
C HIS B 300 -24.89 -2.18 26.12
N GLN B 301 -24.95 -2.08 24.81
CA GLN B 301 -23.85 -2.53 23.96
C GLN B 301 -23.49 -1.41 23.01
N SER B 302 -22.19 -1.24 22.80
CA SER B 302 -21.69 -0.33 21.78
C SER B 302 -20.54 -1.01 21.07
N ARG B 303 -20.26 -0.55 19.86
CA ARG B 303 -19.29 -1.22 19.02
C ARG B 303 -18.53 -0.18 18.21
N GLU B 304 -17.21 -0.33 18.17
CA GLU B 304 -16.36 0.53 17.36
C GLU B 304 -15.65 -0.34 16.32
N PHE B 305 -15.66 0.09 15.07
CA PHE B 305 -15.15 -0.74 13.97
C PHE B 305 -14.42 0.12 12.96
N PRO B 306 -13.08 0.14 13.01
CA PRO B 306 -12.30 0.70 11.90
C PRO B 306 -11.84 -0.42 10.98
N MET B 307 -11.77 -0.14 9.68
CA MET B 307 -11.32 -1.11 8.71
C MET B 307 -10.63 -0.36 7.57
N LEU B 308 -9.54 -0.92 7.10
CA LEU B 308 -8.76 -0.37 6.01
C LEU B 308 -8.37 -1.53 5.11
N SER B 309 -8.49 -1.35 3.79
CA SER B 309 -8.05 -2.39 2.87
C SER B 309 -7.46 -1.76 1.61
N LEU B 310 -6.52 -2.47 1.03
CA LEU B 310 -5.89 -2.05 -0.22
C LEU B 310 -5.86 -3.26 -1.13
N GLY B 311 -6.38 -3.10 -2.33
CA GLY B 311 -6.23 -4.13 -3.35
C GLY B 311 -5.45 -3.57 -4.51
N LEU B 312 -4.26 -4.11 -4.76
CA LEU B 312 -3.35 -3.59 -5.76
C LEU B 312 -3.08 -4.69 -6.76
N ASP B 313 -2.99 -4.35 -8.04
CA ASP B 313 -2.78 -5.40 -9.02
C ASP B 313 -2.06 -4.84 -10.22
N PHE B 314 -1.33 -5.73 -10.89
CA PHE B 314 -0.70 -5.45 -12.16
C PHE B 314 -1.23 -6.46 -13.15
N ARG B 315 -1.59 -5.99 -14.33
CA ARG B 315 -2.25 -6.76 -15.38
C ARG B 315 -1.35 -6.71 -16.60
N GLY B 316 -0.46 -7.68 -16.73
CA GLY B 316 0.53 -7.69 -17.80
C GLY B 316 0.24 -8.75 -18.86
N GLU B 317 1.18 -8.86 -19.79
CA GLU B 317 0.98 -9.73 -20.94
C GLU B 317 1.01 -11.20 -20.53
N ARG B 318 2.10 -11.62 -19.90
CA ARG B 318 2.22 -12.98 -19.38
C ARG B 318 2.40 -12.98 -17.87
N LEU B 319 2.24 -11.83 -17.22
CA LEU B 319 2.53 -11.64 -15.81
C LEU B 319 1.35 -10.93 -15.14
N ARG B 320 0.81 -11.54 -14.09
CA ARG B 320 -0.24 -10.92 -13.30
C ARG B 320 0.19 -10.92 -11.84
N LEU B 321 0.08 -9.77 -11.18
CA LEU B 321 0.48 -9.64 -9.78
C LEU B 321 -0.62 -8.95 -8.99
N SER B 322 -0.75 -9.31 -7.71
CA SER B 322 -1.68 -8.62 -6.85
C SER B 322 -1.13 -8.59 -5.42
N SER B 323 -1.61 -7.61 -4.66
CA SER B 323 -1.29 -7.47 -3.25
C SER B 323 -2.55 -7.06 -2.53
N ASP B 324 -2.92 -7.81 -1.50
CA ASP B 324 -4.10 -7.50 -0.69
C ASP B 324 -3.65 -7.22 0.73
N LEU B 325 -4.06 -6.06 1.26
CA LEU B 325 -3.76 -5.66 2.62
C LEU B 325 -5.07 -5.32 3.32
N LEU B 326 -5.17 -5.75 4.57
CA LEU B 326 -6.37 -5.55 5.35
C LEU B 326 -6.00 -5.23 6.79
N TYR B 327 -6.63 -4.20 7.36
CA TYR B 327 -6.62 -3.95 8.78
C TYR B 327 -8.05 -3.81 9.27
N GLN B 328 -8.35 -4.43 10.40
CA GLN B 328 -9.65 -4.23 10.99
C GLN B 328 -9.56 -4.42 12.49
N LYS B 329 -10.48 -3.80 13.21
CA LYS B 329 -10.61 -4.04 14.64
C LYS B 329 -12.09 -3.97 15.01
N GLU B 330 -12.51 -4.90 15.85
CA GLU B 330 -13.85 -4.85 16.43
C GLU B 330 -13.71 -4.70 17.93
N SER B 331 -14.19 -3.57 18.46
CA SER B 331 -14.27 -3.39 19.91
C SER B 331 -15.72 -3.36 20.34
N LEU B 332 -16.07 -4.27 21.23
CA LEU B 332 -17.39 -4.36 21.82
C LEU B 332 -17.30 -3.95 23.28
N GLU B 333 -18.23 -3.08 23.71
CA GLU B 333 -18.56 -2.91 25.12
C GLU B 333 -19.85 -3.67 25.35
N GLY B 334 -19.75 -4.82 26.02
CA GLY B 334 -20.88 -5.72 26.10
C GLY B 334 -20.79 -6.80 25.06
N VAL B 335 -20.69 -8.06 25.49
CA VAL B 335 -20.48 -9.20 24.60
C VAL B 335 -21.58 -10.21 24.86
N VAL B 336 -22.42 -10.44 23.85
CA VAL B 336 -23.43 -11.49 23.91
C VAL B 336 -22.75 -12.83 23.75
N ARG B 337 -23.19 -13.83 24.52
CA ARG B 337 -22.51 -15.11 24.55
C ARG B 337 -23.56 -16.21 24.56
N PRO B 338 -23.17 -17.45 24.17
CA PRO B 338 -24.10 -18.59 24.17
C PRO B 338 -24.83 -18.85 25.49
N LEU B 339 -25.94 -19.59 25.40
CA LEU B 339 -26.70 -20.11 26.53
C LEU B 339 -26.51 -21.62 26.54
N LEU B 340 -25.85 -22.14 27.58
CA LEU B 340 -25.53 -23.56 27.65
C LEU B 340 -26.62 -24.29 28.40
N THR B 341 -26.88 -25.53 27.99
CA THR B 341 -27.78 -26.38 28.76
C THR B 341 -27.03 -26.96 29.95
N GLY B 342 -27.78 -27.22 31.03
CA GLY B 342 -27.21 -27.81 32.23
C GLY B 342 -27.60 -29.27 32.39
N PRO B 343 -26.98 -29.95 33.36
CA PRO B 343 -27.31 -31.37 33.59
C PRO B 343 -28.78 -31.62 33.85
N GLY B 344 -29.48 -30.69 34.50
CA GLY B 344 -30.89 -30.89 34.79
C GLY B 344 -31.83 -30.02 33.98
N THR B 345 -31.46 -29.71 32.74
CA THR B 345 -32.33 -28.97 31.84
C THR B 345 -33.28 -29.95 31.15
N THR B 346 -34.58 -29.78 31.39
CA THR B 346 -35.58 -30.65 30.80
C THR B 346 -36.34 -30.00 29.65
N HIS B 347 -36.13 -28.72 29.40
CA HIS B 347 -36.79 -28.05 28.28
C HIS B 347 -36.09 -26.72 28.05
N ILE B 348 -36.16 -26.24 26.81
CA ILE B 348 -35.57 -24.98 26.41
C ILE B 348 -36.57 -23.86 26.71
N PRO B 349 -36.25 -22.94 27.60
CA PRO B 349 -37.17 -21.82 27.86
C PRO B 349 -37.38 -20.98 26.61
N HIS B 350 -38.46 -20.22 26.61
CA HIS B 350 -38.75 -19.35 25.48
C HIS B 350 -37.68 -18.28 25.34
N ALA B 351 -37.34 -17.95 24.10
CA ALA B 351 -36.34 -16.93 23.85
C ALA B 351 -36.78 -15.60 24.45
N PRO B 352 -35.90 -14.91 25.17
CA PRO B 352 -36.24 -13.56 25.65
C PRO B 352 -36.29 -12.56 24.51
N ASP B 353 -36.75 -11.36 24.85
CA ASP B 353 -36.60 -10.18 24.02
C ASP B 353 -35.16 -10.08 23.50
N SER B 354 -34.99 -10.02 22.19
CA SER B 354 -33.64 -10.03 21.63
C SER B 354 -32.84 -8.77 21.99
N LYS B 355 -33.49 -7.73 22.47
CA LYS B 355 -32.78 -6.55 22.95
C LYS B 355 -32.21 -6.77 24.33
N THR B 356 -32.72 -7.75 25.06
CA THR B 356 -32.20 -8.05 26.38
C THR B 356 -30.81 -8.66 26.27
N ARG B 357 -29.93 -8.28 27.19
CA ARG B 357 -28.57 -8.84 27.23
C ARG B 357 -28.39 -9.48 28.60
N PHE B 358 -28.42 -10.82 28.64
CA PHE B 358 -28.43 -11.55 29.90
C PHE B 358 -27.06 -12.10 30.30
N GLY B 359 -26.01 -11.78 29.57
CA GLY B 359 -24.66 -12.19 29.90
C GLY B 359 -24.01 -11.23 30.86
N LEU B 360 -22.69 -11.09 30.76
CA LEU B 360 -21.93 -10.23 31.66
C LEU B 360 -22.05 -8.78 31.22
N ARG B 361 -22.55 -7.93 32.12
CA ARG B 361 -22.83 -6.54 31.75
C ARG B 361 -21.57 -5.84 31.28
N ASP B 362 -20.52 -5.89 32.08
CA ASP B 362 -19.28 -5.20 31.74
C ASP B 362 -18.30 -6.11 31.04
N SER B 363 -18.81 -6.90 30.10
CA SER B 363 -17.98 -7.63 29.19
C SER B 363 -17.39 -6.67 28.17
N TYR B 364 -16.27 -7.08 27.57
CA TYR B 364 -15.70 -6.30 26.49
C TYR B 364 -14.98 -7.24 25.54
N LEU B 365 -14.78 -6.76 24.33
CA LEU B 365 -13.98 -7.46 23.35
C LEU B 365 -13.14 -6.41 22.64
N ASP B 366 -11.83 -6.69 22.49
CA ASP B 366 -10.97 -5.96 21.57
C ASP B 366 -10.33 -6.99 20.66
N GLN B 367 -10.73 -6.99 19.39
CA GLN B 367 -10.26 -7.99 18.42
C GLN B 367 -9.66 -7.25 17.25
N GLU B 368 -8.40 -7.53 16.95
CA GLU B 368 -7.69 -6.83 15.90
C GLU B 368 -7.10 -7.84 14.94
N ASP B 369 -7.29 -7.62 13.63
CA ASP B 369 -6.70 -8.51 12.65
C ASP B 369 -6.10 -7.68 11.53
N TYR B 370 -4.94 -8.10 11.06
CA TYR B 370 -4.44 -7.48 9.84
C TYR B 370 -3.63 -8.51 9.08
N SER B 371 -3.65 -8.38 7.75
CA SER B 371 -2.98 -9.36 6.92
C SER B 371 -2.50 -8.70 5.65
N MET B 372 -1.61 -9.41 4.96
CA MET B 372 -1.15 -9.02 3.64
C MET B 372 -0.88 -10.30 2.87
N VAL B 373 -1.32 -10.36 1.60
CA VAL B 373 -1.02 -11.49 0.73
C VAL B 373 -0.64 -10.99 -0.66
N ASN B 374 0.48 -11.47 -1.18
CA ASN B 374 0.91 -11.16 -2.54
C ASN B 374 0.69 -12.40 -3.38
N ARG B 375 0.11 -12.22 -4.56
CA ARG B 375 -0.22 -13.34 -5.44
C ARG B 375 0.32 -13.03 -6.84
N GLY B 376 0.72 -14.07 -7.54
CA GLY B 376 1.33 -13.87 -8.84
C GLY B 376 1.04 -15.01 -9.77
N GLU B 377 0.99 -14.68 -11.07
CA GLU B 377 0.90 -15.66 -12.13
C GLU B 377 1.90 -15.29 -13.22
N TYR B 378 2.57 -16.28 -13.78
CA TYR B 378 3.44 -16.02 -14.92
C TYR B 378 3.27 -17.14 -15.94
N ASP B 379 2.96 -16.76 -17.18
CA ASP B 379 2.72 -17.72 -18.27
C ASP B 379 4.06 -18.09 -18.87
N LEU B 380 4.57 -19.28 -18.52
CA LEU B 380 5.84 -19.76 -19.03
C LEU B 380 5.75 -20.19 -20.49
N ALA B 381 4.56 -20.53 -20.96
CA ALA B 381 4.29 -20.94 -22.34
C ALA B 381 2.77 -20.90 -22.52
N ASP B 382 2.32 -21.15 -23.75
CA ASP B 382 0.89 -21.15 -23.99
C ASP B 382 0.17 -22.25 -23.20
N ASN B 383 0.90 -23.29 -22.78
CA ASN B 383 0.32 -24.44 -22.11
C ASN B 383 0.91 -24.67 -20.72
N LEU B 384 1.49 -23.64 -20.10
CA LEU B 384 2.11 -23.79 -18.79
C LEU B 384 2.08 -22.44 -18.08
N THR B 385 1.39 -22.36 -16.95
CA THR B 385 1.35 -21.15 -16.13
C THR B 385 1.81 -21.47 -14.71
N ALA B 386 2.75 -20.67 -14.20
CA ALA B 386 3.21 -20.77 -12.81
C ALA B 386 2.46 -19.79 -11.91
N PHE B 387 2.23 -20.21 -10.67
CA PHE B 387 1.58 -19.33 -9.71
C PHE B 387 2.20 -19.50 -8.32
N ALA B 388 2.12 -18.43 -7.53
CA ALA B 388 2.52 -18.48 -6.13
C ALA B 388 1.79 -17.40 -5.35
N SER B 389 1.60 -17.66 -4.06
CA SER B 389 1.11 -16.68 -3.12
C SER B 389 1.90 -16.80 -1.84
N ILE B 390 2.19 -15.65 -1.20
CA ILE B 390 2.70 -15.62 0.16
C ILE B 390 1.91 -14.60 0.96
N GLY B 391 1.43 -14.99 2.14
CA GLY B 391 0.70 -14.06 2.98
C GLY B 391 0.97 -14.33 4.44
N GLY B 392 0.56 -13.37 5.26
CA GLY B 392 0.60 -13.51 6.70
C GLY B 392 -0.49 -12.70 7.36
N ARG B 393 -0.82 -13.12 8.58
CA ARG B 393 -1.88 -12.49 9.37
C ARG B 393 -1.39 -12.38 10.80
N GLN B 394 -1.71 -11.26 11.44
CA GLN B 394 -1.59 -11.07 12.87
C GLN B 394 -2.99 -10.89 13.44
N SER B 395 -3.27 -11.56 14.55
CA SER B 395 -4.59 -11.49 15.16
C SER B 395 -4.41 -11.36 16.67
N ASN B 396 -4.98 -10.29 17.24
CA ASN B 396 -4.81 -9.95 18.65
C ASN B 396 -6.18 -9.93 19.31
N TYR B 397 -6.35 -10.76 20.33
CA TYR B 397 -7.64 -11.08 20.94
C TYR B 397 -7.59 -10.71 22.41
N GLU B 398 -8.55 -9.91 22.88
CA GLU B 398 -8.66 -9.58 24.30
C GLU B 398 -10.12 -9.57 24.68
N THR B 399 -10.47 -10.24 25.78
CA THR B 399 -11.88 -10.23 26.17
C THR B 399 -12.01 -10.62 27.62
N ILE B 400 -13.00 -10.01 28.29
CA ILE B 400 -13.63 -10.58 29.46
C ILE B 400 -15.12 -10.68 29.13
N ALA B 401 -15.68 -11.88 29.29
CA ALA B 401 -17.10 -12.06 29.05
C ALA B 401 -17.55 -13.28 29.84
N ALA B 402 -18.84 -13.62 29.72
CA ALA B 402 -19.40 -14.78 30.42
C ALA B 402 -20.29 -15.56 29.48
N ASN B 403 -20.18 -16.89 29.55
CA ASN B 403 -21.19 -17.77 28.99
C ASN B 403 -22.29 -17.97 30.02
N SER B 404 -23.54 -17.96 29.55
CA SER B 404 -24.69 -18.23 30.41
C SER B 404 -25.02 -19.72 30.42
N ILE B 405 -25.35 -20.24 31.60
CA ILE B 405 -25.65 -21.65 31.82
C ILE B 405 -27.03 -21.74 32.45
N LEU B 406 -27.92 -22.52 31.84
CA LEU B 406 -29.26 -22.70 32.37
C LEU B 406 -29.20 -23.43 33.72
N VAL B 407 -29.87 -22.88 34.72
CA VAL B 407 -30.07 -23.55 36.01
C VAL B 407 -31.57 -23.58 36.29
N GLY B 408 -32.07 -24.75 36.69
CA GLY B 408 -33.51 -24.88 36.72
C GLY B 408 -34.09 -24.81 35.31
N ASN B 409 -35.41 -24.57 35.25
CA ASN B 409 -36.08 -24.48 33.96
C ASN B 409 -37.06 -23.31 33.91
N GLN B 410 -36.89 -22.31 34.78
CA GLN B 410 -37.77 -21.16 34.81
C GLN B 410 -37.15 -19.93 34.15
N GLY B 411 -35.98 -20.06 33.55
CA GLY B 411 -35.28 -18.92 33.00
C GLY B 411 -34.11 -18.42 33.82
N ASP B 412 -33.81 -19.04 34.96
CA ASP B 412 -32.62 -18.64 35.71
C ASP B 412 -31.38 -19.17 35.03
N ILE B 413 -30.30 -18.40 35.14
CA ILE B 413 -29.01 -18.76 34.55
C ILE B 413 -27.91 -18.45 35.56
N VAL B 414 -26.73 -19.02 35.31
CA VAL B 414 -25.50 -18.59 35.95
C VAL B 414 -24.52 -18.18 34.87
N ASN B 415 -23.92 -17.01 35.03
CA ASN B 415 -22.92 -16.52 34.09
C ASN B 415 -21.53 -16.94 34.54
N SER B 416 -20.86 -17.76 33.73
CA SER B 416 -19.50 -18.22 34.02
C SER B 416 -18.52 -17.26 33.34
N LEU B 417 -17.79 -16.48 34.13
CA LEU B 417 -16.93 -15.44 33.59
C LEU B 417 -15.57 -16.00 33.20
N ALA B 418 -14.91 -15.30 32.28
CA ALA B 418 -13.55 -15.66 31.88
C ALA B 418 -12.88 -14.44 31.25
N ARG B 419 -11.56 -14.36 31.45
CA ARG B 419 -10.71 -13.51 30.63
C ARG B 419 -9.98 -14.41 29.64
N GLN B 420 -9.86 -13.94 28.40
CA GLN B 420 -9.12 -14.70 27.39
C GLN B 420 -8.25 -13.72 26.63
N ARG B 421 -7.04 -14.14 26.27
CA ARG B 421 -6.16 -13.30 25.47
C ARG B 421 -5.53 -14.17 24.40
N GLY B 422 -5.28 -13.58 23.23
CA GLY B 422 -4.67 -14.33 22.15
C GLY B 422 -3.76 -13.49 21.29
N ASP B 423 -2.66 -14.10 20.84
CA ASP B 423 -1.67 -13.48 19.97
C ASP B 423 -1.41 -14.55 18.91
N ARG B 424 -1.97 -14.37 17.71
CA ARG B 424 -1.92 -15.40 16.68
C ARG B 424 -1.17 -14.86 15.46
N ARG B 425 -0.16 -15.60 15.02
CA ARG B 425 0.69 -15.17 13.92
C ARG B 425 0.70 -16.29 12.91
N THR B 426 0.18 -16.01 11.70
CA THR B 426 -0.04 -17.01 10.66
C THR B 426 0.75 -16.65 9.41
N TYR B 427 1.34 -17.66 8.80
CA TYR B 427 1.95 -17.57 7.47
C TYR B 427 1.17 -18.52 6.57
N SER B 428 0.91 -18.11 5.33
CA SER B 428 0.13 -18.95 4.42
C SER B 428 0.62 -18.72 3.00
N ALA B 429 0.95 -19.81 2.30
CA ALA B 429 1.58 -19.74 0.99
C ALA B 429 1.07 -20.86 0.10
N GLU B 430 1.18 -20.66 -1.21
CA GLU B 430 0.98 -21.73 -2.16
C GLU B 430 1.88 -21.46 -3.36
N VAL B 431 2.15 -22.50 -4.13
CA VAL B 431 2.92 -22.37 -5.36
C VAL B 431 2.56 -23.54 -6.26
N GLY B 432 2.68 -23.33 -7.57
CA GLY B 432 2.40 -24.44 -8.45
C GLY B 432 2.40 -24.05 -9.91
N LEU B 433 1.85 -24.96 -10.70
CA LEU B 433 1.83 -24.90 -12.14
C LEU B 433 0.48 -25.38 -12.63
N ARG B 434 0.03 -24.78 -13.73
CA ARG B 434 -1.16 -25.18 -14.46
C ARG B 434 -0.80 -25.39 -15.91
N GLY B 435 -1.16 -26.56 -16.46
CA GLY B 435 -0.79 -26.90 -17.82
C GLY B 435 -1.92 -27.55 -18.59
N ASN B 436 -1.67 -27.79 -19.87
CA ASN B 436 -2.62 -28.51 -20.70
C ASN B 436 -1.88 -29.24 -21.80
N PHE B 437 -2.44 -30.39 -22.20
CA PHE B 437 -1.96 -31.20 -23.32
C PHE B 437 -3.10 -32.12 -23.75
N ASP B 438 -2.90 -32.77 -24.90
CA ASP B 438 -3.93 -33.62 -25.50
C ASP B 438 -3.39 -35.04 -25.69
N THR B 439 -4.16 -36.02 -25.22
CA THR B 439 -3.90 -37.41 -25.56
C THR B 439 -4.98 -37.89 -26.52
N GLY B 440 -5.03 -37.30 -27.71
CA GLY B 440 -5.99 -37.66 -28.72
C GLY B 440 -7.28 -36.88 -28.60
N PRO B 441 -8.38 -37.59 -28.31
CA PRO B 441 -9.66 -36.91 -28.10
C PRO B 441 -9.80 -36.26 -26.74
N LEU B 442 -8.88 -36.54 -25.83
CA LEU B 442 -8.94 -36.01 -24.47
C LEU B 442 -8.03 -34.81 -24.34
N ARG B 443 -8.58 -33.69 -23.89
CA ARG B 443 -7.78 -32.56 -23.45
C ARG B 443 -7.55 -32.69 -21.95
N HIS B 444 -6.31 -32.49 -21.52
CA HIS B 444 -5.96 -32.46 -20.11
C HIS B 444 -5.72 -31.02 -19.70
N ASP B 445 -6.35 -30.60 -18.60
CA ASP B 445 -6.04 -29.34 -17.92
C ASP B 445 -5.69 -29.70 -16.49
N TRP B 446 -4.39 -29.68 -16.18
CA TRP B 446 -3.89 -30.22 -14.93
C TRP B 446 -3.39 -29.10 -14.03
N THR B 447 -3.45 -29.36 -12.73
CA THR B 447 -2.90 -28.45 -11.74
C THR B 447 -2.02 -29.23 -10.78
N LEU B 448 -0.81 -28.73 -10.58
CA LEU B 448 0.08 -29.20 -9.52
C LEU B 448 0.26 -28.07 -8.54
N SER B 449 -0.06 -28.32 -7.27
CA SER B 449 -0.10 -27.25 -6.28
C SER B 449 0.48 -27.74 -4.96
N ALA B 450 1.24 -26.86 -4.31
CA ALA B 450 1.71 -27.12 -2.95
C ALA B 450 1.38 -25.92 -2.07
N ASN B 451 0.95 -26.18 -0.84
CA ASN B 451 0.67 -25.09 0.08
C ASN B 451 1.29 -25.36 1.43
N ARG B 452 1.33 -24.31 2.24
CA ARG B 452 1.98 -24.36 3.55
C ARG B 452 1.32 -23.32 4.45
N LEU B 453 0.80 -23.75 5.59
CA LEU B 453 0.30 -22.83 6.61
C LEU B 453 1.13 -23.04 7.88
N HIS B 454 1.75 -21.98 8.38
CA HIS B 454 2.47 -22.06 9.63
C HIS B 454 1.95 -21.00 10.59
N GLU B 455 1.62 -21.43 11.80
CA GLU B 455 0.97 -20.56 12.76
C GLU B 455 1.58 -20.72 14.15
N ARG B 456 1.82 -19.60 14.80
CA ARG B 456 2.26 -19.57 16.20
C ARG B 456 1.16 -18.89 17.01
N LEU B 457 0.68 -19.57 18.05
CA LEU B 457 -0.43 -19.06 18.84
C LEU B 457 -0.04 -18.95 20.31
N GLY B 458 -0.27 -17.79 20.90
CA GLY B 458 -0.28 -17.68 22.33
C GLY B 458 -1.69 -17.40 22.80
N MET B 459 -2.26 -18.30 23.60
CA MET B 459 -3.65 -18.18 24.03
C MET B 459 -3.74 -18.52 25.51
N VAL B 460 -4.14 -17.56 26.32
CA VAL B 460 -4.27 -17.77 27.76
C VAL B 460 -5.70 -17.44 28.19
N TYR B 461 -6.14 -18.11 29.25
CA TYR B 461 -7.50 -17.93 29.72
C TYR B 461 -7.61 -18.31 31.18
N ALA B 462 -8.61 -17.74 31.85
CA ALA B 462 -8.91 -18.07 33.24
C ALA B 462 -10.41 -17.92 33.43
N PHE B 463 -11.07 -18.99 33.87
CA PHE B 463 -12.46 -18.94 34.28
C PHE B 463 -12.53 -18.70 35.79
N THR B 464 -13.14 -17.59 36.18
CA THR B 464 -13.35 -17.25 37.58
C THR B 464 -14.63 -16.45 37.71
N GLY B 465 -15.49 -16.87 38.63
CA GLY B 465 -16.74 -16.17 38.84
C GLY B 465 -17.92 -16.89 38.24
N MET B 466 -18.96 -17.09 39.06
CA MET B 466 -20.25 -17.64 38.65
C MET B 466 -21.31 -16.71 39.21
N GLN B 467 -21.94 -15.91 38.35
CA GLN B 467 -22.86 -14.88 38.80
C GLN B 467 -24.27 -15.21 38.34
N SER B 468 -25.21 -15.19 39.27
CA SER B 468 -26.58 -15.52 38.94
C SER B 468 -27.22 -14.43 38.08
N GLY B 469 -28.15 -14.84 37.24
CA GLY B 469 -28.87 -13.94 36.37
C GLY B 469 -30.16 -14.59 35.93
N ASN B 470 -30.79 -13.99 34.92
CA ASN B 470 -32.07 -14.48 34.42
C ASN B 470 -32.21 -14.11 32.95
N LEU B 471 -32.71 -15.08 32.14
CA LEU B 471 -32.83 -14.90 30.70
C LEU B 471 -33.57 -13.62 30.30
N TYR B 472 -34.56 -13.21 31.09
CA TYR B 472 -35.49 -12.15 30.70
C TYR B 472 -35.17 -10.80 31.34
N GLN B 473 -34.00 -10.66 31.95
CA GLN B 473 -33.54 -9.42 32.56
C GLN B 473 -32.18 -9.07 31.98
N THR B 474 -32.00 -7.84 31.51
CA THR B 474 -30.67 -7.41 31.12
C THR B 474 -29.83 -7.35 32.40
N SER B 475 -28.63 -7.89 32.34
CA SER B 475 -27.85 -8.08 33.56
C SER B 475 -27.44 -6.74 34.18
N PRO B 476 -27.43 -6.66 35.50
CA PRO B 476 -26.85 -5.49 36.17
C PRO B 476 -25.34 -5.54 36.11
N HIS B 477 -24.70 -4.39 36.39
CA HIS B 477 -23.29 -4.38 36.73
C HIS B 477 -23.01 -5.39 37.83
N THR B 478 -22.06 -6.28 37.60
CA THR B 478 -21.62 -7.31 38.53
C THR B 478 -20.11 -7.30 38.66
N PRO B 479 -19.56 -7.92 39.72
CA PRO B 479 -18.11 -7.88 39.92
C PRO B 479 -17.34 -8.45 38.74
N LEU B 480 -16.24 -7.80 38.39
CA LEU B 480 -15.26 -8.43 37.50
C LEU B 480 -14.12 -8.99 38.33
N PRO B 481 -13.91 -10.30 38.33
CA PRO B 481 -12.79 -10.88 39.10
C PRO B 481 -11.45 -10.30 38.66
N ASP B 482 -10.49 -10.39 39.57
CA ASP B 482 -9.12 -10.00 39.28
C ASP B 482 -8.51 -11.01 38.32
N PHE B 483 -8.28 -10.59 37.08
CA PHE B 483 -7.67 -11.43 36.05
C PHE B 483 -6.26 -10.93 35.71
N SER B 484 -5.59 -10.28 36.67
CA SER B 484 -4.28 -9.69 36.41
C SER B 484 -3.21 -10.74 36.17
N SER B 485 -3.44 -11.99 36.59
CA SER B 485 -2.45 -13.03 36.38
C SER B 485 -2.09 -13.20 34.90
N LEU B 486 -2.98 -12.83 33.98
CA LEU B 486 -2.74 -12.96 32.55
C LEU B 486 -2.12 -11.71 31.94
N ASP B 487 -1.82 -10.70 32.76
CA ASP B 487 -1.20 -9.50 32.24
C ASP B 487 0.17 -9.81 31.64
N GLY B 488 0.67 -8.91 30.82
CA GLY B 488 2.02 -9.04 30.31
C GLY B 488 2.08 -9.82 29.01
N SER B 489 3.28 -10.34 28.74
CA SER B 489 3.47 -11.13 27.54
C SER B 489 2.62 -12.39 27.56
N ILE B 490 2.08 -12.75 26.41
CA ILE B 490 1.31 -13.97 26.26
C ILE B 490 2.28 -15.09 25.85
N PRO B 491 2.42 -16.15 26.64
CA PRO B 491 3.33 -17.24 26.26
C PRO B 491 2.81 -17.99 25.05
N LYS B 492 3.73 -18.62 24.32
CA LYS B 492 3.34 -19.49 23.23
C LYS B 492 2.62 -20.72 23.78
N THR B 493 1.44 -21.03 23.23
CA THR B 493 0.71 -22.21 23.67
C THR B 493 0.45 -23.20 22.56
N ASN B 494 0.62 -22.82 21.30
CA ASN B 494 0.38 -23.74 20.21
C ASN B 494 1.18 -23.33 19.00
N GLU B 495 1.62 -24.33 18.23
CA GLU B 495 2.27 -24.15 16.93
C GLU B 495 1.64 -25.14 15.97
N THR B 496 1.29 -24.66 14.77
CA THR B 496 0.65 -25.49 13.75
C THR B 496 1.41 -25.38 12.43
N ASP B 497 1.62 -26.53 11.80
CA ASP B 497 2.24 -26.61 10.48
C ASP B 497 1.36 -27.49 9.61
N LEU B 498 0.75 -26.89 8.59
CA LEU B 498 -0.05 -27.62 7.61
C LEU B 498 0.63 -27.44 6.26
N GLY B 499 0.78 -28.55 5.55
CA GLY B 499 1.51 -28.53 4.30
C GLY B 499 1.05 -29.67 3.43
N GLY B 500 0.88 -29.41 2.15
CA GLY B 500 0.37 -30.44 1.26
C GLY B 500 0.83 -30.19 -0.17
N VAL B 501 0.75 -31.24 -0.96
CA VAL B 501 0.99 -31.16 -2.39
C VAL B 501 -0.11 -31.95 -3.08
N ALA B 502 -0.64 -31.40 -4.16
CA ALA B 502 -1.79 -31.96 -4.84
C ALA B 502 -1.57 -31.94 -6.34
N LEU B 503 -2.08 -32.98 -7.01
CA LEU B 503 -2.09 -33.04 -8.47
C LEU B 503 -3.51 -33.38 -8.91
N ALA B 504 -4.08 -32.53 -9.75
CA ALA B 504 -5.44 -32.73 -10.24
C ALA B 504 -5.45 -32.63 -11.75
N ASP B 505 -6.28 -33.44 -12.40
CA ASP B 505 -6.37 -33.41 -13.85
C ASP B 505 -7.83 -33.35 -14.27
N ARG B 506 -8.17 -32.37 -15.09
CA ARG B 506 -9.52 -32.25 -15.64
C ARG B 506 -9.50 -32.78 -17.07
N LEU B 507 -10.13 -33.95 -17.26
CA LEU B 507 -10.19 -34.60 -18.55
C LEU B 507 -11.43 -34.09 -19.28
N SER B 508 -11.23 -33.52 -20.46
CA SER B 508 -12.33 -32.95 -21.23
C SER B 508 -12.42 -33.67 -22.55
N PHE B 509 -13.62 -34.10 -22.92
CA PHE B 509 -13.76 -34.71 -24.24
C PHE B 509 -15.14 -34.41 -24.80
N LEU B 510 -15.31 -34.76 -26.07
CA LEU B 510 -16.56 -34.52 -26.78
C LEU B 510 -16.94 -33.04 -26.66
N GLU B 511 -15.99 -32.19 -27.06
CA GLU B 511 -16.17 -30.73 -27.08
C GLU B 511 -16.48 -30.15 -25.70
N ASP B 512 -15.83 -30.68 -24.66
CA ASP B 512 -16.06 -30.27 -23.27
C ASP B 512 -17.50 -30.52 -22.80
N ARG B 513 -18.28 -31.33 -23.53
CA ARG B 513 -19.60 -31.72 -23.02
C ARG B 513 -19.53 -32.83 -21.98
N VAL B 514 -18.38 -33.50 -21.87
CA VAL B 514 -18.13 -34.46 -20.80
C VAL B 514 -16.83 -34.04 -20.12
N GLN B 515 -16.85 -33.98 -18.80
CA GLN B 515 -15.71 -33.50 -18.03
C GLN B 515 -15.50 -34.43 -16.85
N VAL B 516 -14.31 -35.05 -16.77
CA VAL B 516 -13.94 -35.92 -15.67
C VAL B 516 -12.72 -35.33 -14.98
N THR B 517 -12.84 -35.08 -13.68
CA THR B 517 -11.74 -34.52 -12.90
C THR B 517 -11.29 -35.52 -11.85
N LEU B 518 -9.97 -35.76 -11.79
CA LEU B 518 -9.36 -36.65 -10.82
C LEU B 518 -8.27 -35.89 -10.08
N GLY B 519 -8.13 -36.17 -8.79
CA GLY B 519 -7.07 -35.52 -8.02
C GLY B 519 -6.65 -36.34 -6.82
N VAL B 520 -5.43 -36.11 -6.39
CA VAL B 520 -4.93 -36.68 -5.14
C VAL B 520 -4.07 -35.63 -4.45
N ARG B 521 -4.23 -35.52 -3.14
CA ARG B 521 -3.43 -34.61 -2.33
C ARG B 521 -2.81 -35.40 -1.19
N ARG B 522 -1.52 -35.14 -0.94
CA ARG B 522 -0.86 -35.55 0.30
C ARG B 522 -0.95 -34.40 1.28
N GLN B 523 -1.61 -34.61 2.42
CA GLN B 523 -1.75 -33.58 3.43
C GLN B 523 -0.90 -33.95 4.64
N GLN B 524 -0.02 -33.04 5.04
CA GLN B 524 0.71 -33.17 6.29
C GLN B 524 0.10 -32.24 7.34
N ILE B 525 -0.06 -32.75 8.56
CA ILE B 525 -0.67 -32.04 9.68
C ILE B 525 0.29 -32.13 10.86
N GLU B 526 0.68 -30.98 11.41
CA GLU B 526 1.58 -30.99 12.57
C GLU B 526 1.18 -29.92 13.57
N SER B 527 1.05 -30.32 14.83
CA SER B 527 0.55 -29.45 15.89
C SER B 527 1.34 -29.71 17.17
N ARG B 528 1.82 -28.65 17.82
CA ARG B 528 2.45 -28.75 19.12
C ARG B 528 1.74 -27.83 20.10
N ASN B 529 1.47 -28.34 21.29
CA ASN B 529 0.83 -27.54 22.34
C ASN B 529 1.72 -27.48 23.58
N TYR B 530 1.62 -26.34 24.30
CA TYR B 530 2.40 -26.06 25.50
C TYR B 530 1.49 -25.49 26.58
N ASP B 531 1.64 -25.97 27.81
CA ASP B 531 0.76 -25.54 28.88
C ASP B 531 0.95 -24.06 29.17
N GLN B 532 -0.18 -23.36 29.35
CA GLN B 532 -0.13 -21.90 29.47
C GLN B 532 0.54 -21.45 30.76
N THR B 533 0.50 -22.28 31.81
CA THR B 533 1.11 -21.95 33.10
C THR B 533 2.57 -22.37 33.17
N SER B 534 2.84 -23.65 32.87
CA SER B 534 4.16 -24.24 33.02
C SER B 534 5.03 -24.08 31.78
N GLY B 535 4.42 -23.99 30.59
CA GLY B 535 5.20 -23.99 29.38
C GLY B 535 5.67 -25.37 28.95
N ALA B 536 5.17 -26.42 29.60
CA ALA B 536 5.54 -27.78 29.25
C ALA B 536 4.87 -28.17 27.93
N ARG B 537 5.64 -28.83 27.07
CA ARG B 537 5.12 -29.50 25.88
C ARG B 537 4.11 -30.56 26.29
N THR B 538 2.84 -30.34 25.96
CA THR B 538 1.79 -31.27 26.38
C THR B 538 1.36 -32.24 25.29
N SER B 539 1.40 -31.82 24.01
CA SER B 539 1.06 -32.70 22.92
C SER B 539 1.85 -32.31 21.69
N HIS B 540 2.10 -33.30 20.83
CA HIS B 540 2.79 -33.09 19.56
C HIS B 540 2.16 -34.07 18.56
N ASP B 541 1.15 -33.59 17.85
CA ASP B 541 0.49 -34.38 16.82
C ASP B 541 1.25 -34.21 15.51
N LYS B 542 1.41 -35.31 14.77
CA LYS B 542 2.04 -35.21 13.47
C LYS B 542 1.51 -36.35 12.62
N ARG B 543 0.87 -36.01 11.50
CA ARG B 543 0.16 -36.98 10.70
C ARG B 543 0.35 -36.70 9.23
N HIS B 544 0.21 -37.75 8.43
CA HIS B 544 0.17 -37.66 6.98
C HIS B 544 -1.10 -38.36 6.50
N VAL B 545 -1.81 -37.74 5.56
CA VAL B 545 -3.05 -38.30 5.02
C VAL B 545 -3.05 -38.09 3.52
N TRP B 546 -3.57 -39.08 2.78
CA TRP B 546 -3.85 -38.91 1.37
C TRP B 546 -5.35 -38.68 1.19
N THR B 547 -5.71 -37.82 0.23
CA THR B 547 -7.13 -37.51 0.08
C THR B 547 -7.42 -37.24 -1.39
N PRO B 548 -8.39 -37.94 -2.00
CA PRO B 548 -8.62 -37.77 -3.43
C PRO B 548 -9.93 -37.08 -3.77
N MET B 549 -10.17 -36.88 -5.06
CA MET B 549 -11.48 -36.51 -5.57
C MET B 549 -11.71 -37.16 -6.92
N ALA B 550 -12.98 -37.29 -7.26
CA ALA B 550 -13.40 -37.74 -8.58
C ALA B 550 -14.71 -37.04 -8.90
N SER B 551 -14.82 -36.55 -10.13
CA SER B 551 -16.06 -35.93 -10.56
C SER B 551 -16.29 -36.19 -12.04
N VAL B 552 -17.56 -36.24 -12.41
CA VAL B 552 -17.98 -36.30 -13.79
C VAL B 552 -19.08 -35.27 -13.98
N LEU B 553 -18.99 -34.52 -15.06
CA LEU B 553 -20.02 -33.57 -15.46
C LEU B 553 -20.32 -33.80 -16.93
N VAL B 554 -21.60 -33.82 -17.25
CA VAL B 554 -22.10 -34.06 -18.59
C VAL B 554 -23.11 -32.98 -18.93
N LYS B 555 -23.01 -32.41 -20.14
CA LYS B 555 -23.92 -31.37 -20.61
C LYS B 555 -24.78 -31.94 -21.73
N PRO B 556 -25.89 -32.62 -21.42
CA PRO B 556 -26.76 -33.10 -22.51
C PRO B 556 -27.28 -31.96 -23.37
N LEU B 557 -27.60 -30.83 -22.76
CA LEU B 557 -27.91 -29.61 -23.50
C LEU B 557 -26.90 -28.55 -23.11
N GLN B 558 -26.79 -27.54 -23.98
CA GLN B 558 -25.88 -26.44 -23.71
C GLN B 558 -26.22 -25.74 -22.40
N ASP B 559 -27.48 -25.81 -21.96
CA ASP B 559 -27.98 -25.14 -20.78
C ASP B 559 -28.30 -26.09 -19.64
N LEU B 560 -27.85 -27.33 -19.69
CA LEU B 560 -28.21 -28.30 -18.66
C LEU B 560 -26.98 -29.12 -18.35
N SER B 561 -26.57 -29.08 -17.09
CA SER B 561 -25.39 -29.79 -16.61
C SER B 561 -25.84 -30.80 -15.56
N LEU B 562 -25.39 -32.04 -15.70
CA LEU B 562 -25.59 -33.07 -14.69
C LEU B 562 -24.23 -33.46 -14.16
N TYR B 563 -24.16 -33.75 -12.85
CA TYR B 563 -22.82 -34.00 -12.31
C TYR B 563 -22.89 -34.98 -11.14
N ALA B 564 -21.73 -35.57 -10.85
CA ALA B 564 -21.52 -36.35 -9.64
C ALA B 564 -20.11 -36.08 -9.12
N ASN B 565 -19.95 -36.00 -7.79
CA ASN B 565 -18.61 -35.89 -7.25
C ASN B 565 -18.44 -36.85 -6.08
N TYR B 566 -17.18 -37.21 -5.86
CA TYR B 566 -16.73 -37.81 -4.61
C TYR B 566 -15.55 -36.98 -4.12
N ILE B 567 -15.61 -36.54 -2.86
CA ILE B 567 -14.57 -35.70 -2.28
C ILE B 567 -14.58 -35.91 -0.77
N GLN B 568 -13.45 -35.60 -0.13
CA GLN B 568 -13.30 -35.83 1.30
C GLN B 568 -13.07 -34.52 2.06
N GLY B 569 -13.34 -34.58 3.35
CA GLY B 569 -12.95 -33.52 4.26
C GLY B 569 -12.03 -34.06 5.33
N LEU B 570 -11.25 -33.20 5.97
CA LEU B 570 -10.28 -33.62 6.96
C LEU B 570 -10.36 -32.72 8.17
N SER B 571 -10.33 -33.32 9.35
CA SER B 571 -10.23 -32.60 10.61
C SER B 571 -9.14 -33.25 11.46
N GLN B 572 -8.37 -32.42 12.14
CA GLN B 572 -7.47 -32.93 13.16
C GLN B 572 -8.26 -33.70 14.21
N GLY B 573 -7.74 -34.86 14.60
CA GLY B 573 -8.32 -35.57 15.72
C GLY B 573 -8.30 -34.71 16.98
N GLU B 574 -9.24 -34.97 17.87
CA GLU B 574 -9.31 -34.25 19.13
C GLU B 574 -8.45 -34.94 20.18
N ALA B 575 -8.13 -34.19 21.22
CA ALA B 575 -7.52 -34.76 22.40
C ALA B 575 -8.62 -35.21 23.37
N ALA B 576 -8.38 -36.35 24.01
CA ALA B 576 -9.33 -36.85 24.99
C ALA B 576 -9.41 -35.88 26.17
N PRO B 577 -10.59 -35.69 26.75
CA PRO B 577 -10.69 -34.82 27.94
C PRO B 577 -9.89 -35.41 29.08
N MET B 578 -9.52 -34.53 30.03
CA MET B 578 -8.69 -34.97 31.16
C MET B 578 -9.41 -35.97 32.06
N THR B 579 -10.73 -36.11 31.92
CA THR B 579 -11.51 -37.07 32.70
C THR B 579 -11.39 -38.50 32.17
N ALA B 580 -10.85 -38.71 30.98
CA ALA B 580 -10.87 -40.02 30.36
C ALA B 580 -9.64 -40.83 30.71
N ALA B 581 -9.66 -42.11 30.33
CA ALA B 581 -8.50 -42.98 30.52
C ALA B 581 -7.31 -42.49 29.71
N ASN B 582 -7.51 -42.19 28.44
CA ASN B 582 -6.46 -41.70 27.56
C ASN B 582 -6.38 -40.18 27.58
N ALA B 583 -6.26 -39.62 28.79
CA ALA B 583 -6.63 -38.23 29.10
C ALA B 583 -5.95 -37.18 28.22
N GLY B 584 -4.83 -37.48 27.59
CA GLY B 584 -4.24 -36.45 26.77
C GLY B 584 -4.09 -36.86 25.33
N GLN B 585 -4.49 -38.09 25.03
CA GLN B 585 -4.24 -38.68 23.72
C GLN B 585 -4.95 -37.88 22.64
N VAL B 586 -4.21 -37.51 21.59
CA VAL B 586 -4.81 -36.93 20.39
C VAL B 586 -5.11 -38.07 19.42
N LEU B 587 -6.34 -38.11 18.92
CA LEU B 587 -6.74 -39.17 18.02
C LEU B 587 -6.28 -38.85 16.60
N ALA B 588 -6.33 -39.88 15.75
CA ALA B 588 -5.99 -39.73 14.34
C ALA B 588 -7.00 -38.79 13.68
N PRO B 589 -6.64 -38.20 12.52
CA PRO B 589 -7.56 -37.28 11.86
C PRO B 589 -8.84 -37.95 11.41
N TYR B 590 -9.93 -37.17 11.40
CA TYR B 590 -11.24 -37.61 10.95
C TYR B 590 -11.36 -37.36 9.45
N LYS B 591 -11.66 -38.42 8.71
CA LYS B 591 -11.82 -38.36 7.27
C LYS B 591 -13.31 -38.34 6.96
N ALA B 592 -13.83 -37.21 6.51
CA ALA B 592 -15.21 -37.16 6.04
C ALA B 592 -15.27 -37.48 4.56
N GLU B 593 -16.36 -38.12 4.13
CA GLU B 593 -16.50 -38.57 2.75
C GLU B 593 -17.83 -38.08 2.18
N GLN B 594 -17.76 -37.38 1.06
CA GLN B 594 -18.94 -36.86 0.39
C GLN B 594 -19.16 -37.58 -0.95
N TYR B 595 -20.40 -38.00 -1.19
CA TYR B 595 -20.93 -38.26 -2.52
C TYR B 595 -22.00 -37.24 -2.82
N GLU B 596 -21.99 -36.71 -4.04
CA GLU B 596 -23.02 -35.77 -4.47
C GLU B 596 -23.46 -36.09 -5.90
N ILE B 597 -24.74 -35.86 -6.18
CA ILE B 597 -25.22 -35.81 -7.56
C ILE B 597 -26.09 -34.59 -7.70
N GLY B 598 -26.10 -34.00 -8.89
CA GLY B 598 -26.99 -32.87 -9.03
C GLY B 598 -27.20 -32.51 -10.49
N ALA B 599 -28.05 -31.51 -10.68
CA ALA B 599 -28.41 -31.04 -12.00
C ALA B 599 -28.58 -29.53 -11.96
N LYS B 600 -28.14 -28.86 -13.01
CA LYS B 600 -28.23 -27.41 -13.10
C LYS B 600 -28.80 -27.04 -14.44
N TYR B 601 -29.77 -26.14 -14.45
CA TYR B 601 -30.48 -25.79 -15.67
C TYR B 601 -30.55 -24.26 -15.80
N ASP B 602 -29.83 -23.71 -16.78
CA ASP B 602 -29.73 -22.27 -16.99
C ASP B 602 -30.65 -21.85 -18.13
N LEU B 603 -31.81 -21.28 -17.80
CA LEU B 603 -32.77 -20.88 -18.81
C LEU B 603 -32.62 -19.42 -19.23
N GLY B 604 -31.41 -18.88 -19.21
CA GLY B 604 -31.19 -17.52 -19.66
C GLY B 604 -31.26 -16.48 -18.57
N GLY B 605 -32.47 -16.20 -18.08
CA GLY B 605 -32.65 -15.18 -17.07
C GLY B 605 -32.57 -15.73 -15.66
N PHE B 606 -32.75 -17.04 -15.51
CA PHE B 606 -32.72 -17.62 -14.17
C PHE B 606 -32.27 -19.06 -14.28
N THR B 607 -31.72 -19.55 -13.17
CA THR B 607 -31.15 -20.89 -13.08
C THR B 607 -31.86 -21.63 -11.96
N THR B 608 -32.10 -22.91 -12.17
CA THR B 608 -32.58 -23.80 -11.12
C THR B 608 -31.58 -24.93 -10.94
N THR B 609 -31.35 -25.32 -9.69
CA THR B 609 -30.38 -26.37 -9.41
C THR B 609 -30.98 -27.35 -8.43
N LEU B 610 -30.48 -28.58 -8.49
CA LEU B 610 -30.88 -29.64 -7.60
C LEU B 610 -29.61 -30.39 -7.21
N ALA B 611 -29.62 -30.96 -6.01
CA ALA B 611 -28.46 -31.73 -5.57
C ALA B 611 -28.92 -32.70 -4.50
N LEU B 612 -28.33 -33.89 -4.52
CA LEU B 612 -28.47 -34.88 -3.47
C LEU B 612 -27.08 -35.18 -2.94
N PHE B 613 -26.91 -35.15 -1.63
CA PHE B 613 -25.59 -35.42 -1.07
C PHE B 613 -25.69 -36.33 0.14
N GLU B 614 -24.60 -37.05 0.38
CA GLU B 614 -24.32 -37.68 1.66
C GLU B 614 -22.92 -37.30 2.13
N ILE B 615 -22.79 -36.91 3.39
CA ILE B 615 -21.49 -36.71 3.99
C ILE B 615 -21.41 -37.55 5.26
N ARG B 616 -20.45 -38.47 5.30
CA ARG B 616 -20.21 -39.28 6.48
C ARG B 616 -18.93 -38.80 7.14
N LYS B 617 -18.94 -38.72 8.46
CA LYS B 617 -17.77 -38.20 9.18
C LYS B 617 -17.63 -38.91 10.52
N PRO B 618 -16.46 -39.47 10.83
CA PRO B 618 -16.25 -40.04 12.15
C PRO B 618 -16.49 -39.03 13.26
N ASN B 619 -16.93 -39.54 14.40
CA ASN B 619 -17.17 -38.77 15.61
C ASN B 619 -16.42 -39.43 16.76
N ALA B 620 -15.98 -38.61 17.72
CA ALA B 620 -15.35 -39.10 18.93
C ALA B 620 -16.31 -38.99 20.11
N TYR B 621 -16.17 -39.92 21.05
CA TYR B 621 -16.91 -39.87 22.31
C TYR B 621 -16.23 -40.83 23.29
N THR B 622 -16.45 -40.55 24.57
CA THR B 622 -15.94 -41.42 25.62
C THR B 622 -16.88 -42.62 25.81
N ASP B 623 -16.34 -43.83 25.73
CA ASP B 623 -17.14 -45.04 25.80
C ASP B 623 -17.35 -45.44 27.26
N ALA B 624 -17.91 -46.64 27.47
CA ALA B 624 -18.20 -47.08 28.84
C ALA B 624 -16.93 -47.32 29.63
N SER B 625 -15.86 -47.77 28.97
CA SER B 625 -14.57 -47.97 29.63
C SER B 625 -13.82 -46.65 29.78
N ASN B 626 -14.57 -45.54 29.68
CA ASN B 626 -14.01 -44.18 29.71
C ASN B 626 -12.79 -44.04 28.79
N VAL B 627 -12.84 -44.73 27.66
CA VAL B 627 -11.87 -44.56 26.58
C VAL B 627 -12.44 -43.61 25.54
N PHE B 628 -11.68 -42.59 25.20
CA PHE B 628 -12.09 -41.61 24.19
C PHE B 628 -11.62 -42.11 22.84
N ARG B 629 -12.56 -42.59 22.02
CA ARG B 629 -12.25 -43.14 20.70
C ARG B 629 -13.14 -42.48 19.67
N ALA B 630 -12.70 -42.55 18.41
CA ALA B 630 -13.43 -41.95 17.29
C ALA B 630 -14.30 -42.99 16.60
N ASP B 631 -15.04 -43.79 17.38
CA ASP B 631 -15.87 -44.85 16.84
C ASP B 631 -17.23 -44.36 16.36
N GLY B 632 -17.59 -43.11 16.62
CA GLY B 632 -18.87 -42.61 16.20
C GLY B 632 -18.90 -42.21 14.74
N GLU B 633 -20.10 -42.11 14.18
CA GLU B 633 -20.24 -41.62 12.82
C GLU B 633 -21.48 -40.76 12.71
N GLN B 634 -21.33 -39.61 12.05
CA GLN B 634 -22.44 -38.77 11.62
C GLN B 634 -22.67 -39.02 10.14
N ARG B 635 -23.93 -39.21 9.76
CA ARG B 635 -24.29 -39.45 8.37
C ARG B 635 -25.37 -38.46 8.01
N ASN B 636 -25.01 -37.46 7.18
CA ASN B 636 -25.93 -36.40 6.77
C ASN B 636 -26.31 -36.65 5.32
N ARG B 637 -27.59 -36.86 5.07
CA ARG B 637 -28.08 -37.03 3.72
C ARG B 637 -29.09 -35.93 3.44
N GLY B 638 -28.90 -35.22 2.33
CA GLY B 638 -29.82 -34.13 2.08
C GLY B 638 -30.06 -33.87 0.62
N VAL B 639 -31.03 -32.99 0.38
CA VAL B 639 -31.37 -32.52 -0.95
C VAL B 639 -31.51 -31.01 -0.89
N GLU B 640 -31.00 -30.34 -1.90
CA GLU B 640 -31.01 -28.88 -1.99
C GLU B 640 -31.65 -28.48 -3.31
N LEU B 641 -32.52 -27.46 -3.26
CA LEU B 641 -33.10 -26.86 -4.46
C LEU B 641 -32.85 -25.36 -4.45
N SER B 642 -32.50 -24.81 -5.61
CA SER B 642 -32.25 -23.38 -5.75
C SER B 642 -32.89 -22.87 -7.04
N LEU B 643 -33.34 -21.62 -7.00
CA LEU B 643 -33.66 -20.85 -8.19
C LEU B 643 -33.13 -19.45 -7.95
N TYR B 644 -32.42 -18.89 -8.93
CA TYR B 644 -31.92 -17.53 -8.77
C TYR B 644 -31.84 -16.85 -10.13
N GLY B 645 -31.87 -15.53 -10.09
CA GLY B 645 -31.71 -14.74 -11.30
C GLY B 645 -32.72 -13.62 -11.41
N GLU B 646 -33.13 -13.31 -12.64
CA GLU B 646 -34.13 -12.27 -12.91
C GLU B 646 -35.18 -12.85 -13.86
N PRO B 647 -36.18 -13.55 -13.33
CA PRO B 647 -37.10 -14.29 -14.20
C PRO B 647 -38.13 -13.42 -14.91
N LEU B 648 -38.44 -12.27 -14.34
CA LEU B 648 -39.19 -11.22 -15.01
C LEU B 648 -38.35 -9.95 -15.00
N ASP B 649 -38.55 -9.10 -16.00
CA ASP B 649 -37.75 -7.88 -16.09
C ASP B 649 -37.94 -7.02 -14.83
N GLY B 650 -36.82 -6.72 -14.17
CA GLY B 650 -36.82 -5.93 -12.96
C GLY B 650 -37.22 -6.67 -11.70
N VAL B 651 -37.40 -7.99 -11.75
CA VAL B 651 -37.78 -8.79 -10.60
C VAL B 651 -36.69 -9.84 -10.40
N ARG B 652 -35.79 -9.60 -9.46
CA ARG B 652 -34.73 -10.53 -9.15
C ARG B 652 -35.16 -11.42 -7.98
N VAL B 653 -34.88 -12.71 -8.10
CA VAL B 653 -35.37 -13.71 -7.16
C VAL B 653 -34.21 -14.62 -6.77
N MET B 654 -34.07 -14.87 -5.48
CA MET B 654 -33.16 -15.90 -4.95
C MET B 654 -33.99 -16.72 -3.97
N ALA B 655 -34.23 -17.98 -4.30
CA ALA B 655 -35.04 -18.86 -3.47
C ALA B 655 -34.33 -20.19 -3.34
N GLY B 656 -34.47 -20.81 -2.18
CA GLY B 656 -33.81 -22.09 -1.99
C GLY B 656 -34.39 -22.82 -0.80
N ALA B 657 -34.19 -24.13 -0.81
CA ALA B 657 -34.68 -24.95 0.27
C ALA B 657 -33.77 -26.16 0.37
N THR B 658 -33.57 -26.62 1.61
CA THR B 658 -32.76 -27.80 1.85
C THR B 658 -33.48 -28.69 2.85
N TYR B 659 -33.40 -29.99 2.61
CA TYR B 659 -33.88 -31.00 3.54
C TYR B 659 -32.69 -31.85 3.88
N ILE B 660 -32.51 -32.16 5.16
CA ILE B 660 -31.38 -32.97 5.58
C ILE B 660 -31.86 -33.93 6.66
N LYS B 661 -31.43 -35.19 6.53
CA LYS B 661 -31.53 -36.15 7.63
C LYS B 661 -30.15 -36.24 8.27
N PRO B 662 -29.92 -35.59 9.41
CA PRO B 662 -28.57 -35.57 10.00
C PRO B 662 -28.41 -36.63 11.08
N GLU B 663 -27.89 -37.78 10.71
CA GLU B 663 -27.99 -38.98 11.53
C GLU B 663 -26.78 -39.14 12.44
N GLN B 664 -27.02 -39.36 13.73
CA GLN B 664 -25.99 -39.88 14.61
C GLN B 664 -26.06 -41.40 14.52
N ASN B 665 -25.56 -41.94 13.39
CA ASN B 665 -25.85 -43.32 13.02
C ASN B 665 -24.94 -44.33 13.71
N LYS B 666 -23.92 -43.89 14.44
CA LYS B 666 -23.21 -44.77 15.36
C LYS B 666 -22.75 -43.95 16.55
N THR B 667 -23.24 -44.32 17.73
CA THR B 667 -22.88 -43.69 18.99
C THR B 667 -22.57 -44.80 19.98
N GLY B 668 -22.38 -44.45 21.25
CA GLY B 668 -22.33 -45.49 22.27
C GLY B 668 -23.69 -45.66 22.92
N ASP B 669 -24.30 -44.54 23.29
CA ASP B 669 -25.56 -44.54 24.02
C ASP B 669 -26.69 -45.00 23.10
N PRO B 670 -27.53 -45.95 23.52
CA PRO B 670 -28.78 -46.19 22.79
C PRO B 670 -29.78 -45.04 22.89
N ALA B 671 -29.60 -44.12 23.84
CA ALA B 671 -30.48 -42.95 23.92
C ALA B 671 -30.20 -41.95 22.81
N SER B 672 -29.09 -42.09 22.09
CA SER B 672 -28.73 -41.19 21.01
C SER B 672 -28.60 -41.87 19.65
N GLU B 673 -28.43 -43.19 19.61
CA GLU B 673 -28.17 -43.88 18.36
C GLU B 673 -29.33 -43.65 17.38
N GLY B 674 -28.98 -43.25 16.16
CA GLY B 674 -29.98 -42.97 15.14
C GLY B 674 -30.72 -41.65 15.30
N LYS B 675 -30.42 -40.87 16.34
CA LYS B 675 -31.10 -39.58 16.48
C LYS B 675 -30.45 -38.54 15.57
N ASP B 676 -30.97 -37.32 15.63
CA ASP B 676 -30.47 -36.22 14.82
C ASP B 676 -29.30 -35.55 15.51
N ALA B 677 -28.29 -35.18 14.74
CA ALA B 677 -27.19 -34.40 15.30
C ALA B 677 -27.74 -33.09 15.85
N PRO B 678 -27.30 -32.65 17.04
CA PRO B 678 -27.81 -31.39 17.59
C PRO B 678 -27.45 -30.21 16.69
N GLY B 679 -28.29 -29.18 16.75
CA GLY B 679 -28.03 -27.97 15.98
C GLY B 679 -28.13 -28.07 14.48
N VAL B 680 -28.87 -29.05 13.96
CA VAL B 680 -29.02 -29.25 12.52
C VAL B 680 -30.51 -29.39 12.26
N ALA B 681 -31.16 -28.29 11.85
CA ALA B 681 -32.56 -28.37 11.44
C ALA B 681 -32.69 -29.28 10.22
N ARG B 682 -33.80 -30.03 10.17
CA ARG B 682 -34.03 -30.88 9.01
C ARG B 682 -34.48 -30.06 7.81
N ARG B 683 -35.12 -28.92 8.03
CA ARG B 683 -35.63 -28.09 6.95
C ARG B 683 -35.19 -26.65 7.12
N GLN B 684 -34.74 -26.05 6.02
CA GLN B 684 -34.40 -24.64 5.96
C GLN B 684 -34.77 -24.14 4.58
N ALA B 685 -35.16 -22.86 4.51
CA ALA B 685 -35.53 -22.24 3.25
C ALA B 685 -35.29 -20.74 3.32
N ASN B 686 -35.02 -20.15 2.15
CA ASN B 686 -34.88 -18.70 1.98
C ASN B 686 -35.61 -18.26 0.72
N LEU B 687 -36.26 -17.10 0.78
N LEU B 687 -36.25 -17.09 0.77
CA LEU B 687 -36.88 -16.48 -0.39
CA LEU B 687 -36.86 -16.49 -0.40
C LEU B 687 -36.51 -15.01 -0.39
C LEU B 687 -36.54 -15.01 -0.42
N GLY B 688 -35.81 -14.57 -1.43
CA GLY B 688 -35.51 -13.16 -1.62
C GLY B 688 -36.10 -12.62 -2.91
N VAL B 689 -36.69 -11.42 -2.82
CA VAL B 689 -37.19 -10.70 -3.99
C VAL B 689 -36.65 -9.27 -3.95
N SER B 690 -36.14 -8.80 -5.08
CA SER B 690 -35.73 -7.40 -5.22
C SER B 690 -36.39 -6.89 -6.50
N TRP B 691 -37.17 -5.84 -6.36
CA TRP B 691 -38.10 -5.43 -7.41
C TRP B 691 -37.84 -3.99 -7.80
N ASP B 692 -37.40 -3.78 -9.04
CA ASP B 692 -37.31 -2.43 -9.56
C ASP B 692 -38.72 -1.99 -9.90
N THR B 693 -39.25 -1.04 -9.15
CA THR B 693 -40.61 -0.60 -9.40
C THR B 693 -40.69 0.08 -10.76
N PRO B 694 -41.62 -0.31 -11.63
CA PRO B 694 -41.83 0.44 -12.88
C PRO B 694 -42.55 1.76 -12.68
N PHE B 695 -43.05 2.04 -11.48
CA PHE B 695 -43.89 3.21 -11.26
C PHE B 695 -43.22 4.32 -10.45
N VAL B 696 -42.01 4.11 -9.94
CA VAL B 696 -41.22 5.19 -9.33
C VAL B 696 -39.81 5.11 -9.88
N ASP B 697 -39.33 6.22 -10.46
CA ASP B 697 -38.01 6.26 -11.08
C ASP B 697 -36.92 6.03 -10.03
N GLY B 698 -36.12 4.97 -10.22
CA GLY B 698 -34.96 4.72 -9.39
C GLY B 698 -35.23 4.00 -8.09
N LEU B 699 -36.43 3.46 -7.90
CA LEU B 699 -36.82 2.85 -6.63
C LEU B 699 -36.84 1.34 -6.75
N THR B 700 -36.17 0.68 -5.81
CA THR B 700 -36.12 -0.77 -5.72
C THR B 700 -36.61 -1.17 -4.34
N LEU B 701 -37.46 -2.19 -4.29
CA LEU B 701 -38.03 -2.66 -3.03
C LEU B 701 -37.59 -4.11 -2.84
N ASP B 702 -37.15 -4.43 -1.63
CA ASP B 702 -36.60 -5.74 -1.31
C ASP B 702 -37.36 -6.36 -0.16
N SER B 703 -37.49 -7.68 -0.20
CA SER B 703 -37.97 -8.41 0.95
C SER B 703 -37.32 -9.79 0.97
N ARG B 704 -37.20 -10.36 2.15
CA ARG B 704 -36.59 -11.65 2.35
C ARG B 704 -37.34 -12.40 3.43
N TRP B 705 -37.39 -13.71 3.27
CA TRP B 705 -38.01 -14.59 4.23
C TRP B 705 -37.02 -15.71 4.50
N ILE B 706 -36.65 -15.87 5.76
CA ILE B 706 -35.70 -16.88 6.18
C ILE B 706 -36.44 -17.81 7.11
N TYR B 707 -36.29 -19.11 6.90
CA TYR B 707 -36.97 -20.09 7.70
C TYR B 707 -36.01 -21.18 8.12
N THR B 708 -36.15 -21.62 9.37
CA THR B 708 -35.34 -22.69 9.90
C THR B 708 -36.26 -23.56 10.73
N GLY B 709 -36.29 -24.84 10.45
CA GLY B 709 -37.14 -25.74 11.20
C GLY B 709 -36.61 -25.97 12.61
N SER B 710 -37.36 -26.77 13.35
CA SER B 710 -36.92 -27.12 14.69
C SER B 710 -35.62 -27.91 14.62
N ALA B 711 -34.91 -27.93 15.74
CA ALA B 711 -33.65 -28.64 15.86
C ALA B 711 -33.47 -29.00 17.33
N TYR B 712 -32.48 -29.84 17.60
CA TYR B 712 -32.23 -30.30 18.96
C TYR B 712 -30.91 -29.75 19.48
N VAL B 713 -30.84 -29.58 20.80
CA VAL B 713 -29.63 -29.12 21.46
C VAL B 713 -28.77 -30.27 21.99
N ASP B 714 -29.36 -31.46 22.15
CA ASP B 714 -28.71 -32.58 22.81
C ASP B 714 -28.72 -33.80 21.90
N SER B 715 -27.75 -34.68 22.12
CA SER B 715 -27.61 -35.90 21.34
C SER B 715 -28.81 -36.83 21.52
N ALA B 716 -29.44 -36.81 22.69
CA ALA B 716 -30.60 -37.65 22.94
C ALA B 716 -31.87 -37.09 22.33
N ASN B 717 -31.82 -35.90 21.73
CA ASN B 717 -32.97 -35.27 21.07
C ASN B 717 -34.13 -35.04 22.05
N ALA B 718 -33.82 -34.82 23.32
CA ALA B 718 -34.85 -34.51 24.31
C ALA B 718 -35.09 -33.02 24.46
N LEU B 719 -34.23 -32.17 23.91
CA LEU B 719 -34.29 -30.73 24.07
C LEU B 719 -34.43 -30.11 22.68
N ALA B 720 -35.67 -29.93 22.23
CA ALA B 720 -35.93 -29.31 20.93
C ALA B 720 -36.12 -27.81 21.09
N VAL B 721 -35.68 -27.06 20.09
CA VAL B 721 -35.99 -25.64 20.04
C VAL B 721 -36.93 -25.42 18.85
N PRO B 722 -37.82 -24.44 18.90
CA PRO B 722 -38.82 -24.31 17.84
C PRO B 722 -38.20 -23.85 16.53
N HIS B 723 -38.99 -24.01 15.48
CA HIS B 723 -38.67 -23.40 14.20
C HIS B 723 -38.71 -21.89 14.35
N TRP B 724 -38.18 -21.18 13.36
CA TRP B 724 -38.28 -19.73 13.40
C TRP B 724 -38.32 -19.16 11.99
N ASN B 725 -38.87 -17.95 11.92
CA ASN B 725 -39.00 -17.19 10.68
C ASN B 725 -38.43 -15.80 10.91
N ARG B 726 -37.73 -15.29 9.91
CA ARG B 726 -37.26 -13.91 9.93
C ARG B 726 -37.67 -13.26 8.63
N VAL B 727 -38.19 -12.04 8.72
CA VAL B 727 -38.58 -11.25 7.56
C VAL B 727 -37.68 -10.03 7.51
N ASP B 728 -37.11 -9.77 6.33
CA ASP B 728 -36.33 -8.56 6.08
C ASP B 728 -37.06 -7.71 5.04
N LEU B 729 -36.96 -6.39 5.20
CA LEU B 729 -37.50 -5.45 4.23
C LEU B 729 -36.44 -4.41 3.89
N GLY B 730 -36.31 -4.09 2.60
CA GLY B 730 -35.30 -3.15 2.17
C GLY B 730 -35.81 -2.24 1.08
N ALA B 731 -35.10 -1.13 0.91
CA ALA B 731 -35.46 -0.22 -0.18
C ALA B 731 -34.20 0.53 -0.60
N ALA B 732 -34.10 0.78 -1.89
CA ALA B 732 -33.05 1.60 -2.45
C ALA B 732 -33.68 2.65 -3.35
N TYR B 733 -33.25 3.89 -3.19
CA TYR B 733 -33.75 4.99 -4.02
C TYR B 733 -32.56 5.70 -4.67
N ALA B 734 -32.46 5.59 -5.98
CA ALA B 734 -31.36 6.16 -6.74
C ALA B 734 -31.81 7.48 -7.37
N PHE B 735 -31.06 8.55 -7.09
CA PHE B 735 -31.39 9.87 -7.61
C PHE B 735 -30.09 10.60 -7.94
N GLN B 736 -30.21 11.84 -8.41
CA GLN B 736 -29.05 12.60 -8.85
C GLN B 736 -29.04 13.99 -8.24
N VAL B 737 -27.83 14.44 -7.87
CA VAL B 737 -27.58 15.79 -7.36
C VAL B 737 -26.32 16.31 -8.03
N ALA B 738 -26.44 17.42 -8.77
CA ALA B 738 -25.33 17.98 -9.52
C ALA B 738 -24.78 16.99 -10.54
N GLY B 739 -25.68 16.22 -11.16
CA GLY B 739 -25.28 15.23 -12.13
C GLY B 739 -24.59 14.01 -11.57
N LYS B 740 -24.38 13.94 -10.24
CA LYS B 740 -23.71 12.82 -9.59
C LYS B 740 -24.73 11.83 -9.06
N PRO B 741 -24.52 10.53 -9.25
CA PRO B 741 -25.48 9.55 -8.74
C PRO B 741 -25.41 9.40 -7.22
N LEU B 742 -26.58 9.37 -6.60
CA LEU B 742 -26.72 9.09 -5.18
C LEU B 742 -27.75 8.00 -4.98
N VAL B 743 -27.51 7.13 -4.00
CA VAL B 743 -28.46 6.07 -3.65
C VAL B 743 -28.68 6.15 -2.15
N ALA B 744 -29.93 6.37 -1.75
CA ALA B 744 -30.36 6.24 -0.37
C ALA B 744 -30.92 4.85 -0.16
N ARG B 745 -30.59 4.22 0.96
CA ARG B 745 -30.97 2.84 1.20
C ARG B 745 -31.49 2.67 2.61
N ALA B 746 -32.37 1.68 2.78
CA ALA B 746 -32.85 1.28 4.10
C ALA B 746 -32.94 -0.23 4.15
N ASN B 747 -32.42 -0.82 5.21
CA ASN B 747 -32.56 -2.24 5.44
C ASN B 747 -33.17 -2.45 6.82
N LEU B 748 -34.22 -3.26 6.87
CA LEU B 748 -34.90 -3.58 8.12
C LEU B 748 -34.75 -5.09 8.32
N GLU B 749 -33.83 -5.49 9.18
CA GLU B 749 -33.63 -6.91 9.45
C GLU B 749 -34.52 -7.34 10.60
N ASN B 750 -35.10 -8.53 10.47
CA ASN B 750 -36.03 -9.05 11.46
C ASN B 750 -37.17 -8.05 11.68
N ALA B 751 -37.82 -7.71 10.56
CA ALA B 751 -38.86 -6.67 10.53
C ALA B 751 -39.98 -6.96 11.51
N LEU B 752 -40.29 -8.24 11.74
CA LEU B 752 -41.37 -8.58 12.64
C LEU B 752 -40.94 -8.62 14.10
N GLY B 753 -39.66 -8.40 14.39
CA GLY B 753 -39.21 -8.40 15.78
C GLY B 753 -39.40 -9.75 16.43
N LYS B 754 -39.06 -10.82 15.72
CA LYS B 754 -39.14 -12.16 16.26
C LYS B 754 -37.94 -12.47 17.15
N ASP B 755 -38.20 -13.16 18.25
CA ASP B 755 -37.15 -13.65 19.16
C ASP B 755 -37.05 -15.17 19.00
N TYR B 756 -35.83 -15.67 18.80
CA TYR B 756 -35.69 -17.11 18.61
C TYR B 756 -34.27 -17.55 18.97
N TRP B 757 -34.14 -18.81 19.37
CA TRP B 757 -32.85 -19.45 19.54
C TRP B 757 -32.39 -20.09 18.24
N THR B 758 -31.09 -20.04 17.99
CA THR B 758 -30.43 -20.93 17.04
C THR B 758 -29.73 -22.03 17.84
N ALA B 759 -30.12 -23.27 17.59
CA ALA B 759 -29.56 -24.41 18.31
C ALA B 759 -28.16 -24.74 17.80
N ALA B 760 -27.29 -25.09 18.74
CA ALA B 760 -25.99 -25.67 18.45
C ALA B 760 -25.84 -26.92 19.30
N ASN B 761 -24.67 -27.54 19.33
CA ASN B 761 -24.48 -28.74 20.12
C ASN B 761 -24.18 -28.37 21.55
N GLY B 762 -25.20 -28.44 22.40
CA GLY B 762 -25.03 -28.17 23.81
C GLY B 762 -25.27 -26.74 24.23
N TYR B 763 -25.53 -25.85 23.27
CA TYR B 763 -25.79 -24.46 23.61
C TYR B 763 -26.71 -23.83 22.55
N LEU B 764 -27.15 -22.61 22.86
CA LEU B 764 -28.09 -21.86 22.03
C LEU B 764 -27.58 -20.45 21.83
N SER B 765 -27.91 -19.89 20.67
CA SER B 765 -27.50 -18.55 20.27
C SER B 765 -28.75 -17.68 20.13
N ILE B 766 -28.83 -16.60 20.91
CA ILE B 766 -30.00 -15.74 20.88
C ILE B 766 -30.01 -14.91 19.60
N SER B 767 -31.22 -14.67 19.07
CA SER B 767 -31.36 -13.90 17.84
C SER B 767 -31.01 -12.43 18.10
N SER B 768 -30.59 -11.72 17.04
CA SER B 768 -30.51 -10.27 17.04
C SER B 768 -31.89 -9.62 16.88
N PRO B 769 -32.08 -8.44 17.48
CA PRO B 769 -33.37 -7.77 17.40
C PRO B 769 -33.64 -7.19 16.02
N ARG B 770 -34.87 -6.69 15.86
CA ARG B 770 -35.19 -5.83 14.72
C ARG B 770 -34.14 -4.73 14.61
N THR B 771 -33.55 -4.58 13.42
CA THR B 771 -32.43 -3.67 13.23
C THR B 771 -32.60 -2.90 11.94
N LEU B 772 -32.74 -1.59 12.04
CA LEU B 772 -32.84 -0.72 10.87
C LEU B 772 -31.48 -0.09 10.59
N SER B 773 -31.09 -0.11 9.32
CA SER B 773 -29.92 0.57 8.81
C SER B 773 -30.34 1.53 7.71
N LEU B 774 -29.75 2.72 7.69
CA LEU B 774 -30.00 3.70 6.65
C LEU B 774 -28.66 4.16 6.10
N SER B 775 -28.57 4.32 4.78
CA SER B 775 -27.32 4.84 4.25
C SER B 775 -27.57 5.71 3.03
N LEU B 776 -26.65 6.65 2.82
CA LEU B 776 -26.62 7.49 1.64
C LEU B 776 -25.24 7.33 1.01
N THR B 777 -25.22 6.97 -0.28
CA THR B 777 -24.00 6.72 -1.02
C THR B 777 -23.90 7.68 -2.19
N ALA B 778 -22.78 8.38 -2.30
CA ALA B 778 -22.58 9.32 -3.41
C ALA B 778 -21.35 8.90 -4.21
N ASP B 779 -21.47 8.97 -5.54
CA ASP B 779 -20.34 8.73 -6.43
C ASP B 779 -19.89 10.06 -7.01
N PHE B 780 -18.60 10.35 -6.91
CA PHE B 780 -18.05 11.62 -7.35
C PHE B 780 -17.18 11.51 -8.60
C1 C8E C . 7.57 36.14 13.99
C2 C8E C . 6.34 36.36 14.84
C3 C8E C . 5.27 35.33 14.52
C4 C8E C . 4.08 35.97 13.82
C5 C8E C . 3.91 35.43 12.41
C6 C8E C . 2.58 34.74 12.19
C7 C8E C . 2.01 35.09 10.82
C8 C8E C . 0.72 34.30 10.62
O9 C8E C . -0.33 35.13 10.17
C10 C8E C . -0.65 34.84 8.83
C11 C8E C . -2.03 34.17 8.77
O12 C8E C . -1.95 33.13 7.81
CAB A1H49 D . 9.69 28.07 -22.23
CAC A1H49 D . 8.85 29.10 -22.66
CAD A1H49 D . 7.66 29.34 -21.98
CAE A1H49 D . 7.35 28.56 -20.86
CAF A1H49 D . 8.21 27.55 -20.44
CAG A1H49 D . 9.41 27.31 -21.11
CAH A1H49 D . 10.19 26.31 -20.69
CAJ A1H49 D . 11.93 24.86 -20.69
CAK A1H49 D . 13.03 24.31 -21.24
CAN A1H49 D . 11.38 24.47 -19.54
NAI A1H49 D . 11.29 25.87 -21.32
OAA A1H49 D . 10.85 27.83 -22.87
OAL A1H49 D . 13.48 24.73 -22.32
OAM A1H49 D . 13.59 23.33 -20.71
SAO A1H49 D . 9.99 25.44 -19.28
CAB A1H49 E . 15.00 28.06 -22.37
CAC A1H49 E . 15.79 28.66 -21.39
CAD A1H49 E . 17.08 29.07 -21.71
CAE A1H49 E . 17.56 28.89 -23.00
CAF A1H49 E . 16.75 28.30 -23.97
CAG A1H49 E . 15.45 27.92 -23.68
CAH A1H49 E . 14.72 27.29 -24.61
CAJ A1H49 E . 13.00 26.09 -25.50
CAK A1H49 E . 11.85 25.42 -25.42
CAN A1H49 E . 13.69 26.26 -26.64
NAI A1H49 E . 13.55 26.67 -24.40
OAA A1H49 E . 13.73 27.65 -22.11
OAL A1H49 E . 11.26 25.29 -24.33
OAM A1H49 E . 11.38 24.85 -26.45
SAO A1H49 E . 15.09 27.15 -26.23
C1 C8E F . -1.91 2.35 8.34
C2 C8E F . -0.62 2.46 7.55
C3 C8E F . -0.16 1.10 7.02
C4 C8E F . 0.96 1.29 6.03
C5 C8E F . 1.17 0.06 5.16
C6 C8E F . 0.99 0.42 3.69
C7 C8E F . 1.48 -0.76 2.85
C8 C8E F . 1.54 -0.43 1.38
O9 C8E F . 2.48 -1.29 0.78
C10 C8E F . 1.88 -2.31 0.03
C11 C8E F . 2.88 -2.78 -1.01
O12 C8E F . 4.16 -2.92 -0.41
C13 C8E F . 4.93 -3.90 -1.06
C14 C8E F . 5.76 -3.21 -2.14
O15 C8E F . 5.39 -3.70 -3.42
O9 C8E G . 22.94 25.36 -17.34
C10 C8E G . 23.65 25.12 -16.13
C11 C8E G . 25.13 24.90 -16.43
O12 C8E G . 25.66 23.90 -15.59
C13 C8E G . 26.58 23.04 -16.24
C14 C8E G . 25.79 22.05 -17.09
O15 C8E G . 26.29 20.74 -16.93
C16 C8E G . 26.44 20.09 -18.17
C17 C8E G . 26.24 18.58 -18.00
O18 C8E G . 25.04 18.28 -17.35
C19 C8E G . 24.55 17.02 -17.72
C20 C8E G . 24.20 16.15 -16.51
O21 C8E G . 24.73 16.65 -15.30
C1 EDO H . 6.48 18.66 -17.41
O1 EDO H . 6.69 17.92 -18.61
C2 EDO H . 5.47 17.98 -16.51
O2 EDO H . 5.99 16.79 -15.88
C1 P2D I . 9.84 18.31 -22.41
C2 P2D I . 9.62 19.50 -21.49
C3 P2D I . 10.54 20.73 -21.57
C4 P2D I . 11.08 21.00 -22.98
C5 P2D I . 12.54 20.71 -23.33
O2 P2D I . 8.73 19.48 -20.70
O4 P2D I . 10.24 21.55 -23.96
C1 C8E J . 22.97 -13.26 -7.82
C2 C8E J . 24.12 -13.69 -6.93
C3 C8E J . 24.43 -12.61 -5.89
C4 C8E J . 25.14 -13.19 -4.67
C5 C8E J . 26.23 -12.24 -4.18
C6 C8E J . 27.47 -13.04 -3.75
C7 C8E J . 28.66 -12.16 -3.43
C8 C8E J . 29.01 -11.29 -4.64
O9 C8E J . 29.19 -12.10 -5.77
C10 C8E J . 30.56 -12.33 -6.04
C11 C8E J . 30.78 -12.40 -7.54
O12 C8E J . 29.57 -12.75 -8.19
FE FE K . 12.24 26.45 -22.96
K K L . 18.24 36.07 -3.73
K K M . 11.45 27.89 -3.68
K K N . 21.63 8.51 -11.27
K K O . 6.21 22.68 -6.42
K K P . 4.71 27.31 8.65
K K Q . 14.99 33.47 -11.79
C1 C8E R . 2.42 -11.16 10.30
C2 C8E R . 2.36 -10.41 8.98
C3 C8E R . 1.41 -9.21 9.05
C4 C8E R . 1.11 -8.75 7.65
C5 C8E R . 1.16 -7.24 7.47
C6 C8E R . -0.27 -6.76 7.29
C7 C8E R . -0.34 -5.41 6.60
C8 C8E R . -1.69 -4.77 6.86
O9 C8E R . -1.76 -3.52 6.19
C10 C8E R . -3.06 -2.99 6.23
C11 C8E R . -3.00 -1.51 5.88
O12 C8E R . -4.18 -1.11 5.23
C1 C8E S . -19.67 10.81 12.87
C2 C8E S . -20.57 11.27 11.73
C3 C8E S . -20.94 10.11 10.82
C4 C8E S . -21.81 10.58 9.67
C5 C8E S . -23.21 9.98 9.73
C6 C8E S . -24.23 11.01 9.26
C7 C8E S . -25.61 10.65 9.80
C8 C8E S . -26.02 9.27 9.31
O9 C8E S . -27.06 9.40 8.36
C10 C8E S . -26.73 8.87 7.10
C11 C8E S . -27.87 7.95 6.67
O12 C8E S . -29.02 8.64 6.23
C13 C8E S . -29.76 7.87 5.31
C14 C8E S . -31.08 8.54 4.95
O15 C8E S . -31.46 8.16 3.63
C16 C8E S . -32.23 6.97 3.56
C17 C8E S . -33.70 7.21 3.85
O18 C8E S . -34.47 6.51 2.88
C19 C8E S . -34.26 5.11 2.86
C20 C8E S . -34.93 4.50 1.65
O21 C8E S . -35.09 5.53 0.70
CAB A1H49 T . -15.61 -17.95 26.45
CAC A1H49 T . -15.80 -17.23 27.63
CAD A1H49 T . -15.53 -15.87 27.65
CAE A1H49 T . -15.11 -15.24 26.49
CAF A1H49 T . -14.93 -15.96 25.32
CAG A1H49 T . -15.23 -17.32 25.27
CAH A1H49 T . -15.00 -17.99 24.13
CAJ A1H49 T . -14.79 -19.77 22.74
CAK A1H49 T . -14.78 -21.08 22.47
CAN A1H49 T . -14.50 -18.82 21.84
NAI A1H49 T . -15.06 -19.32 23.99
OAA A1H49 T . -15.88 -19.29 26.41
OAL A1H49 T . -15.09 -21.91 23.36
OAM A1H49 T . -14.38 -21.52 21.37
SAO A1H49 T . -14.62 -17.31 22.64
CAB A1H49 U . -18.41 -22.04 24.97
CAC A1H49 U . -19.65 -21.90 24.34
CAD A1H49 U . -20.57 -22.94 24.39
CAE A1H49 U . -20.26 -24.10 25.09
CAF A1H49 U . -19.02 -24.22 25.73
CAG A1H49 U . -18.09 -23.19 25.71
CAH A1H49 U . -16.89 -23.37 26.30
CAJ A1H49 U . -14.72 -22.97 26.89
CAK A1H49 U . -13.56 -22.30 26.90
CAN A1H49 U . -14.87 -24.12 27.58
NAI A1H49 U . -15.82 -22.54 26.21
OAA A1H49 U . -17.49 -21.05 24.95
OAL A1H49 U . -12.58 -22.72 27.55
OAM A1H49 U . -13.43 -21.27 26.19
SAO A1H49 U . -16.45 -24.66 27.32
C1 EDO V . -7.11 -14.84 18.00
O1 EDO V . -6.99 -15.12 16.61
C2 EDO V . -8.22 -15.67 18.65
O2 EDO V . -7.66 -16.86 19.24
C1 EDO W . -18.87 -30.71 13.54
O1 EDO W . -17.96 -30.97 12.46
C2 EDO W . -20.27 -30.64 12.97
O2 EDO W . -21.11 -29.80 13.77
C1 P2D X . -11.48 -22.63 22.67
C2 P2D X . -10.78 -21.33 23.09
C3 P2D X . -10.72 -20.12 22.14
C4 P2D X . -9.44 -19.98 21.31
C5 P2D X . -8.53 -21.17 21.03
O2 P2D X . -10.28 -21.24 24.18
O4 P2D X . -9.10 -18.72 20.80
C1 C8E Y . 5.13 -34.15 -10.08
C2 C8E Y . 4.12 -34.57 -11.16
C3 C8E Y . 4.63 -34.24 -12.55
C4 C8E Y . 4.01 -32.94 -13.04
C5 C8E Y . 2.56 -33.20 -13.45
C6 C8E Y . 2.36 -32.97 -14.94
C7 C8E Y . 0.89 -33.16 -15.32
C8 C8E Y . 0.58 -34.57 -15.81
O9 C8E Y . -0.60 -35.00 -15.19
C10 C8E Y . -1.69 -35.21 -16.08
C11 C8E Y . -2.26 -36.55 -15.66
O12 C8E Y . -1.32 -37.08 -14.76
C13 C8E Y . -1.56 -38.43 -14.40
C14 C8E Y . -0.53 -38.81 -13.35
O15 C8E Y . 0.39 -39.74 -13.90
FE FE Z . -15.45 -20.76 25.37
K K AA . -22.41 2.80 4.07
K K BA . -32.47 -11.66 13.79
K K CA . -14.97 -8.25 12.30
K K DA . -1.13 -18.57 -6.04
K K EA . -15.94 -30.48 -14.51
K K FA . -13.74 -5.51 -10.54
K K GA . -22.47 -9.16 11.68
K K HA . -10.71 -27.26 3.46
#